data_9CTE
# 
_entry.id   9CTE 
# 
_audit_conform.dict_name       mmcif_pdbx.dic 
_audit_conform.dict_version    5.403 
_audit_conform.dict_location   http://mmcif.pdb.org/dictionaries/ascii/mmcif_pdbx.dic 
# 
loop_
_database_2.database_id 
_database_2.database_code 
_database_2.pdbx_database_accession 
_database_2.pdbx_DOI 
PDB   9CTE         pdb_00009cte 10.2210/pdb9cte/pdb 
WWPDB D_1000286290 ?            ?                   
# 
loop_
_pdbx_audit_revision_history.ordinal 
_pdbx_audit_revision_history.data_content_type 
_pdbx_audit_revision_history.major_revision 
_pdbx_audit_revision_history.minor_revision 
_pdbx_audit_revision_history.revision_date 
_pdbx_audit_revision_history.part_number 
1 'Structure model' 1 0 2025-05-07 ? 
2 'Structure model' 1 1 2025-05-21 ? 
# 
_pdbx_audit_revision_details.ordinal             1 
_pdbx_audit_revision_details.revision_ordinal    1 
_pdbx_audit_revision_details.data_content_type   'Structure model' 
_pdbx_audit_revision_details.provider            repository 
_pdbx_audit_revision_details.type                'Initial release' 
_pdbx_audit_revision_details.description         ? 
_pdbx_audit_revision_details.details             ? 
# 
_pdbx_audit_revision_group.ordinal             1 
_pdbx_audit_revision_group.revision_ordinal    2 
_pdbx_audit_revision_group.data_content_type   'Structure model' 
_pdbx_audit_revision_group.group               'Database references' 
# 
_pdbx_audit_revision_category.ordinal             1 
_pdbx_audit_revision_category.revision_ordinal    2 
_pdbx_audit_revision_category.data_content_type   'Structure model' 
_pdbx_audit_revision_category.category            citation 
# 
loop_
_pdbx_audit_revision_item.ordinal 
_pdbx_audit_revision_item.revision_ordinal 
_pdbx_audit_revision_item.data_content_type 
_pdbx_audit_revision_item.item 
1 2 'Structure model' '_citation.page_first'              
2 2 'Structure model' '_citation.page_last'               
3 2 'Structure model' '_citation.pdbx_database_id_PubMed' 
4 2 'Structure model' '_citation.title'                   
# 
_pdbx_database_status.status_code                     REL 
_pdbx_database_status.status_code_sf                  REL 
_pdbx_database_status.status_code_mr                  ? 
_pdbx_database_status.entry_id                        9CTE 
_pdbx_database_status.recvd_initial_deposition_date   2024-07-25 
_pdbx_database_status.SG_entry                        N 
_pdbx_database_status.deposit_site                    RCSB 
_pdbx_database_status.process_site                    RCSB 
_pdbx_database_status.status_code_cs                  ? 
_pdbx_database_status.status_code_nmr_data            ? 
_pdbx_database_status.methods_development_category    ? 
_pdbx_database_status.pdb_format_compatible           Y 
# 
_pdbx_contact_author.id                 2 
_pdbx_contact_author.email              bill.degrado@ucsf.edu 
_pdbx_contact_author.name_first         William 
_pdbx_contact_author.name_last          DeGrado 
_pdbx_contact_author.name_mi            ? 
_pdbx_contact_author.role               'principal investigator/group leader' 
_pdbx_contact_author.identifier_ORCID   0000-0003-4745-263X 
# 
loop_
_audit_author.name 
_audit_author.pdbx_ordinal 
_audit_author.identifier_ORCID 
'Hou, K.'       1 0000-0002-4816-7067 
'DeGrado, W.F.' 2 ?                   
# 
_citation.abstract                  ? 
_citation.abstract_id_CAS           ? 
_citation.book_id_ISBN              ? 
_citation.book_publisher            ? 
_citation.book_publisher_city       ? 
_citation.book_title                ? 
_citation.coordinate_linkage        ? 
_citation.country                   US 
_citation.database_id_Medline       ? 
_citation.details                   ? 
_citation.id                        primary 
_citation.journal_abbrev            Science 
_citation.journal_id_ASTM           SCIEAS 
_citation.journal_id_CSD            0038 
_citation.journal_id_ISSN           1095-9203 
_citation.journal_full              ? 
_citation.journal_issue             ? 
_citation.journal_volume            388 
_citation.language                  ? 
_citation.page_first                665 
_citation.page_last                 670 
_citation.title                     'De novo design of porphyrin-containing proteins as efficient and stereoselective catalysts.' 
_citation.year                      2025 
_citation.database_id_CSD           ? 
_citation.pdbx_database_id_DOI      10.1126/science.adt7268 
_citation.pdbx_database_id_PubMed   40339022 
_citation.pdbx_database_id_patent   ? 
_citation.unpublished_flag          ? 
# 
loop_
_citation_author.citation_id 
_citation_author.name 
_citation_author.ordinal 
_citation_author.identifier_ORCID 
primary 'Hou, K.'         1  ? 
primary 'Huang, W.'       2  ? 
primary 'Qi, M.'          3  ? 
primary 'Tugwell, T.H.'   4  ? 
primary 'Alturaifi, T.M.' 5  ? 
primary 'Chen, Y.'        6  ? 
primary 'Zhang, X.'       7  ? 
primary 'Lu, L.'          8  ? 
primary 'Mann, S.I.'      9  ? 
primary 'Liu, P.'         10 ? 
primary 'Yang, Y.'        11 ? 
primary 'DeGrado, W.F.'   12 ? 
# 
loop_
_entity.id 
_entity.type 
_entity.src_method 
_entity.pdbx_description 
_entity.formula_weight 
_entity.pdbx_number_of_molecules 
_entity.pdbx_ec 
_entity.pdbx_mutation 
_entity.pdbx_fragment 
_entity.details 
1 polymer     man 'De novo protein'                      15193.622 1  ? ? ? ? 
2 non-polymer syn '5,15-Diphenylporphyrin containing FE' 516.373   1  ? ? ? ? 
3 non-polymer syn 'CHLORIDE ION'                         35.453    3  ? ? ? ? 
4 water       nat water                                  18.015    17 ? ? ? ? 
# 
_entity_poly.entity_id                      1 
_entity_poly.type                           'polypeptide(L)' 
_entity_poly.nstd_linkage                   no 
_entity_poly.nstd_monomer                   no 
_entity_poly.pdbx_seq_one_letter_code       
;MGSSHHHHHHGSGENLYFQSGGTTNDEEIARKLKQTADEAIQLFQRLREIFDKGDDDSFEQVLEELEEALQKHRQLANNA
RKNGAPTTDLANLGNRFVQLFQRFREAWDKGDKDSLEQILEELEQVAQKVIS
;
_entity_poly.pdbx_seq_one_letter_code_can   
;MGSSHHHHHHGSGENLYFQSGGTTNDEEIARKLKQTADEAIQLFQRLREIFDKGDDDSFEQVLEELEEALQKHRQLANNA
RKNGAPTTDLANLGNRFVQLFQRFREAWDKGDKDSLEQILEELEQVAQKVIS
;
_entity_poly.pdbx_strand_id                 A 
_entity_poly.pdbx_target_identifier         ? 
# 
loop_
_pdbx_entity_nonpoly.entity_id 
_pdbx_entity_nonpoly.name 
_pdbx_entity_nonpoly.comp_id 
2 '5,15-Diphenylporphyrin containing FE' WUP 
3 'CHLORIDE ION'                         CL  
4 water                                  HOH 
# 
loop_
_entity_poly_seq.entity_id 
_entity_poly_seq.num 
_entity_poly_seq.mon_id 
_entity_poly_seq.hetero 
1 1   MET n 
1 2   GLY n 
1 3   SER n 
1 4   SER n 
1 5   HIS n 
1 6   HIS n 
1 7   HIS n 
1 8   HIS n 
1 9   HIS n 
1 10  HIS n 
1 11  GLY n 
1 12  SER n 
1 13  GLY n 
1 14  GLU n 
1 15  ASN n 
1 16  LEU n 
1 17  TYR n 
1 18  PHE n 
1 19  GLN n 
1 20  SER n 
1 21  GLY n 
1 22  GLY n 
1 23  THR n 
1 24  THR n 
1 25  ASN n 
1 26  ASP n 
1 27  GLU n 
1 28  GLU n 
1 29  ILE n 
1 30  ALA n 
1 31  ARG n 
1 32  LYS n 
1 33  LEU n 
1 34  LYS n 
1 35  GLN n 
1 36  THR n 
1 37  ALA n 
1 38  ASP n 
1 39  GLU n 
1 40  ALA n 
1 41  ILE n 
1 42  GLN n 
1 43  LEU n 
1 44  PHE n 
1 45  GLN n 
1 46  ARG n 
1 47  LEU n 
1 48  ARG n 
1 49  GLU n 
1 50  ILE n 
1 51  PHE n 
1 52  ASP n 
1 53  LYS n 
1 54  GLY n 
1 55  ASP n 
1 56  ASP n 
1 57  ASP n 
1 58  SER n 
1 59  PHE n 
1 60  GLU n 
1 61  GLN n 
1 62  VAL n 
1 63  LEU n 
1 64  GLU n 
1 65  GLU n 
1 66  LEU n 
1 67  GLU n 
1 68  GLU n 
1 69  ALA n 
1 70  LEU n 
1 71  GLN n 
1 72  LYS n 
1 73  HIS n 
1 74  ARG n 
1 75  GLN n 
1 76  LEU n 
1 77  ALA n 
1 78  ASN n 
1 79  ASN n 
1 80  ALA n 
1 81  ARG n 
1 82  LYS n 
1 83  ASN n 
1 84  GLY n 
1 85  ALA n 
1 86  PRO n 
1 87  THR n 
1 88  THR n 
1 89  ASP n 
1 90  LEU n 
1 91  ALA n 
1 92  ASN n 
1 93  LEU n 
1 94  GLY n 
1 95  ASN n 
1 96  ARG n 
1 97  PHE n 
1 98  VAL n 
1 99  GLN n 
1 100 LEU n 
1 101 PHE n 
1 102 GLN n 
1 103 ARG n 
1 104 PHE n 
1 105 ARG n 
1 106 GLU n 
1 107 ALA n 
1 108 TRP n 
1 109 ASP n 
1 110 LYS n 
1 111 GLY n 
1 112 ASP n 
1 113 LYS n 
1 114 ASP n 
1 115 SER n 
1 116 LEU n 
1 117 GLU n 
1 118 GLN n 
1 119 ILE n 
1 120 LEU n 
1 121 GLU n 
1 122 GLU n 
1 123 LEU n 
1 124 GLU n 
1 125 GLN n 
1 126 VAL n 
1 127 ALA n 
1 128 GLN n 
1 129 LYS n 
1 130 VAL n 
1 131 ILE n 
1 132 SER n 
# 
_entity_src_gen.entity_id                          1 
_entity_src_gen.pdbx_src_id                        1 
_entity_src_gen.pdbx_alt_source_flag               sample 
_entity_src_gen.pdbx_seq_type                      'Biological sequence' 
_entity_src_gen.pdbx_beg_seq_num                   1 
_entity_src_gen.pdbx_end_seq_num                   132 
_entity_src_gen.gene_src_common_name               ? 
_entity_src_gen.gene_src_genus                     ? 
_entity_src_gen.pdbx_gene_src_gene                 ? 
_entity_src_gen.gene_src_species                   ? 
_entity_src_gen.gene_src_strain                    ? 
_entity_src_gen.gene_src_tissue                    ? 
_entity_src_gen.gene_src_tissue_fraction           ? 
_entity_src_gen.gene_src_details                   ? 
_entity_src_gen.pdbx_gene_src_fragment             ? 
_entity_src_gen.pdbx_gene_src_scientific_name      'synthetic construct' 
_entity_src_gen.pdbx_gene_src_ncbi_taxonomy_id     32630 
_entity_src_gen.pdbx_gene_src_variant              ? 
_entity_src_gen.pdbx_gene_src_cell_line            ? 
_entity_src_gen.pdbx_gene_src_atcc                 ? 
_entity_src_gen.pdbx_gene_src_organ                ? 
_entity_src_gen.pdbx_gene_src_organelle            ? 
_entity_src_gen.pdbx_gene_src_cell                 ? 
_entity_src_gen.pdbx_gene_src_cellular_location    ? 
_entity_src_gen.host_org_common_name               ? 
_entity_src_gen.pdbx_host_org_scientific_name      'Escherichia coli' 
_entity_src_gen.pdbx_host_org_ncbi_taxonomy_id     562 
_entity_src_gen.host_org_genus                     ? 
_entity_src_gen.pdbx_host_org_gene                 ? 
_entity_src_gen.pdbx_host_org_organ                ? 
_entity_src_gen.host_org_species                   ? 
_entity_src_gen.pdbx_host_org_tissue               ? 
_entity_src_gen.pdbx_host_org_tissue_fraction      ? 
_entity_src_gen.pdbx_host_org_strain               ? 
_entity_src_gen.pdbx_host_org_variant              ? 
_entity_src_gen.pdbx_host_org_cell_line            ? 
_entity_src_gen.pdbx_host_org_atcc                 ? 
_entity_src_gen.pdbx_host_org_culture_collection   ? 
_entity_src_gen.pdbx_host_org_cell                 ? 
_entity_src_gen.pdbx_host_org_organelle            ? 
_entity_src_gen.pdbx_host_org_cellular_location    ? 
_entity_src_gen.pdbx_host_org_vector_type          ? 
_entity_src_gen.pdbx_host_org_vector               ? 
_entity_src_gen.host_org_details                   ? 
_entity_src_gen.expression_system_id               ? 
_entity_src_gen.plasmid_name                       ? 
_entity_src_gen.plasmid_details                    ? 
_entity_src_gen.pdbx_description                   ? 
# 
loop_
_chem_comp.id 
_chem_comp.type 
_chem_comp.mon_nstd_flag 
_chem_comp.name 
_chem_comp.pdbx_synonyms 
_chem_comp.formula 
_chem_comp.formula_weight 
ALA 'L-peptide linking' y ALANINE                                ? 'C3 H7 N O2'     89.093  
ARG 'L-peptide linking' y ARGININE                               ? 'C6 H15 N4 O2 1' 175.209 
ASN 'L-peptide linking' y ASPARAGINE                             ? 'C4 H8 N2 O3'    132.118 
ASP 'L-peptide linking' y 'ASPARTIC ACID'                        ? 'C4 H7 N O4'     133.103 
CL  non-polymer         . 'CHLORIDE ION'                         ? 'Cl -1'          35.453  
GLN 'L-peptide linking' y GLUTAMINE                              ? 'C5 H10 N2 O3'   146.144 
GLU 'L-peptide linking' y 'GLUTAMIC ACID'                        ? 'C5 H9 N O4'     147.129 
GLY 'peptide linking'   y GLYCINE                                ? 'C2 H5 N O2'     75.067  
HIS 'L-peptide linking' y HISTIDINE                              ? 'C6 H10 N3 O2 1' 156.162 
HOH non-polymer         . WATER                                  ? 'H2 O'           18.015  
ILE 'L-peptide linking' y ISOLEUCINE                             ? 'C6 H13 N O2'    131.173 
LEU 'L-peptide linking' y LEUCINE                                ? 'C6 H13 N O2'    131.173 
LYS 'L-peptide linking' y LYSINE                                 ? 'C6 H15 N2 O2 1' 147.195 
MET 'L-peptide linking' y METHIONINE                             ? 'C5 H11 N O2 S'  149.211 
PHE 'L-peptide linking' y PHENYLALANINE                          ? 'C9 H11 N O2'    165.189 
PRO 'L-peptide linking' y PROLINE                                ? 'C5 H9 N O2'     115.130 
SER 'L-peptide linking' y SERINE                                 ? 'C3 H7 N O3'     105.093 
THR 'L-peptide linking' y THREONINE                              ? 'C4 H9 N O3'     119.119 
TRP 'L-peptide linking' y TRYPTOPHAN                             ? 'C11 H12 N2 O2'  204.225 
TYR 'L-peptide linking' y TYROSINE                               ? 'C9 H11 N O3'    181.189 
VAL 'L-peptide linking' y VALINE                                 ? 'C5 H11 N O2'    117.146 
WUP non-polymer         . '5,15-Diphenylporphyrin containing FE' ? 'C32 H20 Fe N4'  516.373 
# 
loop_
_pdbx_poly_seq_scheme.asym_id 
_pdbx_poly_seq_scheme.entity_id 
_pdbx_poly_seq_scheme.seq_id 
_pdbx_poly_seq_scheme.mon_id 
_pdbx_poly_seq_scheme.ndb_seq_num 
_pdbx_poly_seq_scheme.pdb_seq_num 
_pdbx_poly_seq_scheme.auth_seq_num 
_pdbx_poly_seq_scheme.pdb_mon_id 
_pdbx_poly_seq_scheme.auth_mon_id 
_pdbx_poly_seq_scheme.pdb_strand_id 
_pdbx_poly_seq_scheme.pdb_ins_code 
_pdbx_poly_seq_scheme.hetero 
A 1 1   MET 1   -21 ?   ?   ?   A . n 
A 1 2   GLY 2   -20 ?   ?   ?   A . n 
A 1 3   SER 3   -19 ?   ?   ?   A . n 
A 1 4   SER 4   -18 ?   ?   ?   A . n 
A 1 5   HIS 5   -17 ?   ?   ?   A . n 
A 1 6   HIS 6   -16 ?   ?   ?   A . n 
A 1 7   HIS 7   -15 ?   ?   ?   A . n 
A 1 8   HIS 8   -14 ?   ?   ?   A . n 
A 1 9   HIS 9   -13 ?   ?   ?   A . n 
A 1 10  HIS 10  -12 ?   ?   ?   A . n 
A 1 11  GLY 11  -11 ?   ?   ?   A . n 
A 1 12  SER 12  -10 ?   ?   ?   A . n 
A 1 13  GLY 13  -9  ?   ?   ?   A . n 
A 1 14  GLU 14  -8  ?   ?   ?   A . n 
A 1 15  ASN 15  -7  ?   ?   ?   A . n 
A 1 16  LEU 16  -6  ?   ?   ?   A . n 
A 1 17  TYR 17  -5  ?   ?   ?   A . n 
A 1 18  PHE 18  -4  ?   ?   ?   A . n 
A 1 19  GLN 19  -3  ?   ?   ?   A . n 
A 1 20  SER 20  -2  ?   ?   ?   A . n 
A 1 21  GLY 21  -1  ?   ?   ?   A . n 
A 1 22  GLY 22  0   ?   ?   ?   A . n 
A 1 23  THR 23  1   1   THR THR A . n 
A 1 24  THR 24  2   2   THR THR A . n 
A 1 25  ASN 25  3   3   ASN ASN A . n 
A 1 26  ASP 26  4   4   ASP ASP A . n 
A 1 27  GLU 27  5   5   GLU GLU A . n 
A 1 28  GLU 28  6   6   GLU GLU A . n 
A 1 29  ILE 29  7   7   ILE ILE A . n 
A 1 30  ALA 30  8   8   ALA ALA A . n 
A 1 31  ARG 31  9   9   ARG ARG A . n 
A 1 32  LYS 32  10  10  LYS LYS A . n 
A 1 33  LEU 33  11  11  LEU LEU A . n 
A 1 34  LYS 34  12  12  LYS LYS A . n 
A 1 35  GLN 35  13  13  GLN GLN A . n 
A 1 36  THR 36  14  14  THR THR A . n 
A 1 37  ALA 37  15  15  ALA ALA A . n 
A 1 38  ASP 38  16  16  ASP ASP A . n 
A 1 39  GLU 39  17  17  GLU GLU A . n 
A 1 40  ALA 40  18  18  ALA ALA A . n 
A 1 41  ILE 41  19  19  ILE ILE A . n 
A 1 42  GLN 42  20  20  GLN GLN A . n 
A 1 43  LEU 43  21  21  LEU LEU A . n 
A 1 44  PHE 44  22  22  PHE PHE A . n 
A 1 45  GLN 45  23  23  GLN GLN A . n 
A 1 46  ARG 46  24  24  ARG ARG A . n 
A 1 47  LEU 47  25  25  LEU LEU A . n 
A 1 48  ARG 48  26  26  ARG ARG A . n 
A 1 49  GLU 49  27  27  GLU GLU A . n 
A 1 50  ILE 50  28  28  ILE ILE A . n 
A 1 51  PHE 51  29  29  PHE PHE A . n 
A 1 52  ASP 52  30  30  ASP ASP A . n 
A 1 53  LYS 53  31  31  LYS LYS A . n 
A 1 54  GLY 54  32  32  GLY GLY A . n 
A 1 55  ASP 55  33  33  ASP ASP A . n 
A 1 56  ASP 56  34  34  ASP ASP A . n 
A 1 57  ASP 57  35  35  ASP ASP A . n 
A 1 58  SER 58  36  36  SER SER A . n 
A 1 59  PHE 59  37  37  PHE PHE A . n 
A 1 60  GLU 60  38  38  GLU GLU A . n 
A 1 61  GLN 61  39  39  GLN GLN A . n 
A 1 62  VAL 62  40  40  VAL VAL A . n 
A 1 63  LEU 63  41  41  LEU LEU A . n 
A 1 64  GLU 64  42  42  GLU GLU A . n 
A 1 65  GLU 65  43  43  GLU GLU A . n 
A 1 66  LEU 66  44  44  LEU LEU A . n 
A 1 67  GLU 67  45  45  GLU GLU A . n 
A 1 68  GLU 68  46  46  GLU GLU A . n 
A 1 69  ALA 69  47  47  ALA ALA A . n 
A 1 70  LEU 70  48  48  LEU LEU A . n 
A 1 71  GLN 71  49  49  GLN GLN A . n 
A 1 72  LYS 72  50  50  LYS LYS A . n 
A 1 73  HIS 73  51  51  HIS HIS A . n 
A 1 74  ARG 74  52  52  ARG ARG A . n 
A 1 75  GLN 75  53  53  GLN GLN A . n 
A 1 76  LEU 76  54  54  LEU LEU A . n 
A 1 77  ALA 77  55  55  ALA ALA A . n 
A 1 78  ASN 78  56  56  ASN ASN A . n 
A 1 79  ASN 79  57  57  ASN ASN A . n 
A 1 80  ALA 80  58  58  ALA ALA A . n 
A 1 81  ARG 81  59  59  ARG ARG A . n 
A 1 82  LYS 82  60  60  LYS LYS A . n 
A 1 83  ASN 83  61  61  ASN ASN A . n 
A 1 84  GLY 84  62  62  GLY GLY A . n 
A 1 85  ALA 85  63  63  ALA ALA A . n 
A 1 86  PRO 86  64  64  PRO PRO A . n 
A 1 87  THR 87  65  65  THR THR A . n 
A 1 88  THR 88  66  66  THR THR A . n 
A 1 89  ASP 89  67  67  ASP ASP A . n 
A 1 90  LEU 90  68  68  LEU LEU A . n 
A 1 91  ALA 91  69  69  ALA ALA A . n 
A 1 92  ASN 92  70  70  ASN ASN A . n 
A 1 93  LEU 93  71  71  LEU LEU A . n 
A 1 94  GLY 94  72  72  GLY GLY A . n 
A 1 95  ASN 95  73  73  ASN ASN A . n 
A 1 96  ARG 96  74  74  ARG ARG A . n 
A 1 97  PHE 97  75  75  PHE PHE A . n 
A 1 98  VAL 98  76  76  VAL VAL A . n 
A 1 99  GLN 99  77  77  GLN GLN A . n 
A 1 100 LEU 100 78  78  LEU LEU A . n 
A 1 101 PHE 101 79  79  PHE PHE A . n 
A 1 102 GLN 102 80  80  GLN GLN A . n 
A 1 103 ARG 103 81  81  ARG ARG A . n 
A 1 104 PHE 104 82  82  PHE PHE A . n 
A 1 105 ARG 105 83  83  ARG ARG A . n 
A 1 106 GLU 106 84  84  GLU GLU A . n 
A 1 107 ALA 107 85  85  ALA ALA A . n 
A 1 108 TRP 108 86  86  TRP TRP A . n 
A 1 109 ASP 109 87  87  ASP ASP A . n 
A 1 110 LYS 110 88  88  LYS LYS A . n 
A 1 111 GLY 111 89  89  GLY GLY A . n 
A 1 112 ASP 112 90  90  ASP ASP A . n 
A 1 113 LYS 113 91  91  LYS LYS A . n 
A 1 114 ASP 114 92  92  ASP ASP A . n 
A 1 115 SER 115 93  93  SER SER A . n 
A 1 116 LEU 116 94  94  LEU LEU A . n 
A 1 117 GLU 117 95  95  GLU GLU A . n 
A 1 118 GLN 118 96  96  GLN GLN A . n 
A 1 119 ILE 119 97  97  ILE ILE A . n 
A 1 120 LEU 120 98  98  LEU LEU A . n 
A 1 121 GLU 121 99  99  GLU GLU A . n 
A 1 122 GLU 122 100 100 GLU GLU A . n 
A 1 123 LEU 123 101 101 LEU LEU A . n 
A 1 124 GLU 124 102 102 GLU GLU A . n 
A 1 125 GLN 125 103 103 GLN GLN A . n 
A 1 126 VAL 126 104 104 VAL VAL A . n 
A 1 127 ALA 127 105 105 ALA ALA A . n 
A 1 128 GLN 128 106 106 GLN GLN A . n 
A 1 129 LYS 129 107 107 LYS LYS A . n 
A 1 130 VAL 130 108 108 VAL VAL A . n 
A 1 131 ILE 131 109 109 ILE ILE A . n 
A 1 132 SER 132 110 110 SER SER A . n 
# 
_pdbx_entity_instance_feature.ordinal        1 
_pdbx_entity_instance_feature.comp_id        WUP 
_pdbx_entity_instance_feature.asym_id        ? 
_pdbx_entity_instance_feature.seq_num        ? 
_pdbx_entity_instance_feature.auth_comp_id   WUP 
_pdbx_entity_instance_feature.auth_asym_id   ? 
_pdbx_entity_instance_feature.auth_seq_num   ? 
_pdbx_entity_instance_feature.feature_type   'SUBJECT OF INVESTIGATION' 
_pdbx_entity_instance_feature.details        ? 
# 
loop_
_pdbx_nonpoly_scheme.asym_id 
_pdbx_nonpoly_scheme.entity_id 
_pdbx_nonpoly_scheme.mon_id 
_pdbx_nonpoly_scheme.ndb_seq_num 
_pdbx_nonpoly_scheme.pdb_seq_num 
_pdbx_nonpoly_scheme.auth_seq_num 
_pdbx_nonpoly_scheme.pdb_mon_id 
_pdbx_nonpoly_scheme.auth_mon_id 
_pdbx_nonpoly_scheme.pdb_strand_id 
_pdbx_nonpoly_scheme.pdb_ins_code 
B 2 WUP 1  201 201 WUP KPH A . 
C 3 CL  1  202 302 CL  CL  A . 
D 3 CL  1  203 303 CL  CL  A . 
E 3 CL  1  204 304 CL  CL  A . 
F 4 HOH 1  301 53  HOH HOH A . 
F 4 HOH 2  302 59  HOH HOH A . 
F 4 HOH 3  303 9   HOH HOH A . 
F 4 HOH 4  304 16  HOH HOH A . 
F 4 HOH 5  305 55  HOH HOH A . 
F 4 HOH 6  306 52  HOH HOH A . 
F 4 HOH 7  307 89  HOH HOH A . 
F 4 HOH 8  308 5   HOH HOH A . 
F 4 HOH 9  309 68  HOH HOH A . 
F 4 HOH 10 310 8   HOH HOH A . 
F 4 HOH 11 311 120 HOH HOH A . 
F 4 HOH 12 312 114 HOH HOH A . 
F 4 HOH 13 313 2   HOH HOH A . 
F 4 HOH 14 314 92  HOH HOH A . 
F 4 HOH 15 315 54  HOH HOH A . 
F 4 HOH 16 316 11  HOH HOH A . 
F 4 HOH 17 317 49  HOH HOH A . 
# 
loop_
_software.citation_id 
_software.classification 
_software.compiler_name 
_software.compiler_version 
_software.contact_author 
_software.contact_author_email 
_software.date 
_software.description 
_software.dependencies 
_software.hardware 
_software.language 
_software.location 
_software.mods 
_software.name 
_software.os 
_software.os_version 
_software.type 
_software.version 
_software.pdbx_ordinal 
? refinement       ? ? ? ? ? ? ? ? ? ? ? PHENIX  ? ? ? 1.21_5207 1 
? 'data reduction' ? ? ? ? ? ? ? ? ? ? ? XDS     ? ? ? .         2 
? 'data scaling'   ? ? ? ? ? ? ? ? ? ? ? Aimless ? ? ? .         3 
? phasing          ? ? ? ? ? ? ? ? ? ? ? PHASER  ? ? ? .         4 
# 
_cell.angle_alpha                  90.000 
_cell.angle_alpha_esd              ? 
_cell.angle_beta                   90.000 
_cell.angle_beta_esd               ? 
_cell.angle_gamma                  90.000 
_cell.angle_gamma_esd              ? 
_cell.entry_id                     9CTE 
_cell.details                      ? 
_cell.formula_units_Z              ? 
_cell.length_a                     71.273 
_cell.length_a_esd                 ? 
_cell.length_b                     71.273 
_cell.length_b_esd                 ? 
_cell.length_c                     114.942 
_cell.length_c_esd                 ? 
_cell.volume                       583887.030 
_cell.volume_esd                   ? 
_cell.Z_PDB                        16 
_cell.reciprocal_angle_alpha       ? 
_cell.reciprocal_angle_beta        ? 
_cell.reciprocal_angle_gamma       ? 
_cell.reciprocal_angle_alpha_esd   ? 
_cell.reciprocal_angle_beta_esd    ? 
_cell.reciprocal_angle_gamma_esd   ? 
_cell.reciprocal_length_a          ? 
_cell.reciprocal_length_b          ? 
_cell.reciprocal_length_c          ? 
_cell.reciprocal_length_a_esd      ? 
_cell.reciprocal_length_b_esd      ? 
_cell.reciprocal_length_c_esd      ? 
_cell.pdbx_unique_axis             ? 
_cell.pdbx_esd_method              ? 
# 
_symmetry.entry_id                         9CTE 
_symmetry.cell_setting                     ? 
_symmetry.Int_Tables_number                98 
_symmetry.space_group_name_Hall            'I 4bw 2bw' 
_symmetry.space_group_name_H-M             'I 41 2 2' 
_symmetry.pdbx_full_space_group_name_H-M   ? 
# 
_exptl.absorpt_coefficient_mu     ? 
_exptl.absorpt_correction_T_max   ? 
_exptl.absorpt_correction_T_min   ? 
_exptl.absorpt_correction_type    ? 
_exptl.absorpt_process_details    ? 
_exptl.entry_id                   9CTE 
_exptl.crystals_number            1 
_exptl.details                    ? 
_exptl.method                     'X-RAY DIFFRACTION' 
_exptl.method_details             ? 
# 
_exptl_crystal.colour                       ? 
_exptl_crystal.density_diffrn               ? 
_exptl_crystal.density_Matthews             2.40 
_exptl_crystal.density_method               ? 
_exptl_crystal.density_percent_sol          48.79 
_exptl_crystal.description                  ? 
_exptl_crystal.F_000                        ? 
_exptl_crystal.id                           1 
_exptl_crystal.preparation                  ? 
_exptl_crystal.size_max                     ? 
_exptl_crystal.size_mid                     ? 
_exptl_crystal.size_min                     ? 
_exptl_crystal.size_rad                     ? 
_exptl_crystal.colour_lustre                ? 
_exptl_crystal.colour_modifier              ? 
_exptl_crystal.colour_primary               ? 
_exptl_crystal.density_meas                 ? 
_exptl_crystal.density_meas_esd             ? 
_exptl_crystal.density_meas_gt              ? 
_exptl_crystal.density_meas_lt              ? 
_exptl_crystal.density_meas_temp            ? 
_exptl_crystal.density_meas_temp_esd        ? 
_exptl_crystal.density_meas_temp_gt         ? 
_exptl_crystal.density_meas_temp_lt         ? 
_exptl_crystal.pdbx_crystal_image_url       ? 
_exptl_crystal.pdbx_crystal_image_format    ? 
_exptl_crystal.pdbx_mosaicity               ? 
_exptl_crystal.pdbx_mosaicity_esd           ? 
_exptl_crystal.pdbx_mosaic_method           ? 
_exptl_crystal.pdbx_mosaic_block_size       ? 
_exptl_crystal.pdbx_mosaic_block_size_esd   ? 
# 
_exptl_crystal_grow.apparatus       ? 
_exptl_crystal_grow.atmosphere      ? 
_exptl_crystal_grow.crystal_id      1 
_exptl_crystal_grow.details         ? 
_exptl_crystal_grow.method          'VAPOR DIFFUSION, HANGING DROP' 
_exptl_crystal_grow.method_ref      ? 
_exptl_crystal_grow.pH              ? 
_exptl_crystal_grow.pressure        ? 
_exptl_crystal_grow.pressure_esd    ? 
_exptl_crystal_grow.seeding         ? 
_exptl_crystal_grow.seeding_ref     ? 
_exptl_crystal_grow.temp_details    ? 
_exptl_crystal_grow.temp_esd        ? 
_exptl_crystal_grow.time            ? 
_exptl_crystal_grow.pdbx_details    '0.1M Tris HCl pH 8.5 and 2.0M Ammonium phosphate monobasic' 
_exptl_crystal_grow.pdbx_pH_range   ? 
_exptl_crystal_grow.temp            298 
# 
_diffrn.ambient_environment              ? 
_diffrn.ambient_temp                     100 
_diffrn.ambient_temp_details             ? 
_diffrn.ambient_temp_esd                 ? 
_diffrn.crystal_id                       1 
_diffrn.crystal_support                  ? 
_diffrn.crystal_treatment                ? 
_diffrn.details                          ? 
_diffrn.id                               1 
_diffrn.ambient_pressure                 ? 
_diffrn.ambient_pressure_esd             ? 
_diffrn.ambient_pressure_gt              ? 
_diffrn.ambient_pressure_lt              ? 
_diffrn.ambient_temp_gt                  ? 
_diffrn.ambient_temp_lt                  ? 
_diffrn.pdbx_serial_crystal_experiment   N 
# 
_diffrn_detector.details                      ? 
_diffrn_detector.detector                     PIXEL 
_diffrn_detector.diffrn_id                    1 
_diffrn_detector.type                         'DECTRIS PILATUS3 6M' 
_diffrn_detector.area_resol_mean              ? 
_diffrn_detector.dtime                        ? 
_diffrn_detector.pdbx_frames_total            ? 
_diffrn_detector.pdbx_collection_time_total   ? 
_diffrn_detector.pdbx_collection_date         2024-03-29 
_diffrn_detector.pdbx_frequency               ? 
_diffrn_detector.id                           ? 
_diffrn_detector.number_of_axes               ? 
# 
_diffrn_radiation.collimation                      ? 
_diffrn_radiation.diffrn_id                        1 
_diffrn_radiation.filter_edge                      ? 
_diffrn_radiation.inhomogeneity                    ? 
_diffrn_radiation.monochromator                    ? 
_diffrn_radiation.polarisn_norm                    ? 
_diffrn_radiation.polarisn_ratio                   ? 
_diffrn_radiation.probe                            ? 
_diffrn_radiation.type                             ? 
_diffrn_radiation.xray_symbol                      ? 
_diffrn_radiation.wavelength_id                    1 
_diffrn_radiation.pdbx_monochromatic_or_laue_m_l   M 
_diffrn_radiation.pdbx_wavelength_list             ? 
_diffrn_radiation.pdbx_wavelength                  ? 
_diffrn_radiation.pdbx_diffrn_protocol             'SINGLE WAVELENGTH' 
_diffrn_radiation.pdbx_analyzer                    ? 
_diffrn_radiation.pdbx_scattering_type             x-ray 
# 
_diffrn_radiation_wavelength.id           1 
_diffrn_radiation_wavelength.wavelength   1.1 
_diffrn_radiation_wavelength.wt           1.0 
# 
_diffrn_source.current                     ? 
_diffrn_source.details                     ? 
_diffrn_source.diffrn_id                   1 
_diffrn_source.power                       ? 
_diffrn_source.size                        ? 
_diffrn_source.source                      SYNCHROTRON 
_diffrn_source.target                      ? 
_diffrn_source.type                        'ALS BEAMLINE 8.3.1' 
_diffrn_source.voltage                     ? 
_diffrn_source.take-off_angle              ? 
_diffrn_source.pdbx_wavelength_list        1.1 
_diffrn_source.pdbx_wavelength             ? 
_diffrn_source.pdbx_synchrotron_beamline   8.3.1 
_diffrn_source.pdbx_synchrotron_site       ALS 
# 
_reflns.B_iso_Wilson_estimate                          39.65 
_reflns.entry_id                                       9CTE 
_reflns.data_reduction_details                         ? 
_reflns.data_reduction_method                          ? 
_reflns.d_resolution_high                              2.255 
_reflns.d_resolution_low                               60.57 
_reflns.details                                        ? 
_reflns.limit_h_max                                    ? 
_reflns.limit_h_min                                    ? 
_reflns.limit_k_max                                    ? 
_reflns.limit_k_min                                    ? 
_reflns.limit_l_max                                    ? 
_reflns.limit_l_min                                    ? 
_reflns.number_all                                     ? 
_reflns.number_obs                                     7287 
_reflns.observed_criterion                             ? 
_reflns.observed_criterion_F_max                       ? 
_reflns.observed_criterion_F_min                       ? 
_reflns.observed_criterion_I_max                       ? 
_reflns.observed_criterion_I_min                       ? 
_reflns.observed_criterion_sigma_F                     ? 
_reflns.observed_criterion_sigma_I                     ? 
_reflns.percent_possible_obs                           99.78 
_reflns.R_free_details                                 ? 
_reflns.Rmerge_F_all                                   ? 
_reflns.Rmerge_F_obs                                   ? 
_reflns.Friedel_coverage                               ? 
_reflns.number_gt                                      ? 
_reflns.threshold_expression                           ? 
_reflns.pdbx_redundancy                                2 
_reflns.pdbx_netI_over_av_sigmaI                       ? 
_reflns.pdbx_netI_over_sigmaI                          7 
_reflns.pdbx_res_netI_over_av_sigmaI_2                 ? 
_reflns.pdbx_res_netI_over_sigmaI_2                    ? 
_reflns.pdbx_chi_squared                               0.96 
_reflns.pdbx_scaling_rejects                           ? 
_reflns.pdbx_d_res_high_opt                            ? 
_reflns.pdbx_d_res_low_opt                             ? 
_reflns.pdbx_d_res_opt_method                          ? 
_reflns.phase_calculation_details                      ? 
_reflns.pdbx_Rrim_I_all                                ? 
_reflns.pdbx_Rpim_I_all                                0.148 
_reflns.pdbx_d_opt                                     ? 
_reflns.pdbx_number_measured_all                       ? 
_reflns.pdbx_diffrn_id                                 1 
_reflns.pdbx_ordinal                                   1 
_reflns.pdbx_CC_half                                   0.996 
_reflns.pdbx_CC_star                                   ? 
_reflns.pdbx_R_split                                   ? 
_reflns.pdbx_Rmerge_I_obs                              ? 
_reflns.pdbx_Rmerge_I_all                              ? 
_reflns.pdbx_Rsym_value                                ? 
_reflns.pdbx_CC_split_method                           ? 
_reflns.pdbx_aniso_diffraction_limit_axis_1_ortho[1]   ? 
_reflns.pdbx_aniso_diffraction_limit_axis_1_ortho[2]   ? 
_reflns.pdbx_aniso_diffraction_limit_axis_1_ortho[3]   ? 
_reflns.pdbx_aniso_diffraction_limit_axis_2_ortho[1]   ? 
_reflns.pdbx_aniso_diffraction_limit_axis_2_ortho[2]   ? 
_reflns.pdbx_aniso_diffraction_limit_axis_2_ortho[3]   ? 
_reflns.pdbx_aniso_diffraction_limit_axis_3_ortho[1]   ? 
_reflns.pdbx_aniso_diffraction_limit_axis_3_ortho[2]   ? 
_reflns.pdbx_aniso_diffraction_limit_axis_3_ortho[3]   ? 
_reflns.pdbx_aniso_diffraction_limit_1                 ? 
_reflns.pdbx_aniso_diffraction_limit_2                 ? 
_reflns.pdbx_aniso_diffraction_limit_3                 ? 
_reflns.pdbx_aniso_B_tensor_eigenvector_1_ortho[1]     ? 
_reflns.pdbx_aniso_B_tensor_eigenvector_1_ortho[2]     ? 
_reflns.pdbx_aniso_B_tensor_eigenvector_1_ortho[3]     ? 
_reflns.pdbx_aniso_B_tensor_eigenvector_2_ortho[1]     ? 
_reflns.pdbx_aniso_B_tensor_eigenvector_2_ortho[2]     ? 
_reflns.pdbx_aniso_B_tensor_eigenvector_2_ortho[3]     ? 
_reflns.pdbx_aniso_B_tensor_eigenvector_3_ortho[1]     ? 
_reflns.pdbx_aniso_B_tensor_eigenvector_3_ortho[2]     ? 
_reflns.pdbx_aniso_B_tensor_eigenvector_3_ortho[3]     ? 
_reflns.pdbx_aniso_B_tensor_eigenvalue_1               ? 
_reflns.pdbx_aniso_B_tensor_eigenvalue_2               ? 
_reflns.pdbx_aniso_B_tensor_eigenvalue_3               ? 
_reflns.pdbx_orthogonalization_convention              ? 
_reflns.pdbx_percent_possible_ellipsoidal              ? 
_reflns.pdbx_percent_possible_spherical                ? 
_reflns.pdbx_percent_possible_ellipsoidal_anomalous    ? 
_reflns.pdbx_percent_possible_spherical_anomalous      ? 
_reflns.pdbx_redundancy_anomalous                      ? 
_reflns.pdbx_CC_half_anomalous                         ? 
_reflns.pdbx_absDiff_over_sigma_anomalous              ? 
_reflns.pdbx_percent_possible_anomalous                ? 
_reflns.pdbx_observed_signal_threshold                 ? 
_reflns.pdbx_signal_type                               ? 
_reflns.pdbx_signal_details                            ? 
_reflns.pdbx_signal_software_id                        ? 
# 
_reflns_shell.d_res_high                                    2.255 
_reflns_shell.d_res_low                                     2.33 
_reflns_shell.meanI_over_sigI_all                           ? 
_reflns_shell.meanI_over_sigI_obs                           ? 
_reflns_shell.number_measured_all                           ? 
_reflns_shell.number_measured_obs                           ? 
_reflns_shell.number_possible                               ? 
_reflns_shell.number_unique_all                             ? 
_reflns_shell.number_unique_obs                             698 
_reflns_shell.percent_possible_obs                          ? 
_reflns_shell.Rmerge_F_all                                  ? 
_reflns_shell.Rmerge_F_obs                                  ? 
_reflns_shell.meanI_over_sigI_gt                            ? 
_reflns_shell.meanI_over_uI_all                             ? 
_reflns_shell.meanI_over_uI_gt                              ? 
_reflns_shell.number_measured_gt                            ? 
_reflns_shell.number_unique_gt                              ? 
_reflns_shell.percent_possible_gt                           ? 
_reflns_shell.Rmerge_F_gt                                   ? 
_reflns_shell.Rmerge_I_gt                                   ? 
_reflns_shell.pdbx_redundancy                               ? 
_reflns_shell.pdbx_chi_squared                              ? 
_reflns_shell.pdbx_netI_over_sigmaI_all                     ? 
_reflns_shell.pdbx_netI_over_sigmaI_obs                     ? 
_reflns_shell.pdbx_Rrim_I_all                               ? 
_reflns_shell.pdbx_Rpim_I_all                               ? 
_reflns_shell.pdbx_rejects                                  ? 
_reflns_shell.pdbx_ordinal                                  1 
_reflns_shell.pdbx_diffrn_id                                1 
_reflns_shell.pdbx_CC_half                                  0.311 
_reflns_shell.pdbx_CC_star                                  ? 
_reflns_shell.pdbx_R_split                                  ? 
_reflns_shell.percent_possible_all                          ? 
_reflns_shell.Rmerge_I_all                                  ? 
_reflns_shell.Rmerge_I_obs                                  ? 
_reflns_shell.pdbx_Rsym_value                               ? 
_reflns_shell.pdbx_percent_possible_ellipsoidal             ? 
_reflns_shell.pdbx_percent_possible_spherical               ? 
_reflns_shell.pdbx_percent_possible_ellipsoidal_anomalous   ? 
_reflns_shell.pdbx_percent_possible_spherical_anomalous     ? 
_reflns_shell.pdbx_redundancy_anomalous                     ? 
_reflns_shell.pdbx_CC_half_anomalous                        ? 
_reflns_shell.pdbx_absDiff_over_sigma_anomalous             ? 
_reflns_shell.pdbx_percent_possible_anomalous               ? 
# 
_refine.aniso_B[1][1]                            ? 
_refine.aniso_B[1][2]                            ? 
_refine.aniso_B[1][3]                            ? 
_refine.aniso_B[2][2]                            ? 
_refine.aniso_B[2][3]                            ? 
_refine.aniso_B[3][3]                            ? 
_refine.B_iso_max                                ? 
_refine.B_iso_mean                               49.89 
_refine.B_iso_min                                ? 
_refine.correlation_coeff_Fo_to_Fc               ? 
_refine.correlation_coeff_Fo_to_Fc_free          ? 
_refine.details                                  ? 
_refine.diff_density_max                         ? 
_refine.diff_density_max_esd                     ? 
_refine.diff_density_min                         ? 
_refine.diff_density_min_esd                     ? 
_refine.diff_density_rms                         ? 
_refine.diff_density_rms_esd                     ? 
_refine.entry_id                                 9CTE 
_refine.pdbx_refine_id                           'X-RAY DIFFRACTION' 
_refine.ls_abs_structure_details                 ? 
_refine.ls_abs_structure_Flack                   ? 
_refine.ls_abs_structure_Flack_esd               ? 
_refine.ls_abs_structure_Rogers                  ? 
_refine.ls_abs_structure_Rogers_esd              ? 
_refine.ls_d_res_high                            2.26 
_refine.ls_d_res_low                             60.57 
_refine.ls_extinction_coef                       ? 
_refine.ls_extinction_coef_esd                   ? 
_refine.ls_extinction_expression                 ? 
_refine.ls_extinction_method                     ? 
_refine.ls_goodness_of_fit_all                   ? 
_refine.ls_goodness_of_fit_all_esd               ? 
_refine.ls_goodness_of_fit_obs                   ? 
_refine.ls_goodness_of_fit_obs_esd               ? 
_refine.ls_hydrogen_treatment                    ? 
_refine.ls_matrix_type                           ? 
_refine.ls_number_constraints                    ? 
_refine.ls_number_parameters                     ? 
_refine.ls_number_reflns_all                     ? 
_refine.ls_number_reflns_obs                     7287 
_refine.ls_number_reflns_R_free                  729 
_refine.ls_number_reflns_R_work                  6558 
_refine.ls_number_restraints                     ? 
_refine.ls_percent_reflns_obs                    99.78 
_refine.ls_percent_reflns_R_free                 10.00 
_refine.ls_R_factor_all                          ? 
_refine.ls_R_factor_obs                          0.2364 
_refine.ls_R_factor_R_free                       0.2783 
_refine.ls_R_factor_R_free_error                 ? 
_refine.ls_R_factor_R_free_error_details         ? 
_refine.ls_R_factor_R_work                       0.2316 
_refine.ls_R_Fsqd_factor_obs                     ? 
_refine.ls_R_I_factor_obs                        ? 
_refine.ls_redundancy_reflns_all                 ? 
_refine.ls_redundancy_reflns_obs                 ? 
_refine.ls_restrained_S_all                      ? 
_refine.ls_restrained_S_obs                      ? 
_refine.ls_shift_over_esd_max                    ? 
_refine.ls_shift_over_esd_mean                   ? 
_refine.ls_structure_factor_coef                 ? 
_refine.ls_weighting_details                     ? 
_refine.ls_weighting_scheme                      ? 
_refine.ls_wR_factor_all                         ? 
_refine.ls_wR_factor_obs                         ? 
_refine.ls_wR_factor_R_free                      ? 
_refine.ls_wR_factor_R_work                      ? 
_refine.occupancy_max                            ? 
_refine.occupancy_min                            ? 
_refine.solvent_model_details                    'FLAT BULK SOLVENT MODEL' 
_refine.solvent_model_param_bsol                 ? 
_refine.solvent_model_param_ksol                 ? 
_refine.pdbx_R_complete                          ? 
_refine.ls_R_factor_gt                           ? 
_refine.ls_goodness_of_fit_gt                    ? 
_refine.ls_goodness_of_fit_ref                   ? 
_refine.ls_shift_over_su_max                     ? 
_refine.ls_shift_over_su_max_lt                  ? 
_refine.ls_shift_over_su_mean                    ? 
_refine.ls_shift_over_su_mean_lt                 ? 
_refine.pdbx_ls_sigma_I                          ? 
_refine.pdbx_ls_sigma_F                          1.34 
_refine.pdbx_ls_sigma_Fsqd                       ? 
_refine.pdbx_data_cutoff_high_absF               ? 
_refine.pdbx_data_cutoff_high_rms_absF           ? 
_refine.pdbx_data_cutoff_low_absF                ? 
_refine.pdbx_isotropic_thermal_model             ? 
_refine.pdbx_ls_cross_valid_method               'FREE R-VALUE' 
_refine.pdbx_method_to_determine_struct          'MOLECULAR REPLACEMENT' 
_refine.pdbx_starting_model                      ? 
_refine.pdbx_stereochemistry_target_values       'GeoStd + Monomer Library + CDL v1.2' 
_refine.pdbx_R_Free_selection_details            ? 
_refine.pdbx_stereochem_target_val_spec_case     ? 
_refine.pdbx_overall_ESU_R                       ? 
_refine.pdbx_overall_ESU_R_Free                  ? 
_refine.pdbx_solvent_vdw_probe_radii             1.1000 
_refine.pdbx_solvent_ion_probe_radii             ? 
_refine.pdbx_solvent_shrinkage_radii             0.9000 
_refine.pdbx_real_space_R                        ? 
_refine.pdbx_density_correlation                 ? 
_refine.pdbx_pd_number_of_powder_patterns        ? 
_refine.pdbx_pd_number_of_points                 ? 
_refine.pdbx_pd_meas_number_of_points            ? 
_refine.pdbx_pd_proc_ls_prof_R_factor            ? 
_refine.pdbx_pd_proc_ls_prof_wR_factor           ? 
_refine.pdbx_pd_Marquardt_correlation_coeff      ? 
_refine.pdbx_pd_Fsqrd_R_factor                   ? 
_refine.pdbx_pd_ls_matrix_band_width             ? 
_refine.pdbx_overall_phase_error                 32.4136 
_refine.pdbx_overall_SU_R_free_Cruickshank_DPI   ? 
_refine.pdbx_overall_SU_R_free_Blow_DPI          ? 
_refine.pdbx_overall_SU_R_Blow_DPI               ? 
_refine.pdbx_TLS_residual_ADP_flag               ? 
_refine.pdbx_diffrn_id                           1 
_refine.overall_SU_B                             ? 
_refine.overall_SU_ML                            0.3703 
_refine.overall_SU_R_Cruickshank_DPI             ? 
_refine.overall_SU_R_free                        ? 
_refine.overall_FOM_free_R_set                   ? 
_refine.overall_FOM_work_R_set                   ? 
_refine.pdbx_average_fsc_overall                 ? 
_refine.pdbx_average_fsc_work                    ? 
_refine.pdbx_average_fsc_free                    ? 
# 
_refine_hist.pdbx_refine_id                   'X-RAY DIFFRACTION' 
_refine_hist.cycle_id                         LAST 
_refine_hist.details                          ? 
_refine_hist.d_res_high                       2.26 
_refine_hist.d_res_low                        60.57 
_refine_hist.number_atoms_solvent             17 
_refine_hist.number_atoms_total               958 
_refine_hist.number_reflns_all                ? 
_refine_hist.number_reflns_obs                ? 
_refine_hist.number_reflns_R_free             ? 
_refine_hist.number_reflns_R_work             ? 
_refine_hist.R_factor_all                     ? 
_refine_hist.R_factor_obs                     ? 
_refine_hist.R_factor_R_free                  ? 
_refine_hist.R_factor_R_work                  ? 
_refine_hist.pdbx_number_residues_total       ? 
_refine_hist.pdbx_B_iso_mean_ligand           ? 
_refine_hist.pdbx_B_iso_mean_solvent          ? 
_refine_hist.pdbx_number_atoms_protein        901 
_refine_hist.pdbx_number_atoms_nucleic_acid   0 
_refine_hist.pdbx_number_atoms_ligand         40 
_refine_hist.pdbx_number_atoms_lipid          ? 
_refine_hist.pdbx_number_atoms_carb           ? 
_refine_hist.pdbx_pseudo_atom_details         ? 
# 
loop_
_refine_ls_restr.pdbx_refine_id 
_refine_ls_restr.criterion 
_refine_ls_restr.dev_ideal 
_refine_ls_restr.dev_ideal_target 
_refine_ls_restr.number 
_refine_ls_restr.rejects 
_refine_ls_restr.type 
_refine_ls_restr.weight 
_refine_ls_restr.pdbx_restraint_function 
'X-RAY DIFFRACTION' ? 0.0193  ? 956  ? f_bond_d           ? ? 
'X-RAY DIFFRACTION' ? 1.3812  ? 1295 ? f_angle_d          ? ? 
'X-RAY DIFFRACTION' ? 0.0427  ? 133  ? f_chiral_restr     ? ? 
'X-RAY DIFFRACTION' ? 0.0206  ? 173  ? f_plane_restr      ? ? 
'X-RAY DIFFRACTION' ? 24.3109 ? 369  ? f_dihedral_angle_d ? ? 
# 
loop_
_refine_ls_shell.pdbx_refine_id 
_refine_ls_shell.d_res_high 
_refine_ls_shell.d_res_low 
_refine_ls_shell.number_reflns_all 
_refine_ls_shell.number_reflns_obs 
_refine_ls_shell.number_reflns_R_free 
_refine_ls_shell.number_reflns_R_work 
_refine_ls_shell.percent_reflns_obs 
_refine_ls_shell.percent_reflns_R_free 
_refine_ls_shell.R_factor_all 
_refine_ls_shell.R_factor_obs 
_refine_ls_shell.R_factor_R_free_error 
_refine_ls_shell.R_factor_R_work 
_refine_ls_shell.redundancy_reflns_all 
_refine_ls_shell.redundancy_reflns_obs 
_refine_ls_shell.wR_factor_all 
_refine_ls_shell.wR_factor_obs 
_refine_ls_shell.wR_factor_R_free 
_refine_ls_shell.wR_factor_R_work 
_refine_ls_shell.pdbx_R_complete 
_refine_ls_shell.pdbx_total_number_of_bins_used 
_refine_ls_shell.pdbx_phase_error 
_refine_ls_shell.pdbx_fsc_work 
_refine_ls_shell.pdbx_fsc_free 
_refine_ls_shell.R_factor_R_free 
'X-RAY DIFFRACTION' 2.26 2.43  . . 140 1263 99.36  . . . . 0.3386 . . . . . . . . . . . 0.4124 
'X-RAY DIFFRACTION' 2.43 2.67  . . 144 1287 100.00 . . . . 0.2953 . . . . . . . . . . . 0.3347 
'X-RAY DIFFRACTION' 2.67 3.06  . . 144 1302 99.86  . . . . 0.2551 . . . . . . . . . . . 0.3152 
'X-RAY DIFFRACTION' 3.06 3.85  . . 145 1310 99.86  . . . . 0.2072 . . . . . . . . . . . 0.2720 
'X-RAY DIFFRACTION' 3.86 60.57 . . 156 1396 99.87  . . . . 0.2039 . . . . . . . . . . . 0.2353 
# 
_struct.entry_id                     9CTE 
_struct.title                        'De novo design of protein catalysts for new-to-nature reactions' 
_struct.pdbx_model_details           ? 
_struct.pdbx_formula_weight          ? 
_struct.pdbx_formula_weight_method   ? 
_struct.pdbx_model_type_details      ? 
_struct.pdbx_CASP_flag               N 
# 
_struct_keywords.entry_id        9CTE 
_struct_keywords.text            'metalloproteins, DE NOVO PROTEIN' 
_struct_keywords.pdbx_keywords   'DE NOVO PROTEIN' 
# 
loop_
_struct_asym.id 
_struct_asym.pdbx_blank_PDB_chainid_flag 
_struct_asym.pdbx_modified 
_struct_asym.entity_id 
_struct_asym.details 
A N N 1 ? 
B N N 2 ? 
C N N 3 ? 
D N N 3 ? 
E N N 3 ? 
F N N 4 ? 
# 
_struct_ref.id                         1 
_struct_ref.db_name                    PDB 
_struct_ref.db_code                    9CTE 
_struct_ref.pdbx_db_accession          9CTE 
_struct_ref.pdbx_db_isoform            ? 
_struct_ref.entity_id                  1 
_struct_ref.pdbx_seq_one_letter_code   ? 
_struct_ref.pdbx_align_begin           1 
# 
_struct_ref_seq.align_id                      1 
_struct_ref_seq.ref_id                        1 
_struct_ref_seq.pdbx_PDB_id_code              9CTE 
_struct_ref_seq.pdbx_strand_id                A 
_struct_ref_seq.seq_align_beg                 1 
_struct_ref_seq.pdbx_seq_align_beg_ins_code   ? 
_struct_ref_seq.seq_align_end                 132 
_struct_ref_seq.pdbx_seq_align_end_ins_code   ? 
_struct_ref_seq.pdbx_db_accession             9CTE 
_struct_ref_seq.db_align_beg                  -21 
_struct_ref_seq.pdbx_db_align_beg_ins_code    ? 
_struct_ref_seq.db_align_end                  110 
_struct_ref_seq.pdbx_db_align_end_ins_code    ? 
_struct_ref_seq.pdbx_auth_seq_align_beg       -21 
_struct_ref_seq.pdbx_auth_seq_align_end       110 
# 
_pdbx_struct_assembly.id                   1 
_pdbx_struct_assembly.details              author_defined_assembly 
_pdbx_struct_assembly.method_details       ? 
_pdbx_struct_assembly.oligomeric_details   monomeric 
_pdbx_struct_assembly.oligomeric_count     1 
# 
_pdbx_struct_assembly_gen.assembly_id       1 
_pdbx_struct_assembly_gen.oper_expression   1 
_pdbx_struct_assembly_gen.asym_id_list      A,B,C,D,E,F 
# 
_pdbx_struct_assembly_auth_evidence.id                     1 
_pdbx_struct_assembly_auth_evidence.assembly_id            1 
_pdbx_struct_assembly_auth_evidence.experimental_support   none 
_pdbx_struct_assembly_auth_evidence.details                ? 
# 
_pdbx_struct_oper_list.id                   1 
_pdbx_struct_oper_list.type                 'identity operation' 
_pdbx_struct_oper_list.name                 1_555 
_pdbx_struct_oper_list.symmetry_operation   x,y,z 
_pdbx_struct_oper_list.matrix[1][1]         1.0000000000 
_pdbx_struct_oper_list.matrix[1][2]         0.0000000000 
_pdbx_struct_oper_list.matrix[1][3]         0.0000000000 
_pdbx_struct_oper_list.vector[1]            0.0000000000 
_pdbx_struct_oper_list.matrix[2][1]         0.0000000000 
_pdbx_struct_oper_list.matrix[2][2]         1.0000000000 
_pdbx_struct_oper_list.matrix[2][3]         0.0000000000 
_pdbx_struct_oper_list.vector[2]            0.0000000000 
_pdbx_struct_oper_list.matrix[3][1]         0.0000000000 
_pdbx_struct_oper_list.matrix[3][2]         0.0000000000 
_pdbx_struct_oper_list.matrix[3][3]         1.0000000000 
_pdbx_struct_oper_list.vector[3]            0.0000000000 
# 
loop_
_struct_conf.conf_type_id 
_struct_conf.id 
_struct_conf.pdbx_PDB_helix_id 
_struct_conf.beg_label_comp_id 
_struct_conf.beg_label_asym_id 
_struct_conf.beg_label_seq_id 
_struct_conf.pdbx_beg_PDB_ins_code 
_struct_conf.end_label_comp_id 
_struct_conf.end_label_asym_id 
_struct_conf.end_label_seq_id 
_struct_conf.pdbx_end_PDB_ins_code 
_struct_conf.beg_auth_comp_id 
_struct_conf.beg_auth_asym_id 
_struct_conf.beg_auth_seq_id 
_struct_conf.end_auth_comp_id 
_struct_conf.end_auth_asym_id 
_struct_conf.end_auth_seq_id 
_struct_conf.pdbx_PDB_helix_class 
_struct_conf.details 
_struct_conf.pdbx_PDB_helix_length 
HELX_P HELX_P1 AA1 THR A 24  ? ASP A 52  ? THR A 2  ASP A 30  1 ? 29 
HELX_P HELX_P2 AA2 ASP A 55  ? ASN A 83  ? ASP A 33 ASN A 61  1 ? 29 
HELX_P HELX_P3 AA3 ASN A 92  ? LYS A 110 ? ASN A 70 LYS A 88  1 ? 19 
HELX_P HELX_P4 AA4 ASP A 112 ? SER A 132 ? ASP A 90 SER A 110 1 ? 21 
# 
_struct_conf_type.id          HELX_P 
_struct_conf_type.criteria    ? 
_struct_conf_type.reference   ? 
# 
loop_
_struct_conn.id 
_struct_conn.conn_type_id 
_struct_conn.pdbx_leaving_atom_flag 
_struct_conn.pdbx_PDB_id 
_struct_conn.ptnr1_label_asym_id 
_struct_conn.ptnr1_label_comp_id 
_struct_conn.ptnr1_label_seq_id 
_struct_conn.ptnr1_label_atom_id 
_struct_conn.pdbx_ptnr1_label_alt_id 
_struct_conn.pdbx_ptnr1_PDB_ins_code 
_struct_conn.pdbx_ptnr1_standard_comp_id 
_struct_conn.ptnr1_symmetry 
_struct_conn.ptnr2_label_asym_id 
_struct_conn.ptnr2_label_comp_id 
_struct_conn.ptnr2_label_seq_id 
_struct_conn.ptnr2_label_atom_id 
_struct_conn.pdbx_ptnr2_label_alt_id 
_struct_conn.pdbx_ptnr2_PDB_ins_code 
_struct_conn.ptnr1_auth_asym_id 
_struct_conn.ptnr1_auth_comp_id 
_struct_conn.ptnr1_auth_seq_id 
_struct_conn.ptnr2_auth_asym_id 
_struct_conn.ptnr2_auth_comp_id 
_struct_conn.ptnr2_auth_seq_id 
_struct_conn.ptnr2_symmetry 
_struct_conn.pdbx_ptnr3_label_atom_id 
_struct_conn.pdbx_ptnr3_label_seq_id 
_struct_conn.pdbx_ptnr3_label_comp_id 
_struct_conn.pdbx_ptnr3_label_asym_id 
_struct_conn.pdbx_ptnr3_label_alt_id 
_struct_conn.pdbx_ptnr3_PDB_ins_code 
_struct_conn.details 
_struct_conn.pdbx_dist_value 
_struct_conn.pdbx_value_order 
_struct_conn.pdbx_role 
metalc1 metalc ? ? A HIS 73 NE2 ? ? ? 1_555 B WUP . FE ? ? A HIS 51  A WUP 201 1_555 ? ? ? ? ? ? ? 1.999 ? ? 
metalc2 metalc ? ? B WUP .  FE  ? ? ? 1_555 F HOH . O  ? ? A WUP 201 A HOH 301 1_555 ? ? ? ? ? ? ? 2.503 ? ? 
# 
_struct_conn_type.id          metalc 
_struct_conn_type.criteria    ? 
_struct_conn_type.reference   ? 
# 
loop_
_pdbx_struct_conn_angle.id 
_pdbx_struct_conn_angle.ptnr1_label_atom_id 
_pdbx_struct_conn_angle.ptnr1_label_alt_id 
_pdbx_struct_conn_angle.ptnr1_label_asym_id 
_pdbx_struct_conn_angle.ptnr1_label_comp_id 
_pdbx_struct_conn_angle.ptnr1_label_seq_id 
_pdbx_struct_conn_angle.ptnr1_auth_atom_id 
_pdbx_struct_conn_angle.ptnr1_auth_asym_id 
_pdbx_struct_conn_angle.ptnr1_auth_comp_id 
_pdbx_struct_conn_angle.ptnr1_auth_seq_id 
_pdbx_struct_conn_angle.ptnr1_PDB_ins_code 
_pdbx_struct_conn_angle.ptnr1_symmetry 
_pdbx_struct_conn_angle.ptnr2_label_atom_id 
_pdbx_struct_conn_angle.ptnr2_label_alt_id 
_pdbx_struct_conn_angle.ptnr2_label_asym_id 
_pdbx_struct_conn_angle.ptnr2_label_comp_id 
_pdbx_struct_conn_angle.ptnr2_label_seq_id 
_pdbx_struct_conn_angle.ptnr2_auth_atom_id 
_pdbx_struct_conn_angle.ptnr2_auth_asym_id 
_pdbx_struct_conn_angle.ptnr2_auth_comp_id 
_pdbx_struct_conn_angle.ptnr2_auth_seq_id 
_pdbx_struct_conn_angle.ptnr2_PDB_ins_code 
_pdbx_struct_conn_angle.ptnr2_symmetry 
_pdbx_struct_conn_angle.ptnr3_label_atom_id 
_pdbx_struct_conn_angle.ptnr3_label_alt_id 
_pdbx_struct_conn_angle.ptnr3_label_asym_id 
_pdbx_struct_conn_angle.ptnr3_label_comp_id 
_pdbx_struct_conn_angle.ptnr3_label_seq_id 
_pdbx_struct_conn_angle.ptnr3_auth_atom_id 
_pdbx_struct_conn_angle.ptnr3_auth_asym_id 
_pdbx_struct_conn_angle.ptnr3_auth_comp_id 
_pdbx_struct_conn_angle.ptnr3_auth_seq_id 
_pdbx_struct_conn_angle.ptnr3_PDB_ins_code 
_pdbx_struct_conn_angle.ptnr3_symmetry 
_pdbx_struct_conn_angle.value 
_pdbx_struct_conn_angle.value_esd 
1  NE2 ? A HIS 73 ? A HIS 51  ? 1_555 FE ? B WUP . ? A WUP 201 ? 1_555 N3 ? B WUP . ? A WUP 201 ? 1_555 96.4  ? 
2  NE2 ? A HIS 73 ? A HIS 51  ? 1_555 FE ? B WUP . ? A WUP 201 ? 1_555 N4 ? B WUP . ? A WUP 201 ? 1_555 88.0  ? 
3  N3  ? B WUP .  ? A WUP 201 ? 1_555 FE ? B WUP . ? A WUP 201 ? 1_555 N4 ? B WUP . ? A WUP 201 ? 1_555 79.1  ? 
4  NE2 ? A HIS 73 ? A HIS 51  ? 1_555 FE ? B WUP . ? A WUP 201 ? 1_555 N2 ? B WUP . ? A WUP 201 ? 1_555 88.7  ? 
5  N3  ? B WUP .  ? A WUP 201 ? 1_555 FE ? B WUP . ? A WUP 201 ? 1_555 N2 ? B WUP . ? A WUP 201 ? 1_555 99.1  ? 
6  N4  ? B WUP .  ? A WUP 201 ? 1_555 FE ? B WUP . ? A WUP 201 ? 1_555 N2 ? B WUP . ? A WUP 201 ? 1_555 176.0 ? 
7  NE2 ? A HIS 73 ? A HIS 51  ? 1_555 FE ? B WUP . ? A WUP 201 ? 1_555 N1 ? B WUP . ? A WUP 201 ? 1_555 83.4  ? 
8  N3  ? B WUP .  ? A WUP 201 ? 1_555 FE ? B WUP . ? A WUP 201 ? 1_555 N1 ? B WUP . ? A WUP 201 ? 1_555 166.1 ? 
9  N4  ? B WUP .  ? A WUP 201 ? 1_555 FE ? B WUP . ? A WUP 201 ? 1_555 N1 ? B WUP . ? A WUP 201 ? 1_555 87.0  ? 
10 N2  ? B WUP .  ? A WUP 201 ? 1_555 FE ? B WUP . ? A WUP 201 ? 1_555 N1 ? B WUP . ? A WUP 201 ? 1_555 94.9  ? 
11 NE2 ? A HIS 73 ? A HIS 51  ? 1_555 FE ? B WUP . ? A WUP 201 ? 1_555 O  ? F HOH . ? A HOH 301 ? 1_555 169.4 ? 
12 N3  ? B WUP .  ? A WUP 201 ? 1_555 FE ? B WUP . ? A WUP 201 ? 1_555 O  ? F HOH . ? A HOH 301 ? 1_555 94.0  ? 
13 N4  ? B WUP .  ? A WUP 201 ? 1_555 FE ? B WUP . ? A WUP 201 ? 1_555 O  ? F HOH . ? A HOH 301 ? 1_555 96.0  ? 
14 N2  ? B WUP .  ? A WUP 201 ? 1_555 FE ? B WUP . ? A WUP 201 ? 1_555 O  ? F HOH . ? A HOH 301 ? 1_555 87.6  ? 
15 N1  ? B WUP .  ? A WUP 201 ? 1_555 FE ? B WUP . ? A WUP 201 ? 1_555 O  ? F HOH . ? A HOH 301 ? 1_555 86.9  ? 
# 
_pdbx_entry_details.entry_id                   9CTE 
_pdbx_entry_details.has_ligand_of_interest     Y 
_pdbx_entry_details.compound_details           ? 
_pdbx_entry_details.source_details             ? 
_pdbx_entry_details.nonpolymer_details         ? 
_pdbx_entry_details.sequence_details           ? 
_pdbx_entry_details.has_protein_modification   N 
# 
loop_
_pdbx_validate_torsion.id 
_pdbx_validate_torsion.PDB_model_num 
_pdbx_validate_torsion.auth_comp_id 
_pdbx_validate_torsion.auth_asym_id 
_pdbx_validate_torsion.auth_seq_id 
_pdbx_validate_torsion.PDB_ins_code 
_pdbx_validate_torsion.label_alt_id 
_pdbx_validate_torsion.phi 
_pdbx_validate_torsion.psi 
1 1 ASP A 30 ? ? -88.08  36.00   
2 1 LYS A 31 ? ? 170.36  -128.00 
3 1 ASP A 35 ? ? -49.62  -81.15  
4 1 PRO A 64 ? ? -67.36  88.71   
5 1 ALA A 69 ? ? -139.51 -143.70 
6 1 ASN A 70 ? ? 145.00  13.56   
7 1 LEU A 71 ? ? -57.50  0.02    
8 1 ASP A 90 ? ? -54.43  89.28   
# 
_pdbx_validate_peptide_omega.id               1 
_pdbx_validate_peptide_omega.PDB_model_num    1 
_pdbx_validate_peptide_omega.auth_comp_id_1   ASN 
_pdbx_validate_peptide_omega.auth_asym_id_1   A 
_pdbx_validate_peptide_omega.auth_seq_id_1    70 
_pdbx_validate_peptide_omega.PDB_ins_code_1   ? 
_pdbx_validate_peptide_omega.label_alt_id_1   ? 
_pdbx_validate_peptide_omega.auth_comp_id_2   LEU 
_pdbx_validate_peptide_omega.auth_asym_id_2   A 
_pdbx_validate_peptide_omega.auth_seq_id_2    71 
_pdbx_validate_peptide_omega.PDB_ins_code_2   ? 
_pdbx_validate_peptide_omega.label_alt_id_2   ? 
_pdbx_validate_peptide_omega.omega            128.10 
# 
loop_
_space_group_symop.id 
_space_group_symop.operation_xyz 
1  x,y,z                
2  -y+1/2,x,z+3/4       
3  y+1/2,-x,z+3/4       
4  x+1/2,-y,-z+3/4      
5  -x+1/2,y,-z+3/4      
6  -x,-y,z              
7  y,x,-z               
8  -y,-x,-z             
9  x+1/2,y+1/2,z+1/2    
10 -y+1,x+1/2,z+5/4     
11 y+1,-x+1/2,z+5/4     
12 x+1,-y+1/2,-z+5/4    
13 -x+1,y+1/2,-z+5/4    
14 -x+1/2,-y+1/2,z+1/2  
15 y+1/2,x+1/2,-z+1/2   
16 -y+1/2,-x+1/2,-z+1/2 
# 
loop_
_pdbx_unobs_or_zero_occ_residues.id 
_pdbx_unobs_or_zero_occ_residues.PDB_model_num 
_pdbx_unobs_or_zero_occ_residues.polymer_flag 
_pdbx_unobs_or_zero_occ_residues.occupancy_flag 
_pdbx_unobs_or_zero_occ_residues.auth_asym_id 
_pdbx_unobs_or_zero_occ_residues.auth_comp_id 
_pdbx_unobs_or_zero_occ_residues.auth_seq_id 
_pdbx_unobs_or_zero_occ_residues.PDB_ins_code 
_pdbx_unobs_or_zero_occ_residues.label_asym_id 
_pdbx_unobs_or_zero_occ_residues.label_comp_id 
_pdbx_unobs_or_zero_occ_residues.label_seq_id 
1  1 Y 1 A MET -21 ? A MET 1  
2  1 Y 1 A GLY -20 ? A GLY 2  
3  1 Y 1 A SER -19 ? A SER 3  
4  1 Y 1 A SER -18 ? A SER 4  
5  1 Y 1 A HIS -17 ? A HIS 5  
6  1 Y 1 A HIS -16 ? A HIS 6  
7  1 Y 1 A HIS -15 ? A HIS 7  
8  1 Y 1 A HIS -14 ? A HIS 8  
9  1 Y 1 A HIS -13 ? A HIS 9  
10 1 Y 1 A HIS -12 ? A HIS 10 
11 1 Y 1 A GLY -11 ? A GLY 11 
12 1 Y 1 A SER -10 ? A SER 12 
13 1 Y 1 A GLY -9  ? A GLY 13 
14 1 Y 1 A GLU -8  ? A GLU 14 
15 1 Y 1 A ASN -7  ? A ASN 15 
16 1 Y 1 A LEU -6  ? A LEU 16 
17 1 Y 1 A TYR -5  ? A TYR 17 
18 1 Y 1 A PHE -4  ? A PHE 18 
19 1 Y 1 A GLN -3  ? A GLN 19 
20 1 Y 1 A SER -2  ? A SER 20 
21 1 Y 1 A GLY -1  ? A GLY 21 
22 1 Y 1 A GLY 0   ? A GLY 22 
# 
loop_
_chem_comp_atom.comp_id 
_chem_comp_atom.atom_id 
_chem_comp_atom.type_symbol 
_chem_comp_atom.pdbx_aromatic_flag 
_chem_comp_atom.pdbx_stereo_config 
_chem_comp_atom.pdbx_ordinal 
ALA N    N  N N 1   
ALA CA   C  N S 2   
ALA C    C  N N 3   
ALA O    O  N N 4   
ALA CB   C  N N 5   
ALA OXT  O  N N 6   
ALA H    H  N N 7   
ALA H2   H  N N 8   
ALA HA   H  N N 9   
ALA HB1  H  N N 10  
ALA HB2  H  N N 11  
ALA HB3  H  N N 12  
ALA HXT  H  N N 13  
ARG N    N  N N 14  
ARG CA   C  N S 15  
ARG C    C  N N 16  
ARG O    O  N N 17  
ARG CB   C  N N 18  
ARG CG   C  N N 19  
ARG CD   C  N N 20  
ARG NE   N  N N 21  
ARG CZ   C  N N 22  
ARG NH1  N  N N 23  
ARG NH2  N  N N 24  
ARG OXT  O  N N 25  
ARG H    H  N N 26  
ARG H2   H  N N 27  
ARG HA   H  N N 28  
ARG HB2  H  N N 29  
ARG HB3  H  N N 30  
ARG HG2  H  N N 31  
ARG HG3  H  N N 32  
ARG HD2  H  N N 33  
ARG HD3  H  N N 34  
ARG HE   H  N N 35  
ARG HH11 H  N N 36  
ARG HH12 H  N N 37  
ARG HH21 H  N N 38  
ARG HH22 H  N N 39  
ARG HXT  H  N N 40  
ASN N    N  N N 41  
ASN CA   C  N S 42  
ASN C    C  N N 43  
ASN O    O  N N 44  
ASN CB   C  N N 45  
ASN CG   C  N N 46  
ASN OD1  O  N N 47  
ASN ND2  N  N N 48  
ASN OXT  O  N N 49  
ASN H    H  N N 50  
ASN H2   H  N N 51  
ASN HA   H  N N 52  
ASN HB2  H  N N 53  
ASN HB3  H  N N 54  
ASN HD21 H  N N 55  
ASN HD22 H  N N 56  
ASN HXT  H  N N 57  
ASP N    N  N N 58  
ASP CA   C  N S 59  
ASP C    C  N N 60  
ASP O    O  N N 61  
ASP CB   C  N N 62  
ASP CG   C  N N 63  
ASP OD1  O  N N 64  
ASP OD2  O  N N 65  
ASP OXT  O  N N 66  
ASP H    H  N N 67  
ASP H2   H  N N 68  
ASP HA   H  N N 69  
ASP HB2  H  N N 70  
ASP HB3  H  N N 71  
ASP HD2  H  N N 72  
ASP HXT  H  N N 73  
CL  CL   CL N N 74  
GLN N    N  N N 75  
GLN CA   C  N S 76  
GLN C    C  N N 77  
GLN O    O  N N 78  
GLN CB   C  N N 79  
GLN CG   C  N N 80  
GLN CD   C  N N 81  
GLN OE1  O  N N 82  
GLN NE2  N  N N 83  
GLN OXT  O  N N 84  
GLN H    H  N N 85  
GLN H2   H  N N 86  
GLN HA   H  N N 87  
GLN HB2  H  N N 88  
GLN HB3  H  N N 89  
GLN HG2  H  N N 90  
GLN HG3  H  N N 91  
GLN HE21 H  N N 92  
GLN HE22 H  N N 93  
GLN HXT  H  N N 94  
GLU N    N  N N 95  
GLU CA   C  N S 96  
GLU C    C  N N 97  
GLU O    O  N N 98  
GLU CB   C  N N 99  
GLU CG   C  N N 100 
GLU CD   C  N N 101 
GLU OE1  O  N N 102 
GLU OE2  O  N N 103 
GLU OXT  O  N N 104 
GLU H    H  N N 105 
GLU H2   H  N N 106 
GLU HA   H  N N 107 
GLU HB2  H  N N 108 
GLU HB3  H  N N 109 
GLU HG2  H  N N 110 
GLU HG3  H  N N 111 
GLU HE2  H  N N 112 
GLU HXT  H  N N 113 
GLY N    N  N N 114 
GLY CA   C  N N 115 
GLY C    C  N N 116 
GLY O    O  N N 117 
GLY OXT  O  N N 118 
GLY H    H  N N 119 
GLY H2   H  N N 120 
GLY HA2  H  N N 121 
GLY HA3  H  N N 122 
GLY HXT  H  N N 123 
HIS N    N  N N 124 
HIS CA   C  N S 125 
HIS C    C  N N 126 
HIS O    O  N N 127 
HIS CB   C  N N 128 
HIS CG   C  Y N 129 
HIS ND1  N  Y N 130 
HIS CD2  C  Y N 131 
HIS CE1  C  Y N 132 
HIS NE2  N  Y N 133 
HIS OXT  O  N N 134 
HIS H    H  N N 135 
HIS H2   H  N N 136 
HIS HA   H  N N 137 
HIS HB2  H  N N 138 
HIS HB3  H  N N 139 
HIS HD1  H  N N 140 
HIS HD2  H  N N 141 
HIS HE1  H  N N 142 
HIS HE2  H  N N 143 
HIS HXT  H  N N 144 
HOH O    O  N N 145 
HOH H1   H  N N 146 
HOH H2   H  N N 147 
ILE N    N  N N 148 
ILE CA   C  N S 149 
ILE C    C  N N 150 
ILE O    O  N N 151 
ILE CB   C  N S 152 
ILE CG1  C  N N 153 
ILE CG2  C  N N 154 
ILE CD1  C  N N 155 
ILE OXT  O  N N 156 
ILE H    H  N N 157 
ILE H2   H  N N 158 
ILE HA   H  N N 159 
ILE HB   H  N N 160 
ILE HG12 H  N N 161 
ILE HG13 H  N N 162 
ILE HG21 H  N N 163 
ILE HG22 H  N N 164 
ILE HG23 H  N N 165 
ILE HD11 H  N N 166 
ILE HD12 H  N N 167 
ILE HD13 H  N N 168 
ILE HXT  H  N N 169 
LEU N    N  N N 170 
LEU CA   C  N S 171 
LEU C    C  N N 172 
LEU O    O  N N 173 
LEU CB   C  N N 174 
LEU CG   C  N N 175 
LEU CD1  C  N N 176 
LEU CD2  C  N N 177 
LEU OXT  O  N N 178 
LEU H    H  N N 179 
LEU H2   H  N N 180 
LEU HA   H  N N 181 
LEU HB2  H  N N 182 
LEU HB3  H  N N 183 
LEU HG   H  N N 184 
LEU HD11 H  N N 185 
LEU HD12 H  N N 186 
LEU HD13 H  N N 187 
LEU HD21 H  N N 188 
LEU HD22 H  N N 189 
LEU HD23 H  N N 190 
LEU HXT  H  N N 191 
LYS N    N  N N 192 
LYS CA   C  N S 193 
LYS C    C  N N 194 
LYS O    O  N N 195 
LYS CB   C  N N 196 
LYS CG   C  N N 197 
LYS CD   C  N N 198 
LYS CE   C  N N 199 
LYS NZ   N  N N 200 
LYS OXT  O  N N 201 
LYS H    H  N N 202 
LYS H2   H  N N 203 
LYS HA   H  N N 204 
LYS HB2  H  N N 205 
LYS HB3  H  N N 206 
LYS HG2  H  N N 207 
LYS HG3  H  N N 208 
LYS HD2  H  N N 209 
LYS HD3  H  N N 210 
LYS HE2  H  N N 211 
LYS HE3  H  N N 212 
LYS HZ1  H  N N 213 
LYS HZ2  H  N N 214 
LYS HZ3  H  N N 215 
LYS HXT  H  N N 216 
MET N    N  N N 217 
MET CA   C  N S 218 
MET C    C  N N 219 
MET O    O  N N 220 
MET CB   C  N N 221 
MET CG   C  N N 222 
MET SD   S  N N 223 
MET CE   C  N N 224 
MET OXT  O  N N 225 
MET H    H  N N 226 
MET H2   H  N N 227 
MET HA   H  N N 228 
MET HB2  H  N N 229 
MET HB3  H  N N 230 
MET HG2  H  N N 231 
MET HG3  H  N N 232 
MET HE1  H  N N 233 
MET HE2  H  N N 234 
MET HE3  H  N N 235 
MET HXT  H  N N 236 
PHE N    N  N N 237 
PHE CA   C  N S 238 
PHE C    C  N N 239 
PHE O    O  N N 240 
PHE CB   C  N N 241 
PHE CG   C  Y N 242 
PHE CD1  C  Y N 243 
PHE CD2  C  Y N 244 
PHE CE1  C  Y N 245 
PHE CE2  C  Y N 246 
PHE CZ   C  Y N 247 
PHE OXT  O  N N 248 
PHE H    H  N N 249 
PHE H2   H  N N 250 
PHE HA   H  N N 251 
PHE HB2  H  N N 252 
PHE HB3  H  N N 253 
PHE HD1  H  N N 254 
PHE HD2  H  N N 255 
PHE HE1  H  N N 256 
PHE HE2  H  N N 257 
PHE HZ   H  N N 258 
PHE HXT  H  N N 259 
PRO N    N  N N 260 
PRO CA   C  N S 261 
PRO C    C  N N 262 
PRO O    O  N N 263 
PRO CB   C  N N 264 
PRO CG   C  N N 265 
PRO CD   C  N N 266 
PRO OXT  O  N N 267 
PRO H    H  N N 268 
PRO HA   H  N N 269 
PRO HB2  H  N N 270 
PRO HB3  H  N N 271 
PRO HG2  H  N N 272 
PRO HG3  H  N N 273 
PRO HD2  H  N N 274 
PRO HD3  H  N N 275 
PRO HXT  H  N N 276 
SER N    N  N N 277 
SER CA   C  N S 278 
SER C    C  N N 279 
SER O    O  N N 280 
SER CB   C  N N 281 
SER OG   O  N N 282 
SER OXT  O  N N 283 
SER H    H  N N 284 
SER H2   H  N N 285 
SER HA   H  N N 286 
SER HB2  H  N N 287 
SER HB3  H  N N 288 
SER HG   H  N N 289 
SER HXT  H  N N 290 
THR N    N  N N 291 
THR CA   C  N S 292 
THR C    C  N N 293 
THR O    O  N N 294 
THR CB   C  N R 295 
THR OG1  O  N N 296 
THR CG2  C  N N 297 
THR OXT  O  N N 298 
THR H    H  N N 299 
THR H2   H  N N 300 
THR HA   H  N N 301 
THR HB   H  N N 302 
THR HG1  H  N N 303 
THR HG21 H  N N 304 
THR HG22 H  N N 305 
THR HG23 H  N N 306 
THR HXT  H  N N 307 
TRP N    N  N N 308 
TRP CA   C  N S 309 
TRP C    C  N N 310 
TRP O    O  N N 311 
TRP CB   C  N N 312 
TRP CG   C  Y N 313 
TRP CD1  C  Y N 314 
TRP CD2  C  Y N 315 
TRP NE1  N  Y N 316 
TRP CE2  C  Y N 317 
TRP CE3  C  Y N 318 
TRP CZ2  C  Y N 319 
TRP CZ3  C  Y N 320 
TRP CH2  C  Y N 321 
TRP OXT  O  N N 322 
TRP H    H  N N 323 
TRP H2   H  N N 324 
TRP HA   H  N N 325 
TRP HB2  H  N N 326 
TRP HB3  H  N N 327 
TRP HD1  H  N N 328 
TRP HE1  H  N N 329 
TRP HE3  H  N N 330 
TRP HZ2  H  N N 331 
TRP HZ3  H  N N 332 
TRP HH2  H  N N 333 
TRP HXT  H  N N 334 
TYR N    N  N N 335 
TYR CA   C  N S 336 
TYR C    C  N N 337 
TYR O    O  N N 338 
TYR CB   C  N N 339 
TYR CG   C  Y N 340 
TYR CD1  C  Y N 341 
TYR CD2  C  Y N 342 
TYR CE1  C  Y N 343 
TYR CE2  C  Y N 344 
TYR CZ   C  Y N 345 
TYR OH   O  N N 346 
TYR OXT  O  N N 347 
TYR H    H  N N 348 
TYR H2   H  N N 349 
TYR HA   H  N N 350 
TYR HB2  H  N N 351 
TYR HB3  H  N N 352 
TYR HD1  H  N N 353 
TYR HD2  H  N N 354 
TYR HE1  H  N N 355 
TYR HE2  H  N N 356 
TYR HH   H  N N 357 
TYR HXT  H  N N 358 
VAL N    N  N N 359 
VAL CA   C  N S 360 
VAL C    C  N N 361 
VAL O    O  N N 362 
VAL CB   C  N N 363 
VAL CG1  C  N N 364 
VAL CG2  C  N N 365 
VAL OXT  O  N N 366 
VAL H    H  N N 367 
VAL H2   H  N N 368 
VAL HA   H  N N 369 
VAL HB   H  N N 370 
VAL HG11 H  N N 371 
VAL HG12 H  N N 372 
VAL HG13 H  N N 373 
VAL HG21 H  N N 374 
VAL HG22 H  N N 375 
VAL HG23 H  N N 376 
VAL HXT  H  N N 377 
WUP C32  C  Y N 378 
WUP C31  C  Y N 379 
WUP C30  C  Y N 380 
WUP C29  C  Y N 381 
WUP C28  C  Y N 382 
WUP C21  C  Y N 383 
WUP C18  C  N N 384 
WUP C8   C  Y N 385 
WUP C7   C  Y N 386 
WUP C6   C  Y N 387 
WUP N2   N  Y N 388 
WUP C5   C  Y N 389 
WUP C19  C  N N 390 
WUP C4   C  N N 391 
WUP N1   N  N N 392 
WUP C3   C  N N 393 
WUP C2   C  N N 394 
WUP C12  C  N N 395 
WUP C11  C  N N 396 
WUP C10  C  N N 397 
WUP N3   N  N N 398 
WUP C9   C  N N 399 
WUP C17  C  N N 400 
WUP C16  C  N N 401 
WUP C15  C  N N 402 
WUP C14  C  N N 403 
WUP N4   N  N N 404 
WUP C13  C  N N 405 
WUP C20  C  N N 406 
WUP C1   C  N N 407 
WUP C22  C  Y N 408 
WUP C27  C  Y N 409 
WUP C26  C  Y N 410 
WUP C25  C  Y N 411 
WUP C24  C  Y N 412 
WUP C23  C  Y N 413 
WUP FE   FE N N 414 
WUP H1   H  N N 415 
WUP H2   H  N N 416 
WUP H3   H  N N 417 
WUP H4   H  N N 418 
WUP H5   H  N N 419 
WUP H6   H  N N 420 
WUP H7   H  N N 421 
WUP H8   H  N N 422 
WUP H9   H  N N 423 
WUP H10  H  N N 424 
WUP H11  H  N N 425 
WUP H12  H  N N 426 
WUP H13  H  N N 427 
WUP H14  H  N N 428 
WUP H15  H  N N 429 
WUP H16  H  N N 430 
WUP H17  H  N N 431 
WUP H18  H  N N 432 
WUP H19  H  N N 433 
WUP H20  H  N N 434 
# 
loop_
_chem_comp_bond.comp_id 
_chem_comp_bond.atom_id_1 
_chem_comp_bond.atom_id_2 
_chem_comp_bond.value_order 
_chem_comp_bond.pdbx_aromatic_flag 
_chem_comp_bond.pdbx_stereo_config 
_chem_comp_bond.pdbx_ordinal 
ALA N   CA   sing N N 1   
ALA N   H    sing N N 2   
ALA N   H2   sing N N 3   
ALA CA  C    sing N N 4   
ALA CA  CB   sing N N 5   
ALA CA  HA   sing N N 6   
ALA C   O    doub N N 7   
ALA C   OXT  sing N N 8   
ALA CB  HB1  sing N N 9   
ALA CB  HB2  sing N N 10  
ALA CB  HB3  sing N N 11  
ALA OXT HXT  sing N N 12  
ARG N   CA   sing N N 13  
ARG N   H    sing N N 14  
ARG N   H2   sing N N 15  
ARG CA  C    sing N N 16  
ARG CA  CB   sing N N 17  
ARG CA  HA   sing N N 18  
ARG C   O    doub N N 19  
ARG C   OXT  sing N N 20  
ARG CB  CG   sing N N 21  
ARG CB  HB2  sing N N 22  
ARG CB  HB3  sing N N 23  
ARG CG  CD   sing N N 24  
ARG CG  HG2  sing N N 25  
ARG CG  HG3  sing N N 26  
ARG CD  NE   sing N N 27  
ARG CD  HD2  sing N N 28  
ARG CD  HD3  sing N N 29  
ARG NE  CZ   sing N N 30  
ARG NE  HE   sing N N 31  
ARG CZ  NH1  sing N N 32  
ARG CZ  NH2  doub N N 33  
ARG NH1 HH11 sing N N 34  
ARG NH1 HH12 sing N N 35  
ARG NH2 HH21 sing N N 36  
ARG NH2 HH22 sing N N 37  
ARG OXT HXT  sing N N 38  
ASN N   CA   sing N N 39  
ASN N   H    sing N N 40  
ASN N   H2   sing N N 41  
ASN CA  C    sing N N 42  
ASN CA  CB   sing N N 43  
ASN CA  HA   sing N N 44  
ASN C   O    doub N N 45  
ASN C   OXT  sing N N 46  
ASN CB  CG   sing N N 47  
ASN CB  HB2  sing N N 48  
ASN CB  HB3  sing N N 49  
ASN CG  OD1  doub N N 50  
ASN CG  ND2  sing N N 51  
ASN ND2 HD21 sing N N 52  
ASN ND2 HD22 sing N N 53  
ASN OXT HXT  sing N N 54  
ASP N   CA   sing N N 55  
ASP N   H    sing N N 56  
ASP N   H2   sing N N 57  
ASP CA  C    sing N N 58  
ASP CA  CB   sing N N 59  
ASP CA  HA   sing N N 60  
ASP C   O    doub N N 61  
ASP C   OXT  sing N N 62  
ASP CB  CG   sing N N 63  
ASP CB  HB2  sing N N 64  
ASP CB  HB3  sing N N 65  
ASP CG  OD1  doub N N 66  
ASP CG  OD2  sing N N 67  
ASP OD2 HD2  sing N N 68  
ASP OXT HXT  sing N N 69  
GLN N   CA   sing N N 70  
GLN N   H    sing N N 71  
GLN N   H2   sing N N 72  
GLN CA  C    sing N N 73  
GLN CA  CB   sing N N 74  
GLN CA  HA   sing N N 75  
GLN C   O    doub N N 76  
GLN C   OXT  sing N N 77  
GLN CB  CG   sing N N 78  
GLN CB  HB2  sing N N 79  
GLN CB  HB3  sing N N 80  
GLN CG  CD   sing N N 81  
GLN CG  HG2  sing N N 82  
GLN CG  HG3  sing N N 83  
GLN CD  OE1  doub N N 84  
GLN CD  NE2  sing N N 85  
GLN NE2 HE21 sing N N 86  
GLN NE2 HE22 sing N N 87  
GLN OXT HXT  sing N N 88  
GLU N   CA   sing N N 89  
GLU N   H    sing N N 90  
GLU N   H2   sing N N 91  
GLU CA  C    sing N N 92  
GLU CA  CB   sing N N 93  
GLU CA  HA   sing N N 94  
GLU C   O    doub N N 95  
GLU C   OXT  sing N N 96  
GLU CB  CG   sing N N 97  
GLU CB  HB2  sing N N 98  
GLU CB  HB3  sing N N 99  
GLU CG  CD   sing N N 100 
GLU CG  HG2  sing N N 101 
GLU CG  HG3  sing N N 102 
GLU CD  OE1  doub N N 103 
GLU CD  OE2  sing N N 104 
GLU OE2 HE2  sing N N 105 
GLU OXT HXT  sing N N 106 
GLY N   CA   sing N N 107 
GLY N   H    sing N N 108 
GLY N   H2   sing N N 109 
GLY CA  C    sing N N 110 
GLY CA  HA2  sing N N 111 
GLY CA  HA3  sing N N 112 
GLY C   O    doub N N 113 
GLY C   OXT  sing N N 114 
GLY OXT HXT  sing N N 115 
HIS N   CA   sing N N 116 
HIS N   H    sing N N 117 
HIS N   H2   sing N N 118 
HIS CA  C    sing N N 119 
HIS CA  CB   sing N N 120 
HIS CA  HA   sing N N 121 
HIS C   O    doub N N 122 
HIS C   OXT  sing N N 123 
HIS CB  CG   sing N N 124 
HIS CB  HB2  sing N N 125 
HIS CB  HB3  sing N N 126 
HIS CG  ND1  sing Y N 127 
HIS CG  CD2  doub Y N 128 
HIS ND1 CE1  doub Y N 129 
HIS ND1 HD1  sing N N 130 
HIS CD2 NE2  sing Y N 131 
HIS CD2 HD2  sing N N 132 
HIS CE1 NE2  sing Y N 133 
HIS CE1 HE1  sing N N 134 
HIS NE2 HE2  sing N N 135 
HIS OXT HXT  sing N N 136 
HOH O   H1   sing N N 137 
HOH O   H2   sing N N 138 
ILE N   CA   sing N N 139 
ILE N   H    sing N N 140 
ILE N   H2   sing N N 141 
ILE CA  C    sing N N 142 
ILE CA  CB   sing N N 143 
ILE CA  HA   sing N N 144 
ILE C   O    doub N N 145 
ILE C   OXT  sing N N 146 
ILE CB  CG1  sing N N 147 
ILE CB  CG2  sing N N 148 
ILE CB  HB   sing N N 149 
ILE CG1 CD1  sing N N 150 
ILE CG1 HG12 sing N N 151 
ILE CG1 HG13 sing N N 152 
ILE CG2 HG21 sing N N 153 
ILE CG2 HG22 sing N N 154 
ILE CG2 HG23 sing N N 155 
ILE CD1 HD11 sing N N 156 
ILE CD1 HD12 sing N N 157 
ILE CD1 HD13 sing N N 158 
ILE OXT HXT  sing N N 159 
LEU N   CA   sing N N 160 
LEU N   H    sing N N 161 
LEU N   H2   sing N N 162 
LEU CA  C    sing N N 163 
LEU CA  CB   sing N N 164 
LEU CA  HA   sing N N 165 
LEU C   O    doub N N 166 
LEU C   OXT  sing N N 167 
LEU CB  CG   sing N N 168 
LEU CB  HB2  sing N N 169 
LEU CB  HB3  sing N N 170 
LEU CG  CD1  sing N N 171 
LEU CG  CD2  sing N N 172 
LEU CG  HG   sing N N 173 
LEU CD1 HD11 sing N N 174 
LEU CD1 HD12 sing N N 175 
LEU CD1 HD13 sing N N 176 
LEU CD2 HD21 sing N N 177 
LEU CD2 HD22 sing N N 178 
LEU CD2 HD23 sing N N 179 
LEU OXT HXT  sing N N 180 
LYS N   CA   sing N N 181 
LYS N   H    sing N N 182 
LYS N   H2   sing N N 183 
LYS CA  C    sing N N 184 
LYS CA  CB   sing N N 185 
LYS CA  HA   sing N N 186 
LYS C   O    doub N N 187 
LYS C   OXT  sing N N 188 
LYS CB  CG   sing N N 189 
LYS CB  HB2  sing N N 190 
LYS CB  HB3  sing N N 191 
LYS CG  CD   sing N N 192 
LYS CG  HG2  sing N N 193 
LYS CG  HG3  sing N N 194 
LYS CD  CE   sing N N 195 
LYS CD  HD2  sing N N 196 
LYS CD  HD3  sing N N 197 
LYS CE  NZ   sing N N 198 
LYS CE  HE2  sing N N 199 
LYS CE  HE3  sing N N 200 
LYS NZ  HZ1  sing N N 201 
LYS NZ  HZ2  sing N N 202 
LYS NZ  HZ3  sing N N 203 
LYS OXT HXT  sing N N 204 
MET N   CA   sing N N 205 
MET N   H    sing N N 206 
MET N   H2   sing N N 207 
MET CA  C    sing N N 208 
MET CA  CB   sing N N 209 
MET CA  HA   sing N N 210 
MET C   O    doub N N 211 
MET C   OXT  sing N N 212 
MET CB  CG   sing N N 213 
MET CB  HB2  sing N N 214 
MET CB  HB3  sing N N 215 
MET CG  SD   sing N N 216 
MET CG  HG2  sing N N 217 
MET CG  HG3  sing N N 218 
MET SD  CE   sing N N 219 
MET CE  HE1  sing N N 220 
MET CE  HE2  sing N N 221 
MET CE  HE3  sing N N 222 
MET OXT HXT  sing N N 223 
PHE N   CA   sing N N 224 
PHE N   H    sing N N 225 
PHE N   H2   sing N N 226 
PHE CA  C    sing N N 227 
PHE CA  CB   sing N N 228 
PHE CA  HA   sing N N 229 
PHE C   O    doub N N 230 
PHE C   OXT  sing N N 231 
PHE CB  CG   sing N N 232 
PHE CB  HB2  sing N N 233 
PHE CB  HB3  sing N N 234 
PHE CG  CD1  doub Y N 235 
PHE CG  CD2  sing Y N 236 
PHE CD1 CE1  sing Y N 237 
PHE CD1 HD1  sing N N 238 
PHE CD2 CE2  doub Y N 239 
PHE CD2 HD2  sing N N 240 
PHE CE1 CZ   doub Y N 241 
PHE CE1 HE1  sing N N 242 
PHE CE2 CZ   sing Y N 243 
PHE CE2 HE2  sing N N 244 
PHE CZ  HZ   sing N N 245 
PHE OXT HXT  sing N N 246 
PRO N   CA   sing N N 247 
PRO N   CD   sing N N 248 
PRO N   H    sing N N 249 
PRO CA  C    sing N N 250 
PRO CA  CB   sing N N 251 
PRO CA  HA   sing N N 252 
PRO C   O    doub N N 253 
PRO C   OXT  sing N N 254 
PRO CB  CG   sing N N 255 
PRO CB  HB2  sing N N 256 
PRO CB  HB3  sing N N 257 
PRO CG  CD   sing N N 258 
PRO CG  HG2  sing N N 259 
PRO CG  HG3  sing N N 260 
PRO CD  HD2  sing N N 261 
PRO CD  HD3  sing N N 262 
PRO OXT HXT  sing N N 263 
SER N   CA   sing N N 264 
SER N   H    sing N N 265 
SER N   H2   sing N N 266 
SER CA  C    sing N N 267 
SER CA  CB   sing N N 268 
SER CA  HA   sing N N 269 
SER C   O    doub N N 270 
SER C   OXT  sing N N 271 
SER CB  OG   sing N N 272 
SER CB  HB2  sing N N 273 
SER CB  HB3  sing N N 274 
SER OG  HG   sing N N 275 
SER OXT HXT  sing N N 276 
THR N   CA   sing N N 277 
THR N   H    sing N N 278 
THR N   H2   sing N N 279 
THR CA  C    sing N N 280 
THR CA  CB   sing N N 281 
THR CA  HA   sing N N 282 
THR C   O    doub N N 283 
THR C   OXT  sing N N 284 
THR CB  OG1  sing N N 285 
THR CB  CG2  sing N N 286 
THR CB  HB   sing N N 287 
THR OG1 HG1  sing N N 288 
THR CG2 HG21 sing N N 289 
THR CG2 HG22 sing N N 290 
THR CG2 HG23 sing N N 291 
THR OXT HXT  sing N N 292 
TRP N   CA   sing N N 293 
TRP N   H    sing N N 294 
TRP N   H2   sing N N 295 
TRP CA  C    sing N N 296 
TRP CA  CB   sing N N 297 
TRP CA  HA   sing N N 298 
TRP C   O    doub N N 299 
TRP C   OXT  sing N N 300 
TRP CB  CG   sing N N 301 
TRP CB  HB2  sing N N 302 
TRP CB  HB3  sing N N 303 
TRP CG  CD1  doub Y N 304 
TRP CG  CD2  sing Y N 305 
TRP CD1 NE1  sing Y N 306 
TRP CD1 HD1  sing N N 307 
TRP CD2 CE2  doub Y N 308 
TRP CD2 CE3  sing Y N 309 
TRP NE1 CE2  sing Y N 310 
TRP NE1 HE1  sing N N 311 
TRP CE2 CZ2  sing Y N 312 
TRP CE3 CZ3  doub Y N 313 
TRP CE3 HE3  sing N N 314 
TRP CZ2 CH2  doub Y N 315 
TRP CZ2 HZ2  sing N N 316 
TRP CZ3 CH2  sing Y N 317 
TRP CZ3 HZ3  sing N N 318 
TRP CH2 HH2  sing N N 319 
TRP OXT HXT  sing N N 320 
TYR N   CA   sing N N 321 
TYR N   H    sing N N 322 
TYR N   H2   sing N N 323 
TYR CA  C    sing N N 324 
TYR CA  CB   sing N N 325 
TYR CA  HA   sing N N 326 
TYR C   O    doub N N 327 
TYR C   OXT  sing N N 328 
TYR CB  CG   sing N N 329 
TYR CB  HB2  sing N N 330 
TYR CB  HB3  sing N N 331 
TYR CG  CD1  doub Y N 332 
TYR CG  CD2  sing Y N 333 
TYR CD1 CE1  sing Y N 334 
TYR CD1 HD1  sing N N 335 
TYR CD2 CE2  doub Y N 336 
TYR CD2 HD2  sing N N 337 
TYR CE1 CZ   doub Y N 338 
TYR CE1 HE1  sing N N 339 
TYR CE2 CZ   sing Y N 340 
TYR CE2 HE2  sing N N 341 
TYR CZ  OH   sing N N 342 
TYR OH  HH   sing N N 343 
TYR OXT HXT  sing N N 344 
VAL N   CA   sing N N 345 
VAL N   H    sing N N 346 
VAL N   H2   sing N N 347 
VAL CA  C    sing N N 348 
VAL CA  CB   sing N N 349 
VAL CA  HA   sing N N 350 
VAL C   O    doub N N 351 
VAL C   OXT  sing N N 352 
VAL CB  CG1  sing N N 353 
VAL CB  CG2  sing N N 354 
VAL CB  HB   sing N N 355 
VAL CG1 HG11 sing N N 356 
VAL CG1 HG12 sing N N 357 
VAL CG1 HG13 sing N N 358 
VAL CG2 HG21 sing N N 359 
VAL CG2 HG22 sing N N 360 
VAL CG2 HG23 sing N N 361 
VAL OXT HXT  sing N N 362 
WUP C31 C32  doub Y N 363 
WUP C31 C30  sing Y N 364 
WUP C32 C21  sing Y N 365 
WUP C30 C29  doub Y N 366 
WUP C23 C24  doub Y N 367 
WUP C23 C22  sing Y N 368 
WUP C24 C25  sing Y N 369 
WUP C11 C10  doub N N 370 
WUP C11 C12  sing N N 371 
WUP C10 C9   sing N N 372 
WUP C21 C18  sing N N 373 
WUP C21 C28  doub Y N 374 
WUP C12 C18  doub N N 375 
WUP C12 N3   sing N N 376 
WUP C9  C17  sing N N 377 
WUP C9  N3   doub N N 378 
WUP C17 C16  doub N N 379 
WUP C18 C8   sing N N 380 
WUP N3  FE   sing N N 381 
WUP C16 C15  sing N N 382 
WUP C16 N4   sing N N 383 
WUP C15 C14  doub N N 384 
WUP N4  FE   sing N N 385 
WUP N4  C13  sing N N 386 
WUP C8  C7   doub Y N 387 
WUP C8  N2   sing Y N 388 
WUP FE  N2   sing N N 389 
WUP FE  N1   sing N N 390 
WUP C14 C13  sing N N 391 
WUP C13 C20  doub N N 392 
WUP C7  C6   sing Y N 393 
WUP N2  C5   sing Y N 394 
WUP C20 C22  sing N N 395 
WUP C20 C1   sing N N 396 
WUP C29 C28  sing Y N 397 
WUP C6  C5   doub Y N 398 
WUP C22 C27  doub Y N 399 
WUP C25 C26  doub Y N 400 
WUP N1  C1   doub N N 401 
WUP N1  C4   sing N N 402 
WUP C5  C19  sing N N 403 
WUP C1  C2   sing N N 404 
WUP C4  C19  doub N N 405 
WUP C4  C3   sing N N 406 
WUP C2  C3   doub N N 407 
WUP C27 C26  sing Y N 408 
WUP C32 H1   sing N N 409 
WUP C31 H2   sing N N 410 
WUP C30 H3   sing N N 411 
WUP C29 H4   sing N N 412 
WUP C28 H5   sing N N 413 
WUP C7  H6   sing N N 414 
WUP C6  H7   sing N N 415 
WUP C19 H8   sing N N 416 
WUP C3  H9   sing N N 417 
WUP C2  H10  sing N N 418 
WUP C11 H11  sing N N 419 
WUP C10 H12  sing N N 420 
WUP C17 H13  sing N N 421 
WUP C15 H14  sing N N 422 
WUP C14 H15  sing N N 423 
WUP C27 H16  sing N N 424 
WUP C26 H17  sing N N 425 
WUP C25 H18  sing N N 426 
WUP C24 H19  sing N N 427 
WUP C23 H20  sing N N 428 
# 
loop_
_pdbx_audit_support.funding_organization 
_pdbx_audit_support.country 
_pdbx_audit_support.grant_number 
_pdbx_audit_support.ordinal 
'National Science Foundation (NSF, United States)'                                         'United States' ? 1 
'National Institutes of Health/National Institute of General Medical Sciences (NIH/NIGMS)' 'United States' ? 2 
# 
_pdbx_initial_refinement_model.id               1 
_pdbx_initial_refinement_model.entity_id_list   ? 
_pdbx_initial_refinement_model.type             'in silico model' 
_pdbx_initial_refinement_model.source_name      Other 
_pdbx_initial_refinement_model.accession_code   ? 
_pdbx_initial_refinement_model.details          ESMfold 
# 
_space_group.name_H-M_alt     'I 41 2 2' 
_space_group.name_Hall        'I 4bw 2bw' 
_space_group.IT_number        98 
_space_group.crystal_system   tetragonal 
_space_group.id               1 
# 
_atom_sites.entry_id                    9CTE 
_atom_sites.Cartn_transf_matrix[1][1]   ? 
_atom_sites.Cartn_transf_matrix[1][2]   ? 
_atom_sites.Cartn_transf_matrix[1][3]   ? 
_atom_sites.Cartn_transf_matrix[2][1]   ? 
_atom_sites.Cartn_transf_matrix[2][2]   ? 
_atom_sites.Cartn_transf_matrix[2][3]   ? 
_atom_sites.Cartn_transf_matrix[3][1]   ? 
_atom_sites.Cartn_transf_matrix[3][2]   ? 
_atom_sites.Cartn_transf_matrix[3][3]   ? 
_atom_sites.Cartn_transf_vector[1]      ? 
_atom_sites.Cartn_transf_vector[2]      ? 
_atom_sites.Cartn_transf_vector[3]      ? 
_atom_sites.Cartn_transform_axes        ? 
_atom_sites.fract_transf_matrix[1][1]   -0.00354900 
_atom_sites.fract_transf_matrix[1][2]   0.00270457 
_atom_sites.fract_transf_matrix[1][3]   -0.01330259 
_atom_sites.fract_transf_matrix[2][1]   0.01264552 
_atom_sites.fract_transf_matrix[2][2]   -0.00434096 
_atom_sites.fract_transf_matrix[2][3]   -0.00425627 
_atom_sites.fract_transf_matrix[3][1]   -0.00306061 
_atom_sites.fract_transf_matrix[3][2]   -0.00810141 
_atom_sites.fract_transf_matrix[3][3]   -0.00083057 
_atom_sites.fract_transf_vector[1]      0.382624 
_atom_sites.fract_transf_vector[2]      0.147755 
_atom_sites.fract_transf_vector[3]      0.059662 
_atom_sites.solution_primary            ? 
_atom_sites.solution_secondary          ? 
_atom_sites.solution_hydrogens          ? 
_atom_sites.special_details             ? 
# 
loop_
_atom_type.symbol 
_atom_type.scat_dispersion_real 
_atom_type.scat_dispersion_imag 
_atom_type.scat_Cromer_Mann_a1 
_atom_type.scat_Cromer_Mann_a2 
_atom_type.scat_Cromer_Mann_a3 
_atom_type.scat_Cromer_Mann_a4 
_atom_type.scat_Cromer_Mann_b1 
_atom_type.scat_Cromer_Mann_b2 
_atom_type.scat_Cromer_Mann_b3 
_atom_type.scat_Cromer_Mann_b4 
_atom_type.scat_Cromer_Mann_c 
_atom_type.scat_source 
_atom_type.scat_dispersion_source 
C  ? ? 3.54356  2.42580 ? ? 25.62398 1.50364  ? ? 0.0 
;2-Gaussian fit: Grosse-Kunstleve RW, Sauter NK, Adams PD: Newsletter of the IUCr Commission on Crystallographic Computing 2004, 3, 22-31.
;
? 
CL ? ? 9.50761  7.44341 ? ? 1.04373  23.83732 ? ? 0.0 
;2-Gaussian fit: Grosse-Kunstleve RW, Sauter NK, Adams PD: Newsletter of the IUCr Commission on Crystallographic Computing 2004, 3, 22-31.
;
? 
FE ? ? 20.90327 4.99816 ? ? 2.55100  38.46870 ? ? 0.0 
;2-Gaussian fit: Grosse-Kunstleve RW, Sauter NK, Adams PD: Newsletter of the IUCr Commission on Crystallographic Computing 2004, 3, 22-31.
;
? 
H  ? ? 0.51345  0.48472 ? ? 24.73122 6.32584  ? ? 0.0 
;2-Gaussian fit: Grosse-Kunstleve RW, Sauter NK, Adams PD: Newsletter of the IUCr Commission on Crystallographic Computing 2004, 3, 22-31.
;
? 
N  ? ? 4.01032  2.96436 ? ? 19.97189 1.75589  ? ? 0.0 
;2-Gaussian fit: Grosse-Kunstleve RW, Sauter NK, Adams PD: Newsletter of the IUCr Commission on Crystallographic Computing 2004, 3, 22-31.
;
? 
O  ? ? 4.49882  3.47563 ? ? 15.80542 1.70748  ? ? 0.0 
;2-Gaussian fit: Grosse-Kunstleve RW, Sauter NK, Adams PD: Newsletter of the IUCr Commission on Crystallographic Computing 2004, 3, 22-31.
;
? 
# 
loop_
_atom_site.group_PDB 
_atom_site.id 
_atom_site.type_symbol 
_atom_site.label_atom_id 
_atom_site.label_alt_id 
_atom_site.label_comp_id 
_atom_site.label_asym_id 
_atom_site.label_entity_id 
_atom_site.label_seq_id 
_atom_site.pdbx_PDB_ins_code 
_atom_site.Cartn_x 
_atom_site.Cartn_y 
_atom_site.Cartn_z 
_atom_site.occupancy 
_atom_site.B_iso_or_equiv 
_atom_site.pdbx_formal_charge 
_atom_site.auth_seq_id 
_atom_site.auth_comp_id 
_atom_site.auth_asym_id 
_atom_site.auth_atom_id 
_atom_site.pdbx_PDB_model_num 
ATOM   1   N  N   . THR A 1 23  ? -1.12826  -19.60813 18.66355  1.000 71.78175 ? 1   THR A N   1 
ATOM   2   C  CA  . THR A 1 23  ? -0.33633  -18.77357 19.56575  1.000 73.54152 ? 1   THR A CA  1 
ATOM   3   C  C   . THR A 1 23  ? -1.20631  -17.67511 20.19640  1.000 77.66148 ? 1   THR A C   1 
ATOM   4   O  O   . THR A 1 23  ? -2.44562  -17.76941 20.21583  1.000 71.46175 ? 1   THR A O   1 
ATOM   5   C  CB  . THR A 1 23  ? 0.86858   -18.12268 18.81082  1.000 78.84243 ? 1   THR A CB  1 
ATOM   6   O  OG1 . THR A 1 23  ? 1.78564   -17.50210 19.73285  1.000 77.80237 ? 1   THR A OG1 1 
ATOM   7   C  CG2 . THR A 1 23  ? 0.35628   -17.08578 17.83297  1.000 70.12672 ? 1   THR A CG2 1 
ATOM   8   N  N   . THR A 1 24  ? -0.53226  -16.63894 20.70349  1.000 79.90779 ? 2   THR A N   1 
ATOM   9   C  CA  . THR A 1 24  ? -1.17608  -15.44039 21.22078  1.000 74.18494 ? 2   THR A CA  1 
ATOM   10  C  C   . THR A 1 24  ? -1.95023  -14.73603 20.10103  1.000 68.22485 ? 2   THR A C   1 
ATOM   11  O  O   . THR A 1 24  ? -1.83433  -15.06656 18.91888  1.000 65.17359 ? 2   THR A O   1 
ATOM   12  C  CB  . THR A 1 24  ? -0.11776  -14.51276 21.84220  1.000 75.39834 ? 2   THR A CB  1 
ATOM   13  O  OG1 . THR A 1 24  ? -0.71740  -13.30491 22.33932  1.000 82.29867 ? 2   THR A OG1 1 
ATOM   14  C  CG2 . THR A 1 24  ? 0.95076   -14.15427 20.81618  1.000 69.13846 ? 2   THR A CG2 1 
ATOM   15  N  N   . ASN A 1 25  ? -2.77427  -13.76448 20.49794  1.000 71.03269 ? 3   ASN A N   1 
ATOM   16  C  CA  . ASN A 1 25  ? -3.35081  -12.81760 19.55019  1.000 67.57921 ? 3   ASN A CA  1 
ATOM   17  C  C   . ASN A 1 25  ? -2.30247  -11.87281 18.95466  1.000 70.35110 ? 3   ASN A C   1 
ATOM   18  O  O   . ASN A 1 25  ? -2.58115  -11.21493 17.94288  1.000 63.78551 ? 3   ASN A O   1 
ATOM   19  C  CB  . ASN A 1 25  ? -4.46800  -12.03232 20.24994  1.000 69.08399 ? 3   ASN A CB  1 
ATOM   20  C  CG  . ASN A 1 25  ? -4.71604  -10.66198 19.63151  1.000 71.84830 ? 3   ASN A CG  1 
ATOM   21  O  OD1 . ASN A 1 25  ? -5.36200  -10.54525 18.58789  1.000 75.10475 ? 3   ASN A OD1 1 
ATOM   22  N  ND2 . ASN A 1 25  ? -4.21786  -9.61512  20.28763  1.000 72.52934 ? 3   ASN A ND2 1 
ATOM   23  N  N   . ASP A 1 26  ? -1.09575  -11.79945 19.53826  1.000 68.31257 ? 4   ASP A N   1 
ATOM   24  C  CA  . ASP A 1 26  ? -0.04775  -10.96071 18.96853  1.000 64.04565 ? 4   ASP A CA  1 
ATOM   25  C  C   . ASP A 1 26  ? 0.55514   -11.55860 17.71989  1.000 59.87134 ? 4   ASP A C   1 
ATOM   26  O  O   . ASP A 1 26  ? 0.92028   -10.81911 16.79778  1.000 56.05198 ? 4   ASP A O   1 
ATOM   27  C  CB  . ASP A 1 26  ? 1.06442   -10.70216 19.97132  1.000 65.17492 ? 4   ASP A CB  1 
ATOM   28  C  CG  . ASP A 1 26  ? 0.75410   -9.53676  20.85584  1.000 72.62499 ? 4   ASP A CG  1 
ATOM   29  O  OD1 . ASP A 1 26  ? 1.57188   -9.22375  21.73560  1.000 77.97766 ? 4   ASP A OD1 1 
ATOM   30  O  OD2 . ASP A 1 26  ? -0.33789  -8.94619  20.67531  1.000 74.86221 ? 4   ASP A OD2 1 
ATOM   31  N  N   . GLU A 1 27  ? 0.66675   -12.87485 17.63592  1.000 62.17677 ? 5   GLU A N   1 
ATOM   32  C  CA  . GLU A 1 27  ? 1.04456   -13.41090 16.34250  1.000 59.82357 ? 5   GLU A CA  1 
ATOM   33  C  C   . GLU A 1 27  ? -0.07022  -13.19951 15.31244  1.000 55.86077 ? 5   GLU A C   1 
ATOM   34  O  O   . GLU A 1 27  ? 0.18858   -12.68247 14.22789  1.000 56.03039 ? 5   GLU A O   1 
ATOM   35  C  CB  . GLU A 1 27  ? 1.45789   -14.86707 16.46584  1.000 61.62230 ? 5   GLU A CB  1 
ATOM   36  C  CG  . GLU A 1 27  ? 1.60139   -15.65339 15.13808  1.000 69.91061 ? 5   GLU A CG  1 
ATOM   37  C  CD  . GLU A 1 27  ? 2.38799   -14.93120 14.01249  1.000 65.23408 ? 5   GLU A CD  1 
ATOM   38  O  OE1 . GLU A 1 27  ? 3.66146   -14.78715 14.18704  1.000 64.22666 ? 5   GLU A OE1 1 
ATOM   39  O  OE2 . GLU A 1 27  ? 1.67426   -14.55413 13.00988  1.000 65.56659 ? 5   GLU A OE2 1 
ATOM   40  N  N   . GLU A 1 28  ? -1.32521  -13.53461 15.62644  1.000 56.68612 ? 6   GLU A N   1 
ATOM   41  C  CA  . GLU A 1 28  ? -2.36927  -13.28359 14.63012  1.000 51.60771 ? 6   GLU A CA  1 
ATOM   42  C  C   . GLU A 1 28  ? -2.22952  -11.87807 14.03015  1.000 49.82237 ? 6   GLU A C   1 
ATOM   43  O  O   . GLU A 1 28  ? -2.27571  -11.72784 12.80211  1.000 43.75125 ? 6   GLU A O   1 
ATOM   44  C  CB  . GLU A 1 28  ? -3.76072  -13.50949 15.21437  1.000 53.79740 ? 6   GLU A CB  1 
ATOM   45  C  CG  . GLU A 1 28  ? -4.84111  -13.43226 14.19829  1.000 54.17935 ? 6   GLU A CG  1 
ATOM   46  C  CD  . GLU A 1 28  ? -6.08023  -13.96690 14.78941  1.000 62.25642 ? 6   GLU A CD  1 
ATOM   47  O  OE1 . GLU A 1 28  ? -5.91460  -14.70830 15.78493  1.000 60.16882 ? 6   GLU A OE1 1 
ATOM   48  O  OE2 . GLU A 1 28  ? -7.19469  -13.64144 14.30648  1.000 62.80145 ? 6   GLU A OE2 1 
ATOM   49  N  N   . ILE A 1 29  ? -1.91473  -10.86196 14.86403  1.000 50.82531 ? 7   ILE A N   1 
ATOM   50  C  CA  . ILE A 1 29  ? -1.67231  -9.49927  14.35665  1.000 49.26551 ? 7   ILE A CA  1 
ATOM   51  C  C   . ILE A 1 29  ? -0.42649  -9.44878  13.47977  1.000 44.71205 ? 7   ILE A C   1 
ATOM   52  O  O   . ILE A 1 29  ? -0.41890  -8.78964  12.42705  1.000 36.95992 ? 7   ILE A O   1 
ATOM   53  C  CB  . ILE A 1 29  ? -1.55319  -8.47420  15.50324  1.000 46.54351 ? 7   ILE A CB  1 
ATOM   54  C  CG1 . ILE A 1 29  ? -2.92446  -8.06741  16.01857  1.000 49.90596 ? 7   ILE A CG1 1 
ATOM   55  C  CG2 . ILE A 1 29  ? -0.83279  -7.23548  15.02415  1.000 44.45093 ? 7   ILE A CG2 1 
ATOM   56  C  CD1 . ILE A 1 29  ? -2.86899  -7.39500  17.34987  1.000 56.91683 ? 7   ILE A CD1 1 
ATOM   57  N  N   . ALA A 1 30  ? 0.66355   -10.09694 13.92330  1.000 40.08323 ? 8   ALA A N   1 
ATOM   58  C  CA  . ALA A 1 30  ? 1.87813   -10.11784 13.11068  1.000 39.10871 ? 8   ALA A CA  1 
ATOM   59  C  C   . ALA A 1 30  ? 1.61580   -10.76830 11.76367  1.000 37.34283 ? 8   ALA A C   1 
ATOM   60  O  O   . ALA A 1 30  ? 2.08737   -10.27954 10.72835  1.000 37.17154 ? 8   ALA A O   1 
ATOM   61  C  CB  . ALA A 1 30  ? 3.01236   -10.83629 13.83837  1.000 30.41204 ? 8   ALA A CB  1 
ATOM   62  N  N   . ARG A 1 31  ? 0.83792   -11.85128 11.76014  1.000 36.39582 ? 9   ARG A N   1 
ATOM   63  C  CA  . ARG A 1 31  ? 0.53300   -12.56098 10.52314  1.000 35.79460 ? 9   ARG A CA  1 
ATOM   64  C  C   . ARG A 1 31  ? -0.33710  -11.70961 9.61891   1.000 36.23485 ? 9   ARG A C   1 
ATOM   65  O  O   . ARG A 1 31  ? -0.17108  -11.72714 8.39217   1.000 37.68568 ? 9   ARG A O   1 
ATOM   66  C  CB  . ARG A 1 31  ? -0.15215  -13.90021 10.84590  1.000 38.11991 ? 9   ARG A CB  1 
ATOM   67  C  CG  . ARG A 1 31  ? -0.33311  -14.85576 9.65693   1.000 37.95989 ? 9   ARG A CG  1 
ATOM   68  C  CD  . ARG A 1 31  ? -1.76547  -14.85352 9.14482   1.000 39.49513 ? 9   ARG A CD  1 
ATOM   69  N  NE  . ARG A 1 31  ? -2.68304  -15.50845 10.07447  1.000 40.68416 ? 9   ARG A NE  1 
ATOM   70  C  CZ  . ARG A 1 31  ? -4.00670  -15.45892 9.97973   1.000 43.79144 ? 9   ARG A CZ  1 
ATOM   71  N  NH1 . ARG A 1 31  ? -4.61028  -14.84054 8.97303   1.000 39.18258 ? 9   ARG A NH1 1 
ATOM   72  N  NH2 . ARG A 1 31  ? -4.74833  -16.03840 10.92077  1.000 42.44015 ? 9   ARG A NH2 1 
ATOM   73  N  N   . LYS A 1 32  ? -1.27075  -10.96118 10.19924  1.000 34.61483 ? 10  LYS A N   1 
ATOM   74  C  CA  . LYS A 1 32  ? -2.16674  -10.15969 9.37588   1.000 33.58478 ? 10  LYS A CA  1 
ATOM   75  C  C   . LYS A 1 32  ? -1.46962  -8.89733  8.87093   1.000 36.50924 ? 10  LYS A C   1 
ATOM   76  O  O   . LYS A 1 32  ? -1.74142  -8.44792  7.74702   1.000 35.82090 ? 10  LYS A O   1 
ATOM   77  C  CB  . LYS A 1 32  ? -3.43311  -9.83926  10.16484  1.000 37.51711 ? 10  LYS A CB  1 
ATOM   78  C  CG  . LYS A 1 32  ? -4.49297  -10.94060 10.08381  1.000 42.00583 ? 10  LYS A CG  1 
ATOM   79  C  CD  . LYS A 1 32  ? -5.42725  -10.89214 11.29025  1.000 45.76645 ? 10  LYS A CD  1 
ATOM   80  C  CE  . LYS A 1 32  ? -6.31616  -12.13885 11.38494  1.000 47.56233 ? 10  LYS A CE  1 
ATOM   81  N  NZ  . LYS A 1 32  ? -7.65218  -11.91238 10.75804  1.000 52.63112 ? 10  LYS A NZ  1 
ATOM   82  N  N   . LEU A 1 33  ? -0.55452  -8.31812  9.65791   1.000 33.38469 ? 11  LEU A N   1 
ATOM   83  C  CA  . LEU A 1 33  ? 0.26890   -7.23685  9.11343   1.000 38.89637 ? 11  LEU A CA  1 
ATOM   84  C  C   . LEU A 1 33  ? 1.00153   -7.73459  7.88482   1.000 32.83547 ? 11  LEU A C   1 
ATOM   85  O  O   . LEU A 1 33  ? 1.03462   -7.07443  6.83534   1.000 30.64384 ? 11  LEU A O   1 
ATOM   86  C  CB  . LEU A 1 33  ? 1.28115   -6.72122  10.15546  1.000 33.09779 ? 11  LEU A CB  1 
ATOM   87  C  CG  . LEU A 1 33  ? 0.74645   -5.81083  11.26099  1.000 38.72952 ? 11  LEU A CG  1 
ATOM   88  C  CD1 . LEU A 1 33  ? 1.79216   -5.54167  12.32048  1.000 34.80772 ? 11  LEU A CD1 1 
ATOM   89  C  CD2 . LEU A 1 33  ? 0.22146   -4.49764  10.67035  1.000 35.22838 ? 11  LEU A CD2 1 
ATOM   90  N  N   . LYS A 1 34  ? 1.56815   -8.93155  7.99968   1.000 29.64576 ? 12  LYS A N   1 
ATOM   91  C  CA  . LYS A 1 34  ? 2.35213   -9.49592  6.91495   1.000 32.85682 ? 12  LYS A CA  1 
ATOM   92  C  C   . LYS A 1 34  ? 1.46504   -9.81267  5.71420   1.000 32.88465 ? 12  LYS A C   1 
ATOM   93  O  O   . LYS A 1 34  ? 1.82771   -9.52394  4.55943   1.000 29.74146 ? 12  LYS A O   1 
ATOM   94  C  CB  . LYS A 1 34  ? 3.09333   -10.72082 7.45300   1.000 32.59982 ? 12  LYS A CB  1 
ATOM   95  C  CG  . LYS A 1 34  ? 3.81907   -11.53518 6.42872   1.000 36.57144 ? 12  LYS A CG  1 
ATOM   96  C  CD  . LYS A 1 34  ? 5.08332   -12.22007 7.01733   1.000 38.65206 ? 12  LYS A CD  1 
ATOM   97  C  CE  . LYS A 1 34  ? 4.79418   -13.34036 7.98790   1.000 35.15200 ? 12  LYS A CE  1 
ATOM   98  N  NZ  . LYS A 1 34  ? 5.74237   -14.47903 7.79719   1.000 36.50591 ? 12  LYS A NZ  1 
ATOM   99  N  N   . GLN A 1 35  ? 0.27248   -10.35057 5.96477   1.000 29.48848 ? 13  GLN A N   1 
ATOM   100 C  CA  . GLN A 1 35  ? -0.66833  -10.60862 4.87398   1.000 33.14769 ? 13  GLN A CA  1 
ATOM   101 C  C   . GLN A 1 35  ? -1.07825  -9.32143  4.18140   1.000 34.67798 ? 13  GLN A C   1 
ATOM   102 O  O   . GLN A 1 35  ? -1.06747  -9.24056  2.94898   1.000 36.07368 ? 13  GLN A O   1 
ATOM   103 C  CB  . GLN A 1 35  ? -1.91533  -11.32090 5.38922   1.000 34.38581 ? 13  GLN A CB  1 
ATOM   104 C  CG  . GLN A 1 35  ? -1.72254  -12.76427 5.75103   1.000 39.13973 ? 13  GLN A CG  1 
ATOM   105 C  CD  . GLN A 1 35  ? -3.03737  -13.40777 6.11659   1.000 43.43398 ? 13  GLN A CD  1 
ATOM   106 O  OE1 . GLN A 1 35  ? -3.67778  -13.01263 7.09140   1.000 46.47359 ? 13  GLN A OE1 1 
ATOM   107 N  NE2 . GLN A 1 35  ? -3.47129  -14.37334 5.31053   1.000 44.77920 ? 13  GLN A NE2 1 
ATOM   108 N  N   . THR A 1 36  ? -1.49163  -8.30839  4.94850   1.000 29.46161 ? 14  THR A N   1 
ATOM   109 C  CA  . THR A 1 36  ? -1.97318  -7.11181  4.26484   1.000 33.88465 ? 14  THR A CA  1 
ATOM   110 C  C   . THR A 1 36  ? -0.85330  -6.44217  3.47486   1.000 34.49801 ? 14  THR A C   1 
ATOM   111 O  O   . THR A 1 36  ? -1.08065  -5.95558  2.36341   1.000 31.85838 ? 14  THR A O   1 
ATOM   112 C  CB  . THR A 1 36  ? -2.60984  -6.15027  5.25184   1.000 32.80213 ? 14  THR A CB  1 
ATOM   113 O  OG1 . THR A 1 36  ? -1.74640  -6.00272  6.38301   1.000 36.46863 ? 14  THR A OG1 1 
ATOM   114 C  CG2 . THR A 1 36  ? -3.93412  -6.70520  5.70581   1.000 36.60953 ? 14  THR A CG2 1 
ATOM   115 N  N   . ALA A 1 37  ? 0.37738   -6.44490  4.00749   1.000 29.47276 ? 15  ALA A N   1 
ATOM   116 C  CA  . ALA A 1 37  ? 1.49752   -5.93298  3.21120   1.000 31.91842 ? 15  ALA A CA  1 
ATOM   117 C  C   . ALA A 1 37  ? 1.62042   -6.69269  1.88895   1.000 36.99750 ? 15  ALA A C   1 
ATOM   118 O  O   . ALA A 1 37  ? 1.88905   -6.07483  0.84457   1.000 31.40598 ? 15  ALA A O   1 
ATOM   119 C  CB  . ALA A 1 37  ? 2.80656   -6.01398  4.00151   1.000 26.64784 ? 15  ALA A CB  1 
ATOM   120 N  N   . ASP A 1 38  ? 1.41741   -8.02856  1.91381   1.000 30.04784 ? 16  ASP A N   1 
ATOM   121 C  CA  . ASP A 1 38  ? 1.52142   -8.82392  0.68517   1.000 30.47352 ? 16  ASP A CA  1 
ATOM   122 C  C   . ASP A 1 38  ? 0.38240   -8.52023  -0.28236  1.000 34.34006 ? 16  ASP A C   1 
ATOM   123 O  O   . ASP A 1 38  ? 0.59009   -8.51053  -1.50216  1.000 32.55487 ? 16  ASP A O   1 
ATOM   124 C  CB  . ASP A 1 38  ? 1.55422   -10.30869 1.01820   1.000 34.77068 ? 16  ASP A CB  1 
ATOM   125 C  CG  . ASP A 1 38  ? 2.81560   -10.69666 1.77491   1.000 39.59277 ? 16  ASP A CG  1 
ATOM   126 O  OD1 . ASP A 1 38  ? 2.88544   -11.81902 2.30348   1.000 38.46059 ? 16  ASP A OD1 1 
ATOM   127 O  OD2 . ASP A 1 38  ? 3.74437   -9.86097  1.85244   1.000 37.76711 ? 16  ASP A OD2 1 
ATOM   128 N  N   . GLU A 1 39  ? -0.82957  -8.29045  0.23821   1.000 29.60242 ? 17  GLU A N   1 
ATOM   129 C  CA  . GLU A 1 39  ? -1.91352  -7.80707  -0.60491  1.000 27.80874 ? 17  GLU A CA  1 
ATOM   130 C  C   . GLU A 1 39  ? -1.54456  -6.49174  -1.27623  1.000 34.09786 ? 17  GLU A C   1 
ATOM   131 O  O   . GLU A 1 39  ? -1.68618  -6.34367  -2.49415  1.000 31.21424 ? 17  GLU A O   1 
ATOM   132 C  CB  . GLU A 1 39  ? -3.18916  -7.65879  0.22539   1.000 30.38789 ? 17  GLU A CB  1 
ATOM   133 C  CG  . GLU A 1 39  ? -3.90165  -8.98332  0.48133   1.000 34.29958 ? 17  GLU A CG  1 
ATOM   134 C  CD  . GLU A 1 39  ? -4.86773  -8.88152  1.64347   1.000 50.29054 ? 17  GLU A CD  1 
ATOM   135 O  OE1 . GLU A 1 39  ? -5.48952  -7.79945  1.77224   1.000 48.23191 ? 17  GLU A OE1 1 
ATOM   136 O  OE2 . GLU A 1 39  ? -4.99402  -9.86097  2.43961   1.000 49.46959 ? 17  GLU A OE2 1 
ATOM   137 N  N   . ALA A 1 40  ? -1.05343  -5.51019  -0.50344  1.000 35.78847 ? 18  ALA A N   1 
ATOM   138 C  CA  . ALA A 1 40  ? -0.70621  -4.22392  -1.11581  1.000 32.78783 ? 18  ALA A CA  1 
ATOM   139 C  C   . ALA A 1 40  ? 0.39368   -4.38727  -2.15944  1.000 34.02522 ? 18  ALA A C   1 
ATOM   140 O  O   . ALA A 1 40  ? 0.30318   -3.82124  -3.25524  1.000 34.47683 ? 18  ALA A O   1 
ATOM   141 C  CB  . ALA A 1 40  ? -0.28498  -3.21996  -0.04930  1.000 31.28598 ? 18  ALA A CB  1 
ATOM   142 N  N   . ILE A 1 41  ? 1.42674   -5.18070  -1.85090  1.000 31.76049 ? 19  ILE A N   1 
ATOM   143 C  CA  . ILE A 1 41  ? 2.52943   -5.40162  -2.79226  1.000 31.28409 ? 19  ILE A CA  1 
ATOM   144 C  C   . ILE A 1 41  ? 2.01500   -6.02459  -4.07775  1.000 36.94447 ? 19  ILE A C   1 
ATOM   145 O  O   . ILE A 1 41  ? 2.40311   -5.63818  -5.19046  1.000 34.48140 ? 19  ILE A O   1 
ATOM   146 C  CB  . ILE A 1 41  ? 3.59864   -6.30238  -2.15448  1.000 29.14826 ? 19  ILE A CB  1 
ATOM   147 C  CG1 . ILE A 1 41  ? 4.41558   -5.51485  -1.13460  1.000 32.10006 ? 19  ILE A CG1 1 
ATOM   148 C  CG2 . ILE A 1 41  ? 4.47470   -6.90880  -3.23769  1.000 33.58354 ? 19  ILE A CG2 1 
ATOM   149 C  CD1 . ILE A 1 41  ? 5.05986   -6.38679  -0.07839  1.000 36.38646 ? 19  ILE A CD1 1 
ATOM   150 N  N   . GLN A 1 42  ? 1.19081   -7.05698  -3.93259  1.000 35.95588 ? 20  GLN A N   1 
ATOM   151 C  CA  . GLN A 1 42  ? 0.57063   -7.69011  -5.08214  1.000 39.44100 ? 20  GLN A CA  1 
ATOM   152 C  C   . GLN A 1 42  ? -0.23509  -6.68245  -5.87471  1.000 37.70862 ? 20  GLN A C   1 
ATOM   153 O  O   . GLN A 1 42  ? -0.08979  -6.55684  -7.09513  1.000 36.99998 ? 20  GLN A O   1 
ATOM   154 C  CB  . GLN A 1 42  ? -0.32794  -8.81080  -4.59247  1.000 37.39778 ? 20  GLN A CB  1 
ATOM   155 C  CG  . GLN A 1 42  ? -0.59130  -9.85231  -5.59419  1.000 45.21681 ? 20  GLN A CG  1 
ATOM   156 C  CD  . GLN A 1 42  ? -1.38851  -10.97316 -4.98861  1.000 51.09953 ? 20  GLN A CD  1 
ATOM   157 O  OE1 . GLN A 1 42  ? -2.27883  -10.72983 -4.16068  1.000 55.43611 ? 20  GLN A OE1 1 
ATOM   158 N  NE2 . GLN A 1 42  ? -1.07321  -12.21261 -5.37509  1.000 48.08541 ? 20  GLN A NE2 1 
ATOM   159 N  N   . LEU A 1 43  ? -1.09720  -5.95176  -5.17255  1.000 32.26721 ? 21  LEU A N   1 
ATOM   160 C  CA  . LEU A 1 43  ? -2.04680  -5.06801  -5.82692  1.000 35.91141 ? 21  LEU A CA  1 
ATOM   161 C  C   . LEU A 1 43  ? -1.33540  -3.89417  -6.47916  1.000 41.50425 ? 21  LEU A C   1 
ATOM   162 O  O   . LEU A 1 43  ? -1.72875  -3.45467  -7.56266  1.000 43.52629 ? 21  LEU A O   1 
ATOM   163 C  CB  . LEU A 1 43  ? -3.08833  -4.58857  -4.81333  1.000 30.69709 ? 21  LEU A CB  1 
ATOM   164 C  CG  . LEU A 1 43  ? -4.10141  -5.64149  -4.36441  1.000 33.06204 ? 21  LEU A CG  1 
ATOM   165 C  CD1 . LEU A 1 43  ? -4.84091  -5.17962  -3.13009  1.000 33.83899 ? 21  LEU A CD1 1 
ATOM   166 C  CD2 . LEU A 1 43  ? -5.06492  -5.82277  -5.49240  1.000 40.49293 ? 21  LEU A CD2 1 
ATOM   167 N  N   . PHE A 1 44  ? -0.27976  -3.37177  -5.83364  1.000 33.36857 ? 22  PHE A N   1 
ATOM   168 C  CA  . PHE A 1 44  ? 0.45731   -2.28744  -6.45412  1.000 34.54519 ? 22  PHE A CA  1 
ATOM   169 C  C   . PHE A 1 44  ? 1.10610   -2.73514  -7.76186  1.000 39.30169 ? 22  PHE A C   1 
ATOM   170 O  O   . PHE A 1 44  ? 1.06636   -2.01036  -8.76345  1.000 40.39765 ? 22  PHE A O   1 
ATOM   171 C  CB  . PHE A 1 44  ? 1.50901   -1.72056  -5.50328  1.000 37.64752 ? 22  PHE A CB  1 
ATOM   172 C  CG  . PHE A 1 44  ? 2.29202   -0.60801  -6.12201  1.000 32.86874 ? 22  PHE A CG  1 
ATOM   173 C  CD1 . PHE A 1 44  ? 1.67696   0.58459   -6.42245  1.000 31.35472 ? 22  PHE A CD1 1 
ATOM   174 C  CD2 . PHE A 1 44  ? 3.61149   -0.78739  -6.48047  1.000 37.71387 ? 22  PHE A CD2 1 
ATOM   175 C  CE1 . PHE A 1 44  ? 2.37124   1.59568   -7.04965  1.000 35.38350 ? 22  PHE A CE1 1 
ATOM   176 C  CE2 . PHE A 1 44  ? 4.31485   0.21316   -7.10465  1.000 38.56112 ? 22  PHE A CE2 1 
ATOM   177 C  CZ  . PHE A 1 44  ? 3.69252   1.41161   -7.38549  1.000 39.41903 ? 22  PHE A CZ  1 
ATOM   178 N  N   . GLN A 1 45  ? 1.69012   -3.93364  -7.78656  1.000 38.26980 ? 23  GLN A N   1 
ATOM   179 C  CA  . GLN A 1 45  ? 2.20782   -4.44174  -9.04882  1.000 41.30037 ? 23  GLN A CA  1 
ATOM   180 C  C   . GLN A 1 45  ? 1.14250   -4.47629  -10.14053 1.000 40.66076 ? 23  GLN A C   1 
ATOM   181 O  O   . GLN A 1 45  ? 1.45072   -4.21470  -11.29918 1.000 44.00506 ? 23  GLN A O   1 
ATOM   182 C  CB  . GLN A 1 45  ? 2.81292   -5.82705  -8.85574  1.000 41.93546 ? 23  GLN A CB  1 
ATOM   183 C  CG  . GLN A 1 45  ? 4.00643   -6.09060  -9.76927  1.000 46.88383 ? 23  GLN A CG  1 
ATOM   184 C  CD  . GLN A 1 45  ? 4.89081   -4.84903  -10.00035 1.000 57.70194 ? 23  GLN A CD  1 
ATOM   185 O  OE1 . GLN A 1 45  ? 5.02941   -4.39728  -11.14256 1.000 66.23686 ? 23  GLN A OE1 1 
ATOM   186 N  NE2 . GLN A 1 45  ? 5.50221   -4.31031  -8.92962  1.000 54.96252 ? 23  GLN A NE2 1 
ATOM   187 N  N   . ARG A 1 46  ? -0.10754  -4.78908  -9.80458  1.000 43.88720 ? 24  ARG A N   1 
ATOM   188 C  CA  . ARG A 1 46  ? -1.12423  -4.86470  -10.85152 1.000 47.79424 ? 24  ARG A CA  1 
ATOM   189 C  C   . ARG A 1 46  ? -1.61544  -3.47763  -11.25838 1.000 50.45918 ? 24  ARG A C   1 
ATOM   190 O  O   . ARG A 1 46  ? -1.77238  -3.19058  -12.44757 1.000 48.22010 ? 24  ARG A O   1 
ATOM   191 C  CB  . ARG A 1 46  ? -2.30172  -5.73121  -10.40097 1.000 44.13641 ? 24  ARG A CB  1 
ATOM   192 C  CG  . ARG A 1 46  ? -3.15734  -6.21795  -11.57295 1.000 58.89882 ? 24  ARG A CG  1 
ATOM   193 C  CD  . ARG A 1 46  ? -3.99542  -7.46103  -11.24963 1.000 64.29586 ? 24  ARG A CD  1 
ATOM   194 N  NE  . ARG A 1 46  ? -5.36769  -7.13452  -10.86653 1.000 58.16458 ? 24  ARG A NE  1 
ATOM   195 C  CZ  . ARG A 1 46  ? -5.88308  -7.37948  -9.66935  1.000 59.77720 ? 24  ARG A CZ  1 
ATOM   196 N  NH1 . ARG A 1 46  ? -5.17504  -7.97971  -8.72384  1.000 58.36808 ? 24  ARG A NH1 1 
ATOM   197 N  NH2 . ARG A 1 46  ? -7.14506  -7.02668  -9.41651  1.000 60.96750 ? 24  ARG A NH2 1 
ATOM   198 N  N   . LEU A 1 47  ? -1.92223  -2.62192  -10.28807 1.000 45.12009 ? 25  LEU A N   1 
ATOM   199 C  CA  . LEU A 1 47  ? -2.23874  -1.23744  -10.60643 1.000 47.12254 ? 25  LEU A CA  1 
ATOM   200 C  C   . LEU A 1 47  ? -1.18345  -0.64993  -11.52762 1.000 46.60494 ? 25  LEU A C   1 
ATOM   201 O  O   . LEU A 1 47  ? -1.50090  0.02901   -12.50585 1.000 46.26045 ? 25  LEU A O   1 
ATOM   202 C  CB  . LEU A 1 47  ? -2.33160  -0.41823  -9.31554  1.000 50.75808 ? 25  LEU A CB  1 
ATOM   203 C  CG  . LEU A 1 47  ? -2.83437  1.03538   -9.38902  1.000 44.45885 ? 25  LEU A CG  1 
ATOM   204 C  CD1 . LEU A 1 47  ? -4.36036  1.11042   -9.21867  1.000 53.03002 ? 25  LEU A CD1 1 
ATOM   205 C  CD2 . LEU A 1 47  ? -2.15281  1.88966   -8.36374  1.000 39.21319 ? 25  LEU A CD2 1 
ATOM   206 N  N   . ARG A 1 48  ? 0.08319   -0.93515  -11.24117 1.000 46.11031 ? 26  ARG A N   1 
ATOM   207 C  CA  . ARG A 1 48  ? 1.17958   -0.31868  -11.97300 1.000 50.00693 ? 26  ARG A CA  1 
ATOM   208 C  C   . ARG A 1 48  ? 1.10272   -0.60817  -13.46217 1.000 52.25187 ? 26  ARG A C   1 
ATOM   209 O  O   . ARG A 1 48  ? 1.46401   0.22134   -14.29552 1.000 54.12580 ? 26  ARG A O   1 
ATOM   210 C  CB  . ARG A 1 48  ? 2.49813   -0.81392  -11.37733 1.000 50.58963 ? 26  ARG A CB  1 
ATOM   211 C  CG  . ARG A 1 48  ? 3.70712   -0.38018  -12.13416 1.000 56.38016 ? 26  ARG A CG  1 
ATOM   212 C  CD  . ARG A 1 48  ? 4.80562   0.07640   -11.19859 1.000 57.81498 ? 26  ARG A CD  1 
ATOM   213 N  NE  . ARG A 1 48  ? 6.09865   0.12827   -11.87110 1.000 61.32086 ? 26  ARG A NE  1 
ATOM   214 C  CZ  . ARG A 1 48  ? 6.76500   -0.94511  -12.27542 1.000 59.70875 ? 26  ARG A CZ  1 
ATOM   215 N  NH1 . ARG A 1 48  ? 6.24975   -2.16210  -12.16361 1.000 60.80647 ? 26  ARG A NH1 1 
ATOM   216 N  NH2 . ARG A 1 48  ? 7.97703   -0.79428  -12.80153 1.000 62.20418 ? 26  ARG A NH2 1 
ATOM   217 N  N   . GLU A 1 49  ? 0.59936   -1.75508  -13.81525 1.000 53.27689 ? 27  GLU A N   1 
ATOM   218 C  CA  . GLU A 1 49  ? 0.57738   -2.21749  -15.18268 1.000 56.43013 ? 27  GLU A CA  1 
ATOM   219 C  C   . GLU A 1 49  ? -0.72456  -1.97319  -15.87956 1.000 53.64177 ? 27  GLU A C   1 
ATOM   220 O  O   . GLU A 1 49  ? -0.76029  -1.92743  -17.11165 1.000 55.52452 ? 27  GLU A O   1 
ATOM   221 C  CB  . GLU A 1 49  ? 0.74099   -3.67406  -15.11694 1.000 51.51062 ? 27  GLU A CB  1 
ATOM   222 C  CG  . GLU A 1 49  ? 0.07680   -3.96875  -13.91196 1.000 58.44478 ? 27  GLU A CG  1 
ATOM   223 C  CD  . GLU A 1 49  ? 0.40044   -5.34430  -13.57857 1.000 66.97563 ? 27  GLU A CD  1 
ATOM   224 O  OE1 . GLU A 1 49  ? 1.57212   -5.77947  -13.67771 1.000 67.09681 ? 27  GLU A OE1 1 
ATOM   225 O  OE2 . GLU A 1 49  ? -0.54855  -6.09166  -13.42216 1.000 62.68849 ? 27  GLU A OE2 1 
ATOM   226 N  N   . ILE A 1 50  ? -1.80773  -1.95459  -15.11895 1.000 49.38464 ? 28  ILE A N   1 
ATOM   227 C  CA  . ILE A 1 50  ? -3.02461  -1.39765  -15.66375 1.000 58.70024 ? 28  ILE A CA  1 
ATOM   228 C  C   . ILE A 1 50  ? -2.76287  0.03046   -16.11510 1.000 58.60906 ? 28  ILE A C   1 
ATOM   229 O  O   . ILE A 1 50  ? -3.28723  0.47238   -17.14256 1.000 63.53775 ? 28  ILE A O   1 
ATOM   230 C  CB  . ILE A 1 50  ? -4.16393  -1.47782  -14.63500 1.000 55.28680 ? 28  ILE A CB  1 
ATOM   231 C  CG1 . ILE A 1 50  ? -4.43164  -2.92606  -14.22841 1.000 48.63866 ? 28  ILE A CG1 1 
ATOM   232 C  CG2 . ILE A 1 50  ? -5.41942  -0.79794  -15.17927 1.000 60.18683 ? 28  ILE A CG2 1 
ATOM   233 C  CD1 . ILE A 1 50  ? -5.58596  -3.05920  -13.25711 1.000 49.58657 ? 28  ILE A CD1 1 
ATOM   234 N  N   . PHE A 1 51  ? -1.92028  0.76660   -15.37573 1.000 56.77257 ? 29  PHE A N   1 
ATOM   235 C  CA  . PHE A 1 51  ? -1.62077  2.14210   -15.76452 1.000 57.51931 ? 29  PHE A CA  1 
ATOM   236 C  C   . PHE A 1 51  ? -0.87944  2.19352   -17.09238 1.000 60.39468 ? 29  PHE A C   1 
ATOM   237 O  O   . PHE A 1 51  ? -1.05617  3.14661   -17.86161 1.000 62.44550 ? 29  PHE A O   1 
ATOM   238 C  CB  . PHE A 1 51  ? -0.82185  2.83948   -14.67368 1.000 57.19179 ? 29  PHE A CB  1 
ATOM   239 C  CG  . PHE A 1 51  ? -0.67280  4.32396   -14.88005 1.000 55.28571 ? 29  PHE A CG  1 
ATOM   240 C  CD1 . PHE A 1 51  ? -1.62696  5.20774   -14.39421 1.000 59.74682 ? 29  PHE A CD1 1 
ATOM   241 C  CD2 . PHE A 1 51  ? 0.42952   4.83907   -15.54068 1.000 52.93440 ? 29  PHE A CD2 1 
ATOM   242 C  CE1 . PHE A 1 51  ? -1.48452  6.58465   -14.56986 1.000 56.70637 ? 29  PHE A CE1 1 
ATOM   243 C  CE2 . PHE A 1 51  ? 0.57206   6.20282   -15.71729 1.000 56.10533 ? 29  PHE A CE2 1 
ATOM   244 C  CZ  . PHE A 1 51  ? -0.38745  7.07610   -15.23262 1.000 53.60357 ? 29  PHE A CZ  1 
ATOM   245 N  N   . ASP A 1 52  ? -0.07314  1.16986   -17.38502 1.000 64.70017 ? 30  ASP A N   1 
ATOM   246 C  CA  . ASP A 1 52  ? 0.53230   0.93399   -18.69979 1.000 66.37744 ? 30  ASP A CA  1 
ATOM   247 C  C   . ASP A 1 52  ? -0.36942  0.10082   -19.62352 1.000 75.17454 ? 30  ASP A C   1 
ATOM   248 O  O   . ASP A 1 52  ? 0.14601   -0.71714  -20.39916 1.000 79.39587 ? 30  ASP A O   1 
ATOM   249 C  CB  . ASP A 1 52  ? 1.88530   0.23844   -18.53255 1.000 62.40269 ? 30  ASP A CB  1 
ATOM   250 C  CG  . ASP A 1 52  ? 2.71695   0.79774   -17.37800 1.000 69.18067 ? 30  ASP A CG  1 
ATOM   251 O  OD1 . ASP A 1 52  ? 2.25793   1.72114   -16.67064 1.000 71.53574 ? 30  ASP A OD1 1 
ATOM   252 O  OD2 . ASP A 1 52  ? 3.84949   0.30339   -17.17664 1.000 70.70467 ? 30  ASP A OD2 1 
ATOM   253 N  N   . LYS A 1 53  ? -1.69977  0.26217   -19.58393 1.000 70.01333 ? 31  LYS A N   1 
ATOM   254 C  CA  . LYS A 1 53  ? -2.58031  -0.68771  -20.26386 1.000 73.55823 ? 31  LYS A CA  1 
ATOM   255 C  C   . LYS A 1 53  ? -4.05034  -0.45827  -19.89895 1.000 77.51839 ? 31  LYS A C   1 
ATOM   256 O  O   . LYS A 1 53  ? -4.56380  0.65952   -20.02795 1.000 79.33983 ? 31  LYS A O   1 
ATOM   257 C  CB  . LYS A 1 53  ? -2.15004  -2.12191  -19.90505 1.000 71.84051 ? 31  LYS A CB  1 
ATOM   258 C  CG  . LYS A 1 53  ? -2.77518  -3.26898  -20.71181 1.000 79.04013 ? 31  LYS A CG  1 
ATOM   259 C  CD  . LYS A 1 53  ? -2.80436  -4.56079  -19.87224 1.000 78.05386 ? 31  LYS A CD  1 
ATOM   260 C  CE  . LYS A 1 53  ? -2.49929  -5.81009  -20.70827 1.000 78.19973 ? 31  LYS A CE  1 
ATOM   261 N  NZ  . LYS A 1 53  ? -3.67934  -6.71869  -20.88576 1.000 67.45918 ? 31  LYS A NZ  1 
ATOM   262 N  N   . GLY A 1 54  ? -4.72884  -1.53180  -19.47107 1.000 78.46138 ? 32  GLY A N   1 
ATOM   263 C  CA  . GLY A 1 54  ? -6.06822  -1.56438  -18.89370 1.000 79.10475 ? 32  GLY A CA  1 
ATOM   264 C  C   . GLY A 1 54  ? -7.04174  -0.42121  -19.12660 1.000 82.86791 ? 32  GLY A C   1 
ATOM   265 O  O   . GLY A 1 54  ? -7.07940  0.17267   -20.20802 1.000 87.32001 ? 32  GLY A O   1 
ATOM   266 N  N   . ASP A 1 55  ? -7.84682  -0.11770  -18.11020 1.000 79.76870 ? 33  ASP A N   1 
ATOM   267 C  CA  . ASP A 1 55  ? -8.95112  0.82431   -18.25314 1.000 82.46160 ? 33  ASP A CA  1 
ATOM   268 C  C   . ASP A 1 55  ? -9.43484  1.25457   -16.87121 1.000 83.07274 ? 33  ASP A C   1 
ATOM   269 O  O   . ASP A 1 55  ? -9.28818  0.51354   -15.89216 1.000 80.40678 ? 33  ASP A O   1 
ATOM   270 C  CB  . ASP A 1 55  ? -10.10088 0.19826   -19.05695 1.000 84.32983 ? 33  ASP A CB  1 
ATOM   271 C  CG  . ASP A 1 55  ? -10.58309 -1.12475  -18.46171 1.000 91.64412 ? 33  ASP A CG  1 
ATOM   272 O  OD1 . ASP A 1 55  ? -9.83105  -1.73008  -17.65530 1.000 86.98204 ? 33  ASP A OD1 1 
ATOM   273 O  OD2 . ASP A 1 55  ? -11.71145 -1.55891  -18.80424 1.000 95.05807 ? 33  ASP A OD2 1 
ATOM   274 N  N   . ASP A 1 56  ? -10.03350 2.46274   -16.81327 1.000 84.17971 ? 34  ASP A N   1 
ATOM   275 C  CA  . ASP A 1 56  ? -10.55366 3.01947   -15.56003 1.000 79.98172 ? 34  ASP A CA  1 
ATOM   276 C  C   . ASP A 1 56  ? -11.36407 1.99445   -14.76877 1.000 78.69104 ? 34  ASP A C   1 
ATOM   277 O  O   . ASP A 1 56  ? -11.40001 2.03965   -13.53048 1.000 72.95515 ? 34  ASP A O   1 
ATOM   278 C  CB  . ASP A 1 56  ? -11.42020 4.26192   -15.84206 1.000 74.57229 ? 34  ASP A CB  1 
ATOM   279 C  CG  . ASP A 1 56  ? -10.67705 5.34341   -16.63741 1.000 86.26034 ? 34  ASP A CG  1 
ATOM   280 O  OD1 . ASP A 1 56  ? -9.58847  5.04518   -17.18775 1.000 86.25069 ? 34  ASP A OD1 1 
ATOM   281 O  OD2 . ASP A 1 56  ? -11.18271 6.49335   -16.71157 1.000 81.05680 ? 34  ASP A OD2 1 
ATOM   282 N  N   . ASP A 1 57  ? -12.03912 1.08351   -15.46622 1.000 79.79812 ? 35  ASP A N   1 
ATOM   283 C  CA  . ASP A 1 57  ? -12.72028 -0.03616  -14.83868 1.000 83.63871 ? 35  ASP A CA  1 
ATOM   284 C  C   . ASP A 1 57  ? -11.79406 -0.75157  -13.87041 1.000 77.14665 ? 35  ASP A C   1 
ATOM   285 O  O   . ASP A 1 57  ? -11.85092 -0.52815  -12.65651 1.000 72.35624 ? 35  ASP A O   1 
ATOM   286 C  CB  . ASP A 1 57  ? -13.21987 -1.00864  -15.90986 1.000 88.36782 ? 35  ASP A CB  1 
ATOM   287 C  CG  . ASP A 1 57  ? -14.69775 -0.87640  -16.15533 1.000 91.76741 ? 35  ASP A CG  1 
ATOM   288 O  OD1 . ASP A 1 57  ? -15.38171 -1.91557  -16.26128 1.000 93.25189 ? 35  ASP A OD1 1 
ATOM   289 O  OD2 . ASP A 1 57  ? -15.17551 0.27725   -16.20399 1.000 88.92439 ? 35  ASP A OD2 1 
ATOM   290 N  N   . SER A 1 58  ? -10.93850 -1.61916  -14.41128 1.000 75.84678 ? 36  SER A N   1 
ATOM   291 C  CA  . SER A 1 58  ? -10.05623 -2.40376  -13.56200 1.000 70.10187 ? 36  SER A CA  1 
ATOM   292 C  C   . SER A 1 58  ? -9.19020  -1.49640  -12.69395 1.000 63.38600 ? 36  SER A C   1 
ATOM   293 O  O   . SER A 1 58  ? -9.04184  -1.73008  -11.48755 1.000 60.92275 ? 36  SER A O   1 
ATOM   294 C  CB  . SER A 1 58  ? -9.21645  -3.32781  -14.44030 1.000 67.25174 ? 36  SER A CB  1 
ATOM   295 O  OG  . SER A 1 58  ? -8.93114  -2.68807  -15.67372 1.000 72.42231 ? 36  SER A OG  1 
ATOM   296 N  N   . PHE A 1 59  ? -8.65549  -0.42611  -13.28204 1.000 63.81853 ? 37  PHE A N   1 
ATOM   297 C  CA  . PHE A 1 59  ? -7.76575  0.47416   -12.55751 1.000 63.15655 ? 37  PHE A CA  1 
ATOM   298 C  C   . PHE A 1 59  ? -8.40466  1.01465   -11.27610 1.000 56.95036 ? 37  PHE A C   1 
ATOM   299 O  O   . PHE A 1 59  ? -7.85628  0.85950   -10.18108 1.000 52.74356 ? 37  PHE A O   1 
ATOM   300 C  CB  . PHE A 1 59  ? -7.35260  1.61526   -13.47552 1.000 59.58740 ? 37  PHE A CB  1 
ATOM   301 C  CG  . PHE A 1 59  ? -6.31019  2.48642   -12.89264 1.000 58.45626 ? 37  PHE A CG  1 
ATOM   302 C  CD1 . PHE A 1 59  ? -4.97439  2.13295   -12.98986 1.000 59.38728 ? 37  PHE A CD1 1 
ATOM   303 C  CD2 . PHE A 1 59  ? -6.65606  3.65339   -12.22991 1.000 57.32462 ? 37  PHE A CD2 1 
ATOM   304 C  CE1 . PHE A 1 59  ? -3.99596  2.94005   -12.44528 1.000 60.86082 ? 37  PHE A CE1 1 
ATOM   305 C  CE2 . PHE A 1 59  ? -5.68978  4.46411   -11.68158 1.000 55.53257 ? 37  PHE A CE2 1 
ATOM   306 C  CZ  . PHE A 1 59  ? -4.35855  4.11591   -11.78727 1.000 56.86830 ? 37  PHE A CZ  1 
ATOM   307 N  N   . GLU A 1 60  ? -9.55573  1.67725   -11.39836 1.000 58.07209 ? 38  GLU A N   1 
ATOM   308 C  CA  . GLU A 1 60  ? -10.26262 2.15465   -10.21373 1.000 56.38189 ? 38  GLU A CA  1 
ATOM   309 C  C   . GLU A 1 60  ? -10.60106 1.01827   -9.25463  1.000 54.49371 ? 38  GLU A C   1 
ATOM   310 O  O   . GLU A 1 60  ? -10.64920 1.23130   -8.03857  1.000 52.86598 ? 38  GLU A O   1 
ATOM   311 C  CB  . GLU A 1 60  ? -11.54181 2.89264   -10.61917 1.000 59.95913 ? 38  GLU A CB  1 
ATOM   312 C  CG  . GLU A 1 60  ? -11.37270 4.39895   -10.87498 1.000 65.04107 ? 38  GLU A CG  1 
ATOM   313 C  CD  . GLU A 1 60  ? -11.78580 5.26911   -9.67872  1.000 66.13257 ? 38  GLU A CD  1 
ATOM   314 O  OE1 . GLU A 1 60  ? -12.31581 4.72210   -8.67650  1.000 63.90903 ? 38  GLU A OE1 1 
ATOM   315 O  OE2 . GLU A 1 60  ? -11.58333 6.50495   -9.75035  1.000 61.31297 ? 38  GLU A OE2 1 
ATOM   316 N  N   . GLN A 1 61  ? -10.86776 -0.18236  -9.77493  1.000 58.16648 ? 39  GLN A N   1 
ATOM   317 C  CA  . GLN A 1 61  ? -11.16600 -1.31668  -8.90477  1.000 55.58788 ? 39  GLN A CA  1 
ATOM   318 C  C   . GLN A 1 61  ? -9.92814  -1.72838  -8.11919  1.000 52.52162 ? 39  GLN A C   1 
ATOM   319 O  O   . GLN A 1 61  ? -9.97582  -1.87412  -6.89122  1.000 49.65153 ? 39  GLN A O   1 
ATOM   320 C  CB  . GLN A 1 61  ? -11.70064 -2.49704  -9.72211  1.000 60.41325 ? 39  GLN A CB  1 
ATOM   321 C  CG  . GLN A 1 61  ? -13.11709 -2.31623  -10.30922 1.000 73.62344 ? 39  GLN A CG  1 
ATOM   322 C  CD  . GLN A 1 61  ? -13.52826 -3.43825  -11.29248 1.000 76.74448 ? 39  GLN A CD  1 
ATOM   323 O  OE1 . GLN A 1 61  ? -12.74606 -4.35153  -11.58053 1.000 71.76355 ? 39  GLN A OE1 1 
ATOM   324 N  NE2 . GLN A 1 61  ? -14.76121 -3.35705  -11.80889 1.000 73.30654 ? 39  GLN A NE2 1 
ATOM   325 N  N   . VAL A 1 62  ? -8.80057  -1.90628  -8.80968  1.000 53.11957 ? 40  VAL A N   1 
ATOM   326 C  CA  . VAL A 1 62  ? -7.55560  -2.20303  -8.10718  1.000 52.51465 ? 40  VAL A CA  1 
ATOM   327 C  C   . VAL A 1 62  ? -7.17520  -1.04499  -7.18574  1.000 50.56716 ? 40  VAL A C   1 
ATOM   328 O  O   . VAL A 1 62  ? -6.72822  -1.25454  -6.05046  1.000 46.94554 ? 40  VAL A O   1 
ATOM   329 C  CB  . VAL A 1 62  ? -6.44450  -2.52646  -9.11715  1.000 48.85297 ? 40  VAL A CB  1 
ATOM   330 C  CG1 . VAL A 1 62  ? -5.17463  -2.86772  -8.39117  1.000 47.56667 ? 40  VAL A CG1 1 
ATOM   331 C  CG2 . VAL A 1 62  ? -6.88254  -3.68000  -9.99143  1.000 49.13645 ? 40  VAL A CG2 1 
ATOM   332 N  N   . LEU A 1 63  ? -7.37089  0.19310   -7.64629  1.000 48.80201 ? 41  LEU A N   1 
ATOM   333 C  CA  . LEU A 1 63  ? -7.10757  1.34835   -6.79618  1.000 49.26369 ? 41  LEU A CA  1 
ATOM   334 C  C   . LEU A 1 63  ? -7.76162  1.17920   -5.42648  1.000 49.87518 ? 41  LEU A C   1 
ATOM   335 O  O   . LEU A 1 63  ? -7.09515  1.31753   -4.39137  1.000 44.86717 ? 41  LEU A O   1 
ATOM   336 C  CB  . LEU A 1 63  ? -7.60370  2.62364   -7.48311  1.000 53.20960 ? 41  LEU A CB  1 
ATOM   337 C  CG  . LEU A 1 63  ? -7.25372  3.98315   -6.88974  1.000 49.94854 ? 41  LEU A CG  1 
ATOM   338 C  CD1 . LEU A 1 63  ? -5.80736  4.29743   -7.16857  1.000 48.85807 ? 41  LEU A CD1 1 
ATOM   339 C  CD2 . LEU A 1 63  ? -8.15561  5.07137   -7.46227  1.000 52.39582 ? 41  LEU A CD2 1 
ATOM   340 N  N   . GLU A 1 64  ? -9.06380  0.83855   -5.39841  1.000 46.20059 ? 42  GLU A N   1 
ATOM   341 C  CA  . GLU A 1 64  ? -9.75832  0.74103   -4.11059  1.000 48.59903 ? 42  GLU A CA  1 
ATOM   342 C  C   . GLU A 1 64  ? -9.31191  -0.48097  -3.31458  1.000 46.43736 ? 42  GLU A C   1 
ATOM   343 O  O   . GLU A 1 64  ? -9.28152  -0.44166  -2.07652  1.000 41.76661 ? 42  GLU A O   1 
ATOM   344 C  CB  . GLU A 1 64  ? -11.28363 0.73114   -4.30267  1.000 49.66536 ? 42  GLU A CB  1 
ATOM   345 C  CG  . GLU A 1 64  ? -11.92740 -0.66656  -4.44007  1.000 53.44781 ? 42  GLU A CG  1 
ATOM   346 C  CD  . GLU A 1 64  ? -12.27868 -1.34054  -3.09682  1.000 57.58303 ? 42  GLU A CD  1 
ATOM   347 O  OE1 . GLU A 1 64  ? -12.56304 -0.63962  -2.09769  1.000 59.64406 ? 42  GLU A OE1 1 
ATOM   348 O  OE2 . GLU A 1 64  ? -12.27162 -2.58964  -3.04166  1.000 58.72474 ? 42  GLU A OE2 1 
ATOM   349 N  N   . GLU A 1 65  ? -8.95819  -1.57454  -4.00150  1.000 44.99615 ? 43  GLU A N   1 
ATOM   350 C  CA  . GLU A 1 65  ? -8.44488  -2.74320  -3.29259  1.000 47.93971 ? 43  GLU A CA  1 
ATOM   351 C  C   . GLU A 1 65  ? -7.15889  -2.39341  -2.56089  1.000 46.40404 ? 43  GLU A C   1 
ATOM   352 O  O   . GLU A 1 65  ? -6.98965  -2.71794  -1.37366  1.000 47.01597 ? 43  GLU A O   1 
ATOM   353 C  CB  . GLU A 1 65  ? -8.22237  -3.89695  -4.27046  1.000 46.78824 ? 43  GLU A CB  1 
ATOM   354 C  CG  . GLU A 1 65  ? -9.51226  -4.52054  -4.78418  1.000 47.13926 ? 43  GLU A CG  1 
ATOM   355 C  CD  . GLU A 1 65  ? -9.25702  -5.60396  -5.81314  1.000 59.07491 ? 43  GLU A CD  1 
ATOM   356 O  OE1 . GLU A 1 65  ? -8.61966  -5.30470  -6.85004  1.000 59.50735 ? 43  GLU A OE1 1 
ATOM   357 O  OE2 . GLU A 1 65  ? -9.68521  -6.75841  -5.58219  1.000 63.05611 ? 43  GLU A OE2 1 
ATOM   358 N  N   . LEU A 1 66  ? -6.25816  -1.69229  -3.24661  1.000 41.94502 ? 44  LEU A N   1 
ATOM   359 C  CA  . LEU A 1 66  ? -4.99432  -1.31055  -2.63426  1.000 41.87767 ? 44  LEU A CA  1 
ATOM   360 C  C   . LEU A 1 66  ? -5.23374  -0.45142  -1.40633  1.000 39.38213 ? 44  LEU A C   1 
ATOM   361 O  O   . LEU A 1 66  ? -4.62608  -0.68322  -0.35626  1.000 40.95580 ? 44  LEU A O   1 
ATOM   362 C  CB  . LEU A 1 66  ? -4.12186  -0.59537  -3.66707  1.000 38.07407 ? 44  LEU A CB  1 
ATOM   363 C  CG  . LEU A 1 66  ? -2.70965  -0.21389  -3.23987  1.000 40.81067 ? 44  LEU A CG  1 
ATOM   364 C  CD1 . LEU A 1 66  ? -1.91576  -1.39915  -2.73903  1.000 33.19118 ? 44  LEU A CD1 1 
ATOM   365 C  CD2 . LEU A 1 66  ? -2.00752  0.42985   -4.40453  1.000 41.70352 ? 44  LEU A CD2 1 
ATOM   366 N  N   . GLU A 1 67  ? -6.14839  0.52188   -1.50416  1.000 40.16731 ? 45  GLU A N   1 
ATOM   367 C  CA  . GLU A 1 67  ? -6.47450  1.34808   -0.34452  1.000 42.90417 ? 45  GLU A CA  1 
ATOM   368 C  C   . GLU A 1 67  ? -7.16251  0.53913   0.75052   1.000 45.61398 ? 45  GLU A C   1 
ATOM   369 O  O   . GLU A 1 67  ? -6.97602  0.81559   1.93892   1.000 45.33568 ? 45  GLU A O   1 
ATOM   370 C  CB  . GLU A 1 67  ? -7.35050  2.52806   -0.76686  1.000 49.74106 ? 45  GLU A CB  1 
ATOM   371 C  CG  . GLU A 1 67  ? -8.23579  3.13208   0.35447   1.000 57.37170 ? 45  GLU A CG  1 
ATOM   372 C  CD  . GLU A 1 67  ? -7.45369  3.93918   1.40991   1.000 62.93696 ? 45  GLU A CD  1 
ATOM   373 O  OE1 . GLU A 1 67  ? -6.72915  4.88685   1.04221   1.000 57.35980 ? 45  GLU A OE1 1 
ATOM   374 O  OE2 . GLU A 1 67  ? -7.55852  3.62212   2.61647   1.000 67.07951 ? 45  GLU A OE2 1 
ATOM   375 N  N   . GLU A 1 68  ? -7.96290  -0.45597  0.38792   1.000 46.23901 ? 46  GLU A N   1 
ATOM   376 C  CA  . GLU A 1 68  ? -8.55410  -1.29237  1.42464   1.000 47.74868 ? 46  GLU A CA  1 
ATOM   377 C  C   . GLU A 1 68  ? -7.48279  -2.06988  2.18170   1.000 43.87767 ? 46  GLU A C   1 
ATOM   378 O  O   . GLU A 1 68  ? -7.51165  -2.14455  3.41637   1.000 40.54534 ? 46  GLU A O   1 
ATOM   379 C  CB  . GLU A 1 68  ? -9.58433  -2.23415  0.80762   1.000 48.24096 ? 46  GLU A CB  1 
ATOM   380 C  CG  . GLU A 1 68  ? -10.25752 -3.12558  1.81834   1.000 60.05744 ? 46  GLU A CG  1 
ATOM   381 C  CD  . GLU A 1 68  ? -11.77103 -3.19366  1.62624   1.000 79.38347 ? 46  GLU A CD  1 
ATOM   382 O  OE1 . GLU A 1 68  ? -12.24063 -3.87629  0.67810   1.000 74.40665 ? 46  GLU A OE1 1 
ATOM   383 O  OE2 . GLU A 1 68  ? -12.49332 -2.54884  2.42542   1.000 84.15538 ? 46  GLU A OE2 1 
ATOM   384 N  N   . ALA A 1 69  ? -6.51999  -2.64935  1.45737   1.000 42.17981 ? 47  ALA A N   1 
ATOM   385 C  CA  . ALA A 1 69  ? -5.43354  -3.37028  2.11032   1.000 45.18600 ? 47  ALA A CA  1 
ATOM   386 C  C   . ALA A 1 69  ? -4.66160  -2.46098  3.06592   1.000 42.43344 ? 47  ALA A C   1 
ATOM   387 O  O   . ALA A 1 69  ? -4.41101  -2.81825  4.23054   1.000 33.60260 ? 47  ALA A O   1 
ATOM   388 C  CB  . ALA A 1 69  ? -4.50465  -3.96289  1.04960   1.000 39.98001 ? 47  ALA A CB  1 
ATOM   389 N  N   . LEU A 1 70  ? -4.28543  -1.26909  2.58937   1.000 39.62900 ? 48  LEU A N   1 
ATOM   390 C  CA  . LEU A 1 70  ? -3.46429  -0.37027  3.39463   1.000 37.08022 ? 48  LEU A CA  1 
ATOM   391 C  C   . LEU A 1 70  ? -4.19596  0.11982   4.65059   1.000 40.05400 ? 48  LEU A C   1 
ATOM   392 O  O   . LEU A 1 70  ? -3.56423  0.28772   5.70534   1.000 39.58306 ? 48  LEU A O   1 
ATOM   393 C  CB  . LEU A 1 70  ? -2.98159  0.79320   2.52137   1.000 37.59670 ? 48  LEU A CB  1 
ATOM   394 C  CG  . LEU A 1 70  ? -1.93215  0.44309   1.44436   1.000 41.50943 ? 48  LEU A CG  1 
ATOM   395 C  CD1 . LEU A 1 70  ? -1.59208  1.62815   0.54575   1.000 35.99850 ? 48  LEU A CD1 1 
ATOM   396 C  CD2 . LEU A 1 70  ? -0.64073  -0.08962  2.06931   1.000 39.91121 ? 48  LEU A CD2 1 
ATOM   397 N  N   . GLN A 1 71  ? -5.51573  0.33571   4.59115   1.000 40.25691 ? 49  GLN A N   1 
ATOM   398 C  CA  . GLN A 1 71  ? -6.24103  0.67211   5.82368   1.000 45.39159 ? 49  GLN A CA  1 
ATOM   399 C  C   . GLN A 1 71  ? -6.18798  -0.47713  6.83072   1.000 45.15925 ? 49  GLN A C   1 
ATOM   400 O  O   . GLN A 1 71  ? -5.94462  -0.25257  8.02339   1.000 40.24157 ? 49  GLN A O   1 
ATOM   401 C  CB  . GLN A 1 71  ? -7.69663  1.04615   5.51405   1.000 48.82164 ? 49  GLN A CB  1 
ATOM   402 C  CG  . GLN A 1 71  ? -7.95132  2.53635   5.26908   1.000 57.61316 ? 49  GLN A CG  1 
ATOM   403 C  CD  . GLN A 1 71  ? -9.36874  2.85107   4.77166   1.000 67.19483 ? 49  GLN A CD  1 
ATOM   404 O  OE1 . GLN A 1 71  ? -10.29939 2.06291   4.93942   1.000 68.24341 ? 49  GLN A OE1 1 
ATOM   405 N  NE2 . GLN A 1 71  ? -9.52827  4.01803   4.15291   1.000 70.70118 ? 49  GLN A NE2 1 
ATOM   406 N  N   . LYS A 1 72  ? -6.41313  -1.71956  6.36687   1.000 44.06791 ? 50  LYS A N   1 
ATOM   407 C  CA  . LYS A 1 72  ? -6.33880  -2.87660  7.25881   1.000 44.85953 ? 50  LYS A CA  1 
ATOM   408 C  C   . LYS A 1 72  ? -4.98228  -2.94051  7.92777   1.000 38.23163 ? 50  LYS A C   1 
ATOM   409 O  O   . LYS A 1 72  ? -4.87915  -3.09728  9.14958   1.000 37.07385 ? 50  LYS A O   1 
ATOM   410 C  CB  . LYS A 1 72  ? -6.59421  -4.17598  6.48451   1.000 43.29543 ? 50  LYS A CB  1 
ATOM   411 C  CG  . LYS A 1 72  ? -7.86090  -4.92188  6.87558   1.000 51.99839 ? 50  LYS A CG  1 
ATOM   412 C  CD  . LYS A 1 72  ? -7.82163  -5.39939  8.34212   1.000 59.20817 ? 50  LYS A CD  1 
ATOM   413 C  CE  . LYS A 1 72  ? -9.14165  -6.10220  8.74877   1.000 69.46338 ? 50  LYS A CE  1 
ATOM   414 N  NZ  . LYS A 1 72  ? -9.08603  -6.85227  10.06540  1.000 63.56559 ? 50  LYS A NZ  1 
ATOM   415 N  N   . HIS A 1 73  ? -3.92942  -2.84459  7.12038   1.000 34.66944 ? 51  HIS A N   1 
ATOM   416 C  CA  . HIS A 1 73  ? -2.56740  -2.79577  7.63407   1.000 36.26524 ? 51  HIS A CA  1 
ATOM   417 C  C   . HIS A 1 73  ? -2.43318  -1.71902  8.71789   1.000 40.18204 ? 51  HIS A C   1 
ATOM   418 O  O   . HIS A 1 73  ? -2.04516  -2.01321  9.85654   1.000 37.25586 ? 51  HIS A O   1 
ATOM   419 C  CB  . HIS A 1 73  ? -1.62247  -2.55478  6.45036   1.000 33.25580 ? 51  HIS A CB  1 
ATOM   420 C  CG  . HIS A 1 73  ? -0.16925  -2.74631  6.74299   1.000 36.67890 ? 51  HIS A CG  1 
ATOM   421 N  ND1 . HIS A 1 73  ? 0.44481   -3.98860  6.71520   1.000 32.79001 ? 51  HIS A ND1 1 
ATOM   422 C  CD2 . HIS A 1 73  ? 0.82096   -1.84686  6.98155   1.000 35.16648 ? 51  HIS A CD2 1 
ATOM   423 C  CE1 . HIS A 1 73  ? 1.73073   -3.84468  6.96702   1.000 36.99874 ? 51  HIS A CE1 1 
ATOM   424 N  NE2 . HIS A 1 73  ? 1.99061   -2.54910  7.12744   1.000 36.19988 ? 51  HIS A NE2 1 
ATOM   425 N  N   . ARG A 1 74  ? -2.80631  -0.47284  8.38540   1.000 37.46877 ? 52  ARG A N   1 
ATOM   426 C  CA  . ARG A 1 74  ? -2.72263  0.62182   9.35065   1.000 44.81090 ? 52  ARG A CA  1 
ATOM   427 C  C   . ARG A 1 74  ? -3.48785  0.28728   10.62742  1.000 46.75269 ? 52  ARG A C   1 
ATOM   428 O  O   . ARG A 1 74  ? -2.96290  0.42548   11.74434  1.000 44.42528 ? 52  ARG A O   1 
ATOM   429 C  CB  . ARG A 1 74  ? -3.23582  1.91800   8.70122   1.000 47.27996 ? 52  ARG A CB  1 
ATOM   430 C  CG  . ARG A 1 74  ? -3.44373  3.10706   9.63756   1.000 54.15510 ? 52  ARG A CG  1 
ATOM   431 C  CD  . ARG A 1 74  ? -3.37335  4.41425   8.85057   1.000 63.00448 ? 52  ARG A CD  1 
ATOM   432 N  NE  . ARG A 1 74  ? -4.44913  5.35373   9.16533   1.000 75.17738 ? 52  ARG A NE  1 
ATOM   433 C  CZ  . ARG A 1 74  ? -5.66249  5.33635   8.61798   1.000 75.85967 ? 52  ARG A CZ  1 
ATOM   434 N  NH1 . ARG A 1 74  ? -6.03864  4.37590   7.78624   1.000 71.34847 ? 52  ARG A NH1 1 
ATOM   435 N  NH2 . ARG A 1 74  ? -6.52114  6.31176   8.90705   1.000 78.60414 ? 52  ARG A NH2 1 
ATOM   436 N  N   . GLN A 1 75  ? -4.72688  -0.19929  10.48089  1.000 42.94561 ? 53  GLN A N   1 
ATOM   437 C  CA  . GLN A 1 75  ? -5.51731  -0.54241  11.65961  1.000 43.70098 ? 53  GLN A CA  1 
ATOM   438 C  C   . GLN A 1 75  ? -4.84152  -1.64391  12.46586  1.000 43.22592 ? 53  GLN A C   1 
ATOM   439 O  O   . GLN A 1 75  ? -4.69930  -1.53484  13.68601  1.000 44.28769 ? 53  GLN A O   1 
ATOM   440 C  CB  . GLN A 1 75  ? -6.92649  -0.93762  11.23788  1.000 49.56780 ? 53  GLN A CB  1 
ATOM   441 C  CG  . GLN A 1 75  ? -7.76436  0.27601   10.88122  1.000 51.75885 ? 53  GLN A CG  1 
ATOM   442 C  CD  . GLN A 1 75  ? -8.82679  -0.01852  9.84523   1.000 62.89925 ? 53  GLN A CD  1 
ATOM   443 O  OE1 . GLN A 1 75  ? -9.83518  -0.66346  10.14177  1.000 66.02193 ? 53  GLN A OE1 1 
ATOM   444 N  NE2 . GLN A 1 75  ? -8.60871  0.45829   8.61517   1.000 64.78910 ? 53  GLN A NE2 1 
ATOM   445 N  N   . LEU A 1 76  ? -4.38209  -2.69516  11.79538  1.000 39.71206 ? 54  LEU A N   1 
ATOM   446 C  CA  . LEU A 1 76  ? -3.59205  -3.70718  12.48548  1.000 42.50985 ? 54  LEU A CA  1 
ATOM   447 C  C   . LEU A 1 76  ? -2.41992  -3.08777  13.25241  1.000 41.91726 ? 54  LEU A C   1 
ATOM   448 O  O   . LEU A 1 76  ? -2.16139  -3.45279  14.40662  1.000 38.66667 ? 54  LEU A O   1 
ATOM   449 C  CB  . LEU A 1 76  ? -3.10821  -4.75323  11.47160  1.000 40.65199 ? 54  LEU A CB  1 
ATOM   450 C  CG  . LEU A 1 76  ? -4.24686  -5.62415  10.91563  1.000 39.25867 ? 54  LEU A CG  1 
ATOM   451 C  CD1 . LEU A 1 76  ? -3.78349  -6.49180  9.72632   1.000 34.80798 ? 54  LEU A CD1 1 
ATOM   452 C  CD2 . LEU A 1 76  ? -4.86860  -6.47561  12.04112  1.000 35.36960 ? 54  LEU A CD2 1 
ATOM   453 N  N   . ALA A 1 77  ? -1.70764  -2.13640  12.63035  1.000 43.35091 ? 55  ALA A N   1 
ATOM   454 C  CA  . ALA A 1 77  ? -0.56360  -1.50392  13.28665  1.000 41.59824 ? 55  ALA A CA  1 
ATOM   455 C  C   . ALA A 1 77  ? -0.97042  -0.83048  14.58912  1.000 45.87350 ? 55  ALA A C   1 
ATOM   456 O  O   . ALA A 1 77  ? -0.25343  -0.93508  15.59538  1.000 46.72599 ? 55  ALA A O   1 
ATOM   457 C  CB  . ALA A 1 77  ? 0.09220   -0.48481  12.35499  1.000 40.76601 ? 55  ALA A CB  1 
ATOM   458 N  N   . ASN A 1 78  ? -2.10459  -0.11449  14.58312  1.000 45.89623 ? 56  ASN A N   1 
ATOM   459 C  CA  . ASN A 1 78  ? -2.61472  0.49976   15.81272  1.000 48.87601 ? 56  ASN A CA  1 
ATOM   460 C  C   . ASN A 1 78  ? -2.81524  -0.54241  16.89915  1.000 53.35901 ? 56  ASN A C   1 
ATOM   461 O  O   . ASN A 1 78  ? -2.47775  -0.31794  18.06588  1.000 55.01812 ? 56  ASN A O   1 
ATOM   462 C  CB  . ASN A 1 78  ? -3.94179  1.20938   15.55275  1.000 44.93387 ? 56  ASN A CB  1 
ATOM   463 C  CG  . ASN A 1 78  ? -3.81504  2.34396   14.57152  1.000 51.67546 ? 56  ASN A CG  1 
ATOM   464 O  OD1 . ASN A 1 78  ? -2.72668  2.90531   14.38031  1.000 51.80617 ? 56  ASN A OD1 1 
ATOM   465 N  ND2 . ASN A 1 78  ? -4.93282  2.70262   13.94121  1.000 52.78824 ? 56  ASN A ND2 1 
ATOM   466 N  N   . ASN A 1 79  ? -3.37896  -1.68876  16.53350  1.000 51.16209 ? 57  ASN A N   1 
ATOM   467 C  CA  . ASN A 1 79  ? -3.65414  -2.71115  17.53157  1.000 55.93948 ? 57  ASN A CA  1 
ATOM   468 C  C   . ASN A 1 79  ? -2.36709  -3.28862  18.08700  1.000 54.38031 ? 57  ASN A C   1 
ATOM   469 O  O   . ASN A 1 79  ? -2.27538  -3.57060  19.28387  1.000 58.78391 ? 57  ASN A O   1 
ATOM   470 C  CB  . ASN A 1 79  ? -4.51732  -3.81044  16.92326  1.000 55.60743 ? 57  ASN A CB  1 
ATOM   471 C  CG  . ASN A 1 79  ? -5.75937  -4.08185  17.73459  1.000 67.61048 ? 57  ASN A CG  1 
ATOM   472 O  OD1 . ASN A 1 79  ? -6.16679  -3.26656  18.56584  1.000 72.58655 ? 57  ASN A OD1 1 
ATOM   473 N  ND2 . ASN A 1 79  ? -6.37302  -5.23418  17.50013  1.000 73.12920 ? 57  ASN A ND2 1 
ATOM   474 N  N   . ALA A 1 80  ? -1.36883  -3.49252  17.22758  1.000 54.01768 ? 58  ALA A N   1 
ATOM   475 C  CA  . ALA A 1 80  ? -0.08488  -3.98700  17.70836  1.000 55.05653 ? 58  ALA A CA  1 
ATOM   476 C  C   . ALA A 1 80  ? 0.54548   -2.98352  18.66179  1.000 57.91423 ? 58  ALA A C   1 
ATOM   477 O  O   . ALA A 1 80  ? 1.11026   -3.36143  19.69379  1.000 60.87768 ? 58  ALA A O   1 
ATOM   478 C  CB  . ALA A 1 80  ? 0.84234   -4.27860  16.52549  1.000 47.10872 ? 58  ALA A CB  1 
ATOM   479 N  N   . ARG A 1 81  ? 0.44140   -1.69577  18.33559  1.000 56.75094 ? 59  ARG A N   1 
ATOM   480 C  CA  . ARG A 1 81  ? 0.95430   -0.66137  19.22364  1.000 57.93743 ? 59  ARG A CA  1 
ATOM   481 C  C   . ARG A 1 81  ? 0.22463   -0.66236  20.56621  1.000 62.04184 ? 59  ARG A C   1 
ATOM   482 O  O   . ARG A 1 81  ? 0.85718   -0.56334  21.62229  1.000 60.48067 ? 59  ARG A O   1 
ATOM   483 C  CB  . ARG A 1 81  ? 0.84129   0.68800   18.53301  1.000 51.20647 ? 59  ARG A CB  1 
ATOM   484 C  CG  . ARG A 1 81  ? 1.82202   0.84371   17.40247  1.000 52.58941 ? 59  ARG A CG  1 
ATOM   485 C  CD  . ARG A 1 81  ? 1.71432   2.23004   16.78580  1.000 56.10848 ? 59  ARG A CD  1 
ATOM   486 N  NE  . ARG A 1 81  ? 2.23329   2.31027   15.42306  1.000 54.42199 ? 59  ARG A NE  1 
ATOM   487 C  CZ  . ARG A 1 81  ? 1.50690   2.66899   14.36946  1.000 54.30652 ? 59  ARG A CZ  1 
ATOM   488 N  NH1 . ARG A 1 81  ? 0.22282   2.99133   14.48587  1.000 51.68568 ? 59  ARG A NH1 1 
ATOM   489 N  NH2 . ARG A 1 81  ? 2.08416   2.71853   13.17040  1.000 52.18483 ? 59  ARG A NH2 1 
ATOM   490 N  N   . LYS A 1 82  ? -1.10644  -0.78100  20.54499  1.000 63.70287 ? 60  LYS A N   1 
ATOM   491 C  CA  . LYS A 1 82  ? -1.87290  -0.89401  21.78330  1.000 65.09524 ? 60  LYS A CA  1 
ATOM   492 C  C   . LYS A 1 82  ? -1.33909  -2.01748  22.66797  1.000 66.32426 ? 60  LYS A C   1 
ATOM   493 O  O   . LYS A 1 82  ? -0.88188  -1.77844  23.79056  1.000 73.19648 ? 60  LYS A O   1 
ATOM   494 C  CB  . LYS A 1 82  ? -3.35837  -1.11222  21.46999  1.000 67.84096 ? 60  LYS A CB  1 
ATOM   495 C  CG  . LYS A 1 82  ? -4.25828  0.10382   21.74936  1.000 70.19255 ? 60  LYS A CG  1 
ATOM   496 C  CD  . LYS A 1 82  ? -4.31107  1.06825   20.56048  1.000 70.62121 ? 60  LYS A CD  1 
ATOM   497 C  CE  . LYS A 1 82  ? -5.18666  2.29813   20.85393  1.000 76.03182 ? 60  LYS A CE  1 
ATOM   498 N  NZ  . LYS A 1 82  ? -5.83372  2.88589   19.63097  1.000 71.35444 ? 60  LYS A NZ  1 
ATOM   499 N  N   . ASN A 1 83  ? -1.39188  -3.26090  22.17802  1.000 68.11665 ? 61  ASN A N   1 
ATOM   500 C  CA  . ASN A 1 83  ? -0.88437  -4.40122  22.95002  1.000 65.36188 ? 61  ASN A CA  1 
ATOM   501 C  C   . ASN A 1 83  ? 0.66012   -4.44168  23.03783  1.000 69.19444 ? 61  ASN A C   1 
ATOM   502 O  O   . ASN A 1 83  ? 1.19764   -5.44356  23.55775  1.000 69.45406 ? 61  ASN A O   1 
ATOM   503 C  CB  . ASN A 1 83  ? -1.39540  -5.70922  22.34984  1.000 66.56062 ? 61  ASN A CB  1 
ATOM   504 C  CG  . ASN A 1 83  ? -2.84472  -5.62560  21.93876  1.000 72.40783 ? 61  ASN A CG  1 
ATOM   505 O  OD1 . ASN A 1 83  ? -3.52676  -4.65120  22.26050  1.000 73.42268 ? 61  ASN A OD1 1 
ATOM   506 N  ND2 . ASN A 1 83  ? -3.33136  -6.64844  21.22661  1.000 71.96488 ? 61  ASN A ND2 1 
ATOM   507 N  N   . GLY A 1 84  ? 1.36614   -3.41839  22.56509  1.000 65.19099 ? 62  GLY A N   1 
ATOM   508 C  CA  . GLY A 1 84  ? 2.82320   -3.47106  22.55237  1.000 66.57974 ? 62  GLY A CA  1 
ATOM   509 C  C   . GLY A 1 84  ? 3.37468   -4.74727  21.94557  1.000 66.71041 ? 62  GLY A C   1 
ATOM   510 O  O   . GLY A 1 84  ? 4.38538   -5.27215  22.42792  1.000 65.32360 ? 62  GLY A O   1 
ATOM   511 N  N   . ALA A 1 85  ? 2.72516   -5.24853  20.89263  1.000 62.68972 ? 63  ALA A N   1 
ATOM   512 C  CA  . ALA A 1 85  ? 3.12799   -6.51186  20.28595  1.000 64.40571 ? 63  ALA A CA  1 
ATOM   513 C  C   . ALA A 1 85  ? 4.53734   -6.39225  19.69177  1.000 65.63380 ? 63  ALA A C   1 
ATOM   514 O  O   . ALA A 1 85  ? 4.87414   -5.35720  19.10769  1.000 66.92559 ? 63  ALA A O   1 
ATOM   515 C  CB  . ALA A 1 85  ? 2.13259   -6.91513  19.19498  1.000 64.38934 ? 63  ALA A CB  1 
ATOM   516 N  N   . PRO A 1 86  ? 5.37538   -7.45762  19.80635  1.000 62.71337 ? 64  PRO A N   1 
ATOM   517 C  CA  . PRO A 1 86  ? 6.75305   -7.40524  19.27393  1.000 63.80910 ? 64  PRO A CA  1 
ATOM   518 C  C   . PRO A 1 86  ? 6.83630   -7.33204  17.74963  1.000 63.64973 ? 64  PRO A C   1 
ATOM   519 O  O   . PRO A 1 86  ? 6.96529   -8.36005  17.07435  1.000 64.30399 ? 64  PRO A O   1 
ATOM   520 C  CB  . PRO A 1 86  ? 7.36404   -8.71769  19.78867  1.000 54.74596 ? 64  PRO A CB  1 
ATOM   521 C  CG  . PRO A 1 86  ? 6.21904   -9.64400  19.87255  1.000 51.07346 ? 64  PRO A CG  1 
ATOM   522 C  CD  . PRO A 1 86  ? 5.05098   -8.79299  20.33861  1.000 66.11287 ? 64  PRO A CD  1 
ATOM   523 N  N   . THR A 1 87  ? 6.81878   -6.11680  17.20478  1.000 56.64108 ? 65  THR A N   1 
ATOM   524 C  CA  . THR A 1 87  ? 6.60140   -5.90106  15.78350  1.000 51.27719 ? 65  THR A CA  1 
ATOM   525 C  C   . THR A 1 87  ? 7.90552   -5.97758  14.99101  1.000 52.38850 ? 65  THR A C   1 
ATOM   526 O  O   . THR A 1 87  ? 8.88772   -5.29439  15.31199  1.000 48.71161 ? 65  THR A O   1 
ATOM   527 C  CB  . THR A 1 87  ? 5.92272   -4.54678  15.56801  1.000 52.21018 ? 65  THR A CB  1 
ATOM   528 O  OG1 . THR A 1 87  ? 4.61121   -4.56588  16.15323  1.000 53.46955 ? 65  THR A OG1 1 
ATOM   529 C  CG2 . THR A 1 87  ? 5.81326   -4.23256  14.08344  1.000 50.01305 ? 65  THR A CG2 1 
ATOM   530 N  N   . THR A 1 88  ? 7.89979   -6.79654  13.94225  1.000 49.32610 ? 66  THR A N   1 
ATOM   531 C  CA  . THR A 1 88  ? 8.96827   -6.83653  12.94331  1.000 46.76707 ? 66  THR A CA  1 
ATOM   532 C  C   . THR A 1 88  ? 8.45054   -6.16341  11.67426  1.000 44.13309 ? 66  THR A C   1 
ATOM   533 O  O   . THR A 1 88  ? 7.71726   -6.77845  10.88742  1.000 43.07767 ? 66  THR A O   1 
ATOM   534 C  CB  . THR A 1 88  ? 9.38268   -8.26638  12.66039  1.000 40.89470 ? 66  THR A CB  1 
ATOM   535 O  OG1 . THR A 1 88  ? 8.26752   -8.93716  12.05745  1.000 55.08053 ? 66  THR A OG1 1 
ATOM   536 C  CG2 . THR A 1 88  ? 9.75905   -8.97782  13.95963  1.000 42.79896 ? 66  THR A CG2 1 
ATOM   537 N  N   . ASP A 1 89  ? 8.85008   -4.91294  11.47209  1.000 34.74978 ? 67  ASP A N   1 
ATOM   538 C  CA  . ASP A 1 89  ? 8.36687   -4.06907  10.38580  1.000 36.46519 ? 67  ASP A CA  1 
ATOM   539 C  C   . ASP A 1 89  ? 9.40838   -4.02875  9.27923   1.000 32.36263 ? 67  ASP A C   1 
ATOM   540 O  O   . ASP A 1 89  ? 10.44740  -3.38317  9.42319   1.000 34.05430 ? 67  ASP A O   1 
ATOM   541 C  CB  . ASP A 1 89  ? 8.08531   -2.65928  10.90421  1.000 40.31321 ? 67  ASP A CB  1 
ATOM   542 C  CG  . ASP A 1 89  ? 7.72898   -1.69410  9.80581   1.000 40.03588 ? 67  ASP A CG  1 
ATOM   543 O  OD1 . ASP A 1 89  ? 7.51475   -2.13515  8.64081   1.000 36.17463 ? 67  ASP A OD1 1 
ATOM   544 O  OD2 . ASP A 1 89  ? 7.67710   -0.48350  10.12385  1.000 43.39923 ? 67  ASP A OD2 1 
ATOM   545 N  N   . LEU A 1 90  ? 9.10352   -4.66166  8.15431   1.000 33.19573 ? 68  LEU A N   1 
ATOM   546 C  CA  . LEU A 1 90  ? 10.04897  -4.77526  7.05542   1.000 32.68306 ? 68  LEU A CA  1 
ATOM   547 C  C   . LEU A 1 90  ? 10.47045  -3.42128  6.47072   1.000 35.55356 ? 68  LEU A C   1 
ATOM   548 O  O   . LEU A 1 90  ? 11.44133  -3.37704  5.70671   1.000 36.64217 ? 68  LEU A O   1 
ATOM   549 C  CB  . LEU A 1 90  ? 9.43275   -5.67123  5.97008   1.000 29.63601 ? 68  LEU A CB  1 
ATOM   550 C  CG  . LEU A 1 90  ? 10.29658  -6.01849  4.76568   1.000 33.00497 ? 68  LEU A CG  1 
ATOM   551 C  CD1 . LEU A 1 90  ? 11.50873  -6.78386  5.25223   1.000 35.42319 ? 68  LEU A CD1 1 
ATOM   552 C  CD2 . LEU A 1 90  ? 9.52195   -6.84056  3.71320   1.000 31.83733 ? 68  LEU A CD2 1 
ATOM   553 N  N   . ALA A 1 91  ? 9.80744   -2.31842  6.81591   1.000 39.77091 ? 69  ALA A N   1 
ATOM   554 C  CA  . ALA A 1 91  ? 10.08953  -1.06834  6.10572   1.000 41.81870 ? 69  ALA A CA  1 
ATOM   555 C  C   . ALA A 1 91  ? 10.14195  0.17616   6.98608   1.000 37.72938 ? 69  ALA A C   1 
ATOM   556 O  O   . ALA A 1 91  ? 10.70909  0.15095   8.08500   1.000 40.27279 ? 69  ALA A O   1 
ATOM   557 C  CB  . ALA A 1 91  ? 9.03093   -0.84894  5.01449   1.000 38.68466 ? 69  ALA A CB  1 
ATOM   558 N  N   . ASN A 1 92  ? 9.64223   1.28506   6.40495   1.000 44.64274 ? 70  ASN A N   1 
ATOM   559 C  CA  . ASN A 1 92  ? 9.04272   2.53388   6.93691   1.000 48.49889 ? 70  ASN A CA  1 
ATOM   560 C  C   . ASN A 1 92  ? 9.45017   3.69885   6.02105   1.000 41.36310 ? 70  ASN A C   1 
ATOM   561 O  O   . ASN A 1 92  ? 9.27610   4.90531   6.29008   1.000 30.98791 ? 70  ASN A O   1 
ATOM   562 C  CB  . ASN A 1 92  ? 9.34746   2.84625   8.39122   1.000 46.92535 ? 70  ASN A CB  1 
ATOM   563 C  CG  . ASN A 1 92  ? 8.71131   4.14068   8.80948   1.000 43.71534 ? 70  ASN A CG  1 
ATOM   564 O  OD1 . ASN A 1 92  ? 7.53662   4.17467   9.20975   1.000 37.78374 ? 70  ASN A OD1 1 
ATOM   565 N  ND2 . ASN A 1 92  ? 9.45052   5.23876   8.61507   1.000 33.44667 ? 70  ASN A ND2 1 
ATOM   566 N  N   . LEU A 1 93  ? 9.95855   3.27912   4.88183   1.000 36.56878 ? 71  LEU A N   1 
ATOM   567 C  CA  . LEU A 1 93  ? 9.42532   3.79042   3.65115   1.000 38.65121 ? 71  LEU A CA  1 
ATOM   568 C  C   . LEU A 1 93  ? 7.91999   3.46009   3.66219   1.000 34.16346 ? 71  LEU A C   1 
ATOM   569 O  O   . LEU A 1 93  ? 7.18943   3.80381   2.72939   1.000 39.47033 ? 71  LEU A O   1 
ATOM   570 C  CB  . LEU A 1 93  ? 10.20545  3.17196   2.48715   1.000 40.16997 ? 71  LEU A CB  1 
ATOM   571 C  CG  . LEU A 1 93  ? 11.72171  3.09493   2.76785   1.000 36.74629 ? 71  LEU A CG  1 
ATOM   572 C  CD1 . LEU A 1 93  ? 12.54124  2.84624   1.49218   1.000 38.64333 ? 71  LEU A CD1 1 
ATOM   573 C  CD2 . LEU A 1 93  ? 12.21926  4.33701   3.47078   1.000 29.74944 ? 71  LEU A CD2 1 
ATOM   574 N  N   . GLY A 1 94  ? 7.43789   2.81550   4.72517   1.000 30.89293 ? 72  GLY A N   1 
ATOM   575 C  CA  . GLY A 1 94  ? 6.00242   2.61430   4.88674   1.000 33.28084 ? 72  GLY A CA  1 
ATOM   576 C  C   . GLY A 1 94  ? 5.26954   3.92906   5.03210   1.000 35.36852 ? 72  GLY A C   1 
ATOM   577 O  O   . GLY A 1 94  ? 4.27303   4.17822   4.34738   1.000 34.88523 ? 72  GLY A O   1 
ATOM   578 N  N   . ASN A 1 95  ? 5.75787   4.79583   5.91849   1.000 39.42119 ? 73  ASN A N   1 
ATOM   579 C  CA  . ASN A 1 95  ? 5.26652   6.16590   5.95174   1.000 35.20757 ? 73  ASN A CA  1 
ATOM   580 C  C   . ASN A 1 95  ? 5.48564   6.84311   4.61555   1.000 36.91080 ? 73  ASN A C   1 
ATOM   581 O  O   . ASN A 1 95  ? 4.60269   7.55607   4.11328   1.000 36.35451 ? 73  ASN A O   1 
ATOM   582 C  CB  . ASN A 1 95  ? 5.97359   6.96921   7.03803   1.000 41.66275 ? 73  ASN A CB  1 
ATOM   583 C  CG  . ASN A 1 95  ? 5.65400   6.48838   8.41106   1.000 47.15736 ? 73  ASN A CG  1 
ATOM   584 O  OD1 . ASN A 1 95  ? 4.75167   5.66078   8.59329   1.000 50.18305 ? 73  ASN A OD1 1 
ATOM   585 N  ND2 . ASN A 1 95  ? 6.38212   7.00530   9.40675   1.000 42.43174 ? 73  ASN A ND2 1 
ATOM   586 N  N   . ARG A 1 96  ? 6.68075   6.67222   4.04398   1.000 33.84149 ? 74  ARG A N   1 
ATOM   587 C  CA  . ARG A 1 96  ? 6.94246   7.22318   2.71731   1.000 34.19758 ? 74  ARG A CA  1 
ATOM   588 C  C   . ARG A 1 96  ? 5.91551   6.72267   1.71458   1.000 33.70917 ? 74  ARG A C   1 
ATOM   589 O  O   . ARG A 1 96  ? 5.35443   7.50709   0.94477   1.000 33.06069 ? 74  ARG A O   1 
ATOM   590 C  CB  . ARG A 1 96  ? 8.35492   6.86549   2.25544   1.000 32.64700 ? 74  ARG A CB  1 
ATOM   591 C  CG  . ARG A 1 96  ? 8.89382   7.80563   1.18996   1.000 26.90604 ? 74  ARG A CG  1 
ATOM   592 C  CD  . ARG A 1 96  ? 10.32230  7.45816   0.79605   1.000 33.65171 ? 74  ARG A CD  1 
ATOM   593 N  NE  . ARG A 1 96  ? 11.28150  7.71016   1.86764   1.000 39.84389 ? 74  ARG A NE  1 
ATOM   594 C  CZ  . ARG A 1 96  ? 12.58369  7.46464   1.77521   1.000 36.87554 ? 74  ARG A CZ  1 
ATOM   595 N  NH1 . ARG A 1 96  ? 13.13078  7.05061   0.64255   1.000 37.47975 ? 74  ARG A NH1 1 
ATOM   596 N  NH2 . ARG A 1 96  ? 13.35211  7.61337   2.85140   1.000 35.61685 ? 74  ARG A NH2 1 
ATOM   597 N  N   . PHE A 1 97  ? 5.65286   5.40774   1.70838   1.000 34.46994 ? 75  PHE A N   1 
ATOM   598 C  CA  . PHE A 1 97  ? 4.76405   4.83568   0.69415   1.000 30.76761 ? 75  PHE A CA  1 
ATOM   599 C  C   . PHE A 1 97  ? 3.34776   5.36145   0.87378   1.000 35.22587 ? 75  PHE A C   1 
ATOM   600 O  O   . PHE A 1 97  ? 2.71382   5.82809   -0.08285  1.000 38.26096 ? 75  PHE A O   1 
ATOM   601 C  CB  . PHE A 1 97  ? 4.78802   3.31383   0.77091   1.000 30.33840 ? 75  PHE A CB  1 
ATOM   602 C  CG  . PHE A 1 97  ? 4.03587   2.63643   -0.34145  1.000 32.31398 ? 75  PHE A CG  1 
ATOM   603 C  CD1 . PHE A 1 97  ? 4.67383   2.32950   -1.54383  1.000 27.85977 ? 75  PHE A CD1 1 
ATOM   604 C  CD2 . PHE A 1 97  ? 2.68913   2.31376   -0.18674  1.000 30.07458 ? 75  PHE A CD2 1 
ATOM   605 C  CE1 . PHE A 1 97  ? 3.97891   1.70318   -2.58883  1.000 32.27771 ? 75  PHE A CE1 1 
ATOM   606 C  CE2 . PHE A 1 97  ? 1.98025   1.68724   -1.20749  1.000 32.83091 ? 75  PHE A CE2 1 
ATOM   607 C  CZ  . PHE A 1 97  ? 2.62893   1.37031   -2.41722  1.000 34.13951 ? 75  PHE A CZ  1 
ATOM   608 N  N   . VAL A 1 98  ? 2.85306   5.34121   2.11065   1.000 29.49885 ? 76  VAL A N   1 
ATOM   609 C  CA  . VAL A 1 98  ? 1.48673   5.76595   2.36630   1.000 33.09334 ? 76  VAL A CA  1 
ATOM   610 C  C   . VAL A 1 98  ? 1.29991   7.24173   2.01284   1.000 36.99472 ? 76  VAL A C   1 
ATOM   611 O  O   . VAL A 1 98  ? 0.31924   7.61934   1.36788   1.000 40.51916 ? 76  VAL A O   1 
ATOM   612 C  CB  . VAL A 1 98  ? 1.11971   5.45938   3.83198   1.000 37.71275 ? 76  VAL A CB  1 
ATOM   613 C  CG1 . VAL A 1 98  ? 0.66461   6.70072   4.53011   1.000 39.65893 ? 76  VAL A CG1 1 
ATOM   614 C  CG2 . VAL A 1 98  ? 0.03966   4.43257   3.86857   1.000 30.03798 ? 76  VAL A CG2 1 
ATOM   615 N  N   . GLN A 1 99  ? 2.23495   8.10051   2.41217   1.000 40.18538 ? 77  GLN A N   1 
ATOM   616 C  CA  . GLN A 1 99  ? 2.08901   9.51258   2.08953   1.000 42.33377 ? 77  GLN A CA  1 
ATOM   617 C  C   . GLN A 1 99  ? 2.12306   9.73620   0.58212   1.000 40.86207 ? 77  GLN A C   1 
ATOM   618 O  O   . GLN A 1 99  ? 1.39644   10.59316  0.05696   1.000 40.99088 ? 77  GLN A O   1 
ATOM   619 C  CB  . GLN A 1 99  ? 3.16955   10.32188  2.79746   1.000 45.31114 ? 77  GLN A CB  1 
ATOM   620 C  CG  . GLN A 1 99  ? 3.14878   10.14403  4.30438   1.000 50.21332 ? 77  GLN A CG  1 
ATOM   621 C  CD  . GLN A 1 99  ? 3.89140   11.25683  5.04675   1.000 63.91642 ? 77  GLN A CD  1 
ATOM   622 O  OE1 . GLN A 1 99  ? 3.30965   11.93362  5.90215   1.000 64.87878 ? 77  GLN A OE1 1 
ATOM   623 N  NE2 . GLN A 1 99  ? 5.18033   11.45171  4.72145   1.000 61.29703 ? 77  GLN A NE2 1 
ATOM   624 N  N   . LEU A 1 100 ? 2.94039   8.96414   -0.13622  1.000 35.91766 ? 78  LEU A N   1 
ATOM   625 C  CA  . LEU A 1 100 ? 2.96865   9.08851   -1.59859  1.000 36.57974 ? 78  LEU A CA  1 
ATOM   626 C  C   . LEU A 1 100 ? 1.69690   8.52941   -2.22813  1.000 39.30408 ? 78  LEU A C   1 
ATOM   627 O  O   . LEU A 1 100 ? 1.25644   9.01124   -3.27872  1.000 37.70173 ? 78  LEU A O   1 
ATOM   628 C  CB  . LEU A 1 100 ? 4.17424   8.36197   -2.16135  1.000 34.84389 ? 78  LEU A CB  1 
ATOM   629 C  CG  . LEU A 1 100 ? 5.51832   9.04920   -2.10849  1.000 34.06707 ? 78  LEU A CG  1 
ATOM   630 C  CD1 . LEU A 1 100 ? 6.58482   8.00245   -2.29235  1.000 34.75038 ? 78  LEU A CD1 1 
ATOM   631 C  CD2 . LEU A 1 100 ? 5.58478   10.01845  -3.24075  1.000 38.31828 ? 78  LEU A CD2 1 
ATOM   632 N  N   . PHE A 1 101 ? 1.11786   7.48735   -1.62128  1.000 36.53795 ? 79  PHE A N   1 
ATOM   633 C  CA  . PHE A 1 101 ? -0.10603  6.91059   -2.16789  1.000 41.03608 ? 79  PHE A CA  1 
ATOM   634 C  C   . PHE A 1 101 ? -1.29145  7.84987   -1.98393  1.000 42.53543 ? 79  PHE A C   1 
ATOM   635 O  O   . PHE A 1 101 ? -2.16706  7.92186   -2.85374  1.000 40.62907 ? 79  PHE A O   1 
ATOM   636 C  CB  . PHE A 1 101 ? -0.37664  5.56016   -1.50904  1.000 37.59125 ? 79  PHE A CB  1 
ATOM   637 C  CG  . PHE A 1 101 ? -1.59800  4.87250   -2.03141  1.000 40.87151 ? 79  PHE A CG  1 
ATOM   638 C  CD1 . PHE A 1 101 ? -1.66656  4.45859   -3.35061  1.000 35.62717 ? 79  PHE A CD1 1 
ATOM   639 C  CD2 . PHE A 1 101 ? -2.68145  4.63747   -1.20168  1.000 42.29696 ? 79  PHE A CD2 1 
ATOM   640 C  CE1 . PHE A 1 101 ? -2.80043  3.82628   -3.82893  1.000 43.08538 ? 79  PHE A CE1 1 
ATOM   641 C  CE2 . PHE A 1 101 ? -3.81866  3.99372   -1.67396  1.000 45.09115 ? 79  PHE A CE2 1 
ATOM   642 C  CZ  . PHE A 1 101 ? -3.88200  3.59365   -2.98366  1.000 39.58740 ? 79  PHE A CZ  1 
ATOM   643 N  N   . GLN A 1 102 ? -1.32699  8.58076   -0.86787  1.000 39.16905 ? 80  GLN A N   1 
ATOM   644 C  CA  . GLN A 1 102 ? -2.33620  9.61379   -0.68523  1.000 44.84732 ? 80  GLN A CA  1 
ATOM   645 C  C   . GLN A 1 102 ? -2.23418  10.69595  -1.75820  1.000 43.70967 ? 80  GLN A C   1 
ATOM   646 O  O   . GLN A 1 102 ? -3.24408  11.09565  -2.34264  1.000 43.53696 ? 80  GLN A O   1 
ATOM   647 C  CB  . GLN A 1 102 ? -2.19508  10.21947  0.70501   1.000 49.44407 ? 80  GLN A CB  1 
ATOM   648 C  CG  . GLN A 1 102 ? -3.18499  11.31343  1.01882   1.000 53.97335 ? 80  GLN A CG  1 
ATOM   649 C  CD  . GLN A 1 102 ? -3.02982  11.82424  2.43777   1.000 60.51626 ? 80  GLN A CD  1 
ATOM   650 O  OE1 . GLN A 1 102 ? -2.32043  11.22604  3.24973   1.000 63.71994 ? 80  GLN A OE1 1 
ATOM   651 N  NE2 . GLN A 1 102 ? -3.68452  12.93988  2.74390   1.000 66.67941 ? 80  GLN A NE2 1 
ATOM   652 N  N   . ARG A 1 103 ? -1.02267  11.18330  -2.03874  1.000 46.74288 ? 81  ARG A N   1 
ATOM   653 C  CA  . ARG A 1 103 ? -0.85639  12.13096  -3.14216  1.000 46.32762 ? 81  ARG A CA  1 
ATOM   654 C  C   . ARG A 1 103 ? -1.33472  11.53940  -4.46855  1.000 46.90992 ? 81  ARG A C   1 
ATOM   655 O  O   . ARG A 1 103 ? -1.98024  12.22856  -5.26719  1.000 43.42874 ? 81  ARG A O   1 
ATOM   656 C  CB  . ARG A 1 103 ? 0.60661   12.56860  -3.25005  1.000 47.07369 ? 81  ARG A CB  1 
ATOM   657 C  CG  . ARG A 1 103 ? 1.10231   13.40529  -2.05568  1.000 53.51354 ? 81  ARG A CG  1 
ATOM   658 C  CD  . ARG A 1 103 ? 1.49761   14.78273  -2.52860  1.000 60.68913 ? 81  ARG A CD  1 
ATOM   659 N  NE  . ARG A 1 103 ? 2.56851   14.70849  -3.51822  1.000 64.30787 ? 81  ARG A NE  1 
ATOM   660 C  CZ  . ARG A 1 103 ? 2.75085   15.58701  -4.49625  1.000 67.55449 ? 81  ARG A CZ  1 
ATOM   661 N  NH1 . ARG A 1 103 ? 1.90485   16.59388  -4.68647  1.000 62.15395 ? 81  ARG A NH1 1 
ATOM   662 N  NH2 . ARG A 1 103 ? 3.80323   15.44730  -5.30528  1.000 64.67494 ? 81  ARG A NH2 1 
ATOM   663 N  N   . PHE A 1 104 ? -1.02009  10.26004  -4.72442  1.000 43.70107 ? 82  PHE A N   1 
ATOM   664 C  CA  . PHE A 1 104 ? -1.44017  9.62817   -5.97624  1.000 45.64781 ? 82  PHE A CA  1 
ATOM   665 C  C   . PHE A 1 104 ? -2.95459  9.66610   -6.13178  1.000 44.50734 ? 82  PHE A C   1 
ATOM   666 O  O   . PHE A 1 104 ? -3.47690  9.97580   -7.21035  1.000 41.31728 ? 82  PHE A O   1 
ATOM   667 C  CB  . PHE A 1 104 ? -0.94245  8.18048   -6.03346  1.000 45.34076 ? 82  PHE A CB  1 
ATOM   668 C  CG  . PHE A 1 104 ? -1.29932  7.48112   -7.30505  1.000 45.61101 ? 82  PHE A CG  1 
ATOM   669 C  CD1 . PHE A 1 104 ? -0.61166  7.75081   -8.47334  1.000 47.59584 ? 82  PHE A CD1 1 
ATOM   670 C  CD2 . PHE A 1 104 ? -2.34047  6.58348   -7.34213  1.000 46.38815 ? 82  PHE A CD2 1 
ATOM   671 C  CE1 . PHE A 1 104 ? -0.95045  7.12751   -9.65856  1.000 50.88087 ? 82  PHE A CE1 1 
ATOM   672 C  CE2 . PHE A 1 104 ? -2.68895  5.96118   -8.52533  1.000 51.10139 ? 82  PHE A CE2 1 
ATOM   673 C  CZ  . PHE A 1 104 ? -1.99015  6.22580   -9.68158  1.000 51.94748 ? 82  PHE A CZ  1 
ATOM   674 N  N   . ARG A 1 105 ? -3.67343  9.36311   -5.05281  1.000 43.98874 ? 83  ARG A N   1 
ATOM   675 C  CA  . ARG A 1 105 ? -5.12890  9.36569   -5.09828  1.000 44.07706 ? 83  ARG A CA  1 
ATOM   676 C  C   . ARG A 1 105 ? -5.67854  10.76293  -5.34070  1.000 49.98590 ? 83  ARG A C   1 
ATOM   677 O  O   . ARG A 1 105 ? -6.60839  10.93364  -6.14077  1.000 50.02137 ? 83  ARG A O   1 
ATOM   678 C  CB  . ARG A 1 105 ? -5.67323  8.76998   -3.80583  1.000 42.74464 ? 83  ARG A CB  1 
ATOM   679 C  CG  . ARG A 1 105 ? -5.26469  7.32813   -3.68084  1.000 44.56123 ? 83  ARG A CG  1 
ATOM   680 C  CD  . ARG A 1 105 ? -5.98485  6.58991   -2.59937  1.000 44.03329 ? 83  ARG A CD  1 
ATOM   681 N  NE  . ARG A 1 105 ? -5.60355  7.06185   -1.27923  1.000 50.28926 ? 83  ARG A NE  1 
ATOM   682 C  CZ  . ARG A 1 105 ? -6.48207  7.40211   -0.34741  1.000 57.57296 ? 83  ARG A CZ  1 
ATOM   683 N  NH1 . ARG A 1 105 ? -7.78903  7.23816   -0.54014  1.000 54.62746 ? 83  ARG A NH1 1 
ATOM   684 N  NH2 . ARG A 1 105 ? -6.04236  7.91188   0.80417   1.000 50.66993 ? 83  ARG A NH2 1 
ATOM   685 N  N   . GLU A 1 106 ? -5.11417  11.77980  -4.67091  1.000 49.47904 ? 84  GLU A N   1 
ATOM   686 C  CA  . GLU A 1 106 ? -5.52724  13.15585  -4.94913  1.000 51.84926 ? 84  GLU A CA  1 
ATOM   687 C  C   . GLU A 1 106 ? -5.26425  13.52235  -6.40338  1.000 47.98645 ? 84  GLU A C   1 
ATOM   688 O  O   . GLU A 1 106 ? -6.12316  14.11724  -7.06396  1.000 47.60727 ? 84  GLU A O   1 
ATOM   689 C  CB  . GLU A 1 106 ? -4.82121  14.12480  -4.00014  1.000 47.28564 ? 84  GLU A CB  1 
ATOM   690 C  CG  . GLU A 1 106 ? -5.60445  14.34942  -2.71677  1.000 53.36673 ? 84  GLU A CG  1 
ATOM   691 C  CD  . GLU A 1 106 ? -4.72201  14.38147  -1.47323  1.000 63.52867 ? 84  GLU A CD  1 
ATOM   692 O  OE1 . GLU A 1 106 ? -3.62941  15.00601  -1.50978  1.000 60.71524 ? 84  GLU A OE1 1 
ATOM   693 O  OE2 . GLU A 1 106 ? -5.12354  13.77010  -0.45078  1.000 63.10921 ? 84  GLU A OE2 1 
ATOM   694 N  N   . ALA A 1 107 ? -4.09501  13.14601  -6.92607  1.000 46.09952 ? 85  ALA A N   1 
ATOM   695 C  CA  . ALA A 1 107 ? -3.80400  13.36739  -8.33769  1.000 50.89493 ? 85  ALA A CA  1 
ATOM   696 C  C   . ALA A 1 107 ? -4.83658  12.68446  -9.23315  1.000 52.48198 ? 85  ALA A C   1 
ATOM   697 O  O   . ALA A 1 107 ? -5.40725  13.31392  -10.13207 1.000 52.21263 ? 85  ALA A O   1 
ATOM   698 C  CB  . ALA A 1 107 ? -2.39171  12.87518  -8.65711  1.000 48.90156 ? 85  ALA A CB  1 
ATOM   699 N  N   . TRP A 1 108 ? -5.08694  11.38962  -9.01177  1.000 50.92837 ? 86  TRP A N   1 
ATOM   700 C  CA  . TRP A 1 108 ? -6.07623  10.68646  -9.83101  1.000 52.39345 ? 86  TRP A CA  1 
ATOM   701 C  C   . TRP A 1 108 ? -7.43410  11.36641  -9.74765  1.000 49.12148 ? 86  TRP A C   1 
ATOM   702 O  O   . TRP A 1 108 ? -8.05961  11.66930  -10.76695 1.000 50.30655 ? 86  TRP A O   1 
ATOM   703 C  CB  . TRP A 1 108 ? -6.19395  9.22719   -9.39335  1.000 47.62553 ? 86  TRP A CB  1 
ATOM   704 C  CG  . TRP A 1 108 ? -7.35947  8.51251   -10.03135 1.000 52.30419 ? 86  TRP A CG  1 
ATOM   705 C  CD1 . TRP A 1 108 ? -8.58632  8.27697   -9.47434  1.000 51.97120 ? 86  TRP A CD1 1 
ATOM   706 C  CD2 . TRP A 1 108 ? -7.40476  7.94886   -11.35195 1.000 48.11619 ? 86  TRP A CD2 1 
ATOM   707 N  NE1 . TRP A 1 108 ? -9.38907  7.59772   -10.37115 1.000 51.12954 ? 86  TRP A NE1 1 
ATOM   708 C  CE2 . TRP A 1 108 ? -8.68767  7.38856   -11.52702 1.000 45.03757 ? 86  TRP A CE2 1 
ATOM   709 C  CE3 . TRP A 1 108 ? -6.48402  7.86262   -12.39938 1.000 51.33269 ? 86  TRP A CE3 1 
ATOM   710 C  CZ2 . TRP A 1 108 ? -9.07055  6.75764   -12.69836 1.000 52.50165 ? 86  TRP A CZ2 1 
ATOM   711 C  CZ3 . TRP A 1 108 ? -6.87009  7.22396   -13.56887 1.000 55.10323 ? 86  TRP A CZ3 1 
ATOM   712 C  CH2 . TRP A 1 108 ? -8.15164  6.68338   -13.70807 1.000 50.47836 ? 86  TRP A CH2 1 
ATOM   713 N  N   . ASP A 1 109 ? -7.89474  11.62413  -8.52860  1.000 47.67088 ? 87  ASP A N   1 
ATOM   714 C  CA  . ASP A 1 109 ? -9.21384  12.20401  -8.33101  1.000 49.73885 ? 87  ASP A CA  1 
ATOM   715 C  C   . ASP A 1 109 ? -9.30552  13.60083  -8.93227  1.000 55.39512 ? 87  ASP A C   1 
ATOM   716 O  O   . ASP A 1 109 ? -10.34335 13.97306  -9.48505  1.000 58.78547 ? 87  ASP A O   1 
ATOM   717 C  CB  . ASP A 1 109 ? -9.54059  12.21316  -6.83673  1.000 52.47712 ? 87  ASP A CB  1 
ATOM   718 C  CG  . ASP A 1 109 ? -9.79880  10.79275  -6.27681  1.000 59.23620 ? 87  ASP A CG  1 
ATOM   719 O  OD1 . ASP A 1 109 ? -10.61252 10.02932  -6.85324  1.000 55.68594 ? 87  ASP A OD1 1 
ATOM   720 O  OD2 . ASP A 1 109 ? -9.17513  10.43436  -5.25785  1.000 61.53498 ? 87  ASP A OD2 1 
ATOM   721 N  N   . LYS A 1 110 ? -8.23724  14.39197  -8.83429  1.000 54.09155 ? 88  LYS A N   1 
ATOM   722 C  CA  . LYS A 1 110 ? -8.18710  15.67782  -9.52700  1.000 59.99177 ? 88  LYS A CA  1 
ATOM   723 C  C   . LYS A 1 110 ? -8.07733  15.53741  -11.04747 1.000 61.76042 ? 88  LYS A C   1 
ATOM   724 O  O   . LYS A 1 110 ? -8.04798  16.56448  -11.73104 1.000 63.56705 ? 88  LYS A O   1 
ATOM   725 C  CB  . LYS A 1 110 ? -7.00617  16.52785  -9.01619  1.000 54.89025 ? 88  LYS A CB  1 
ATOM   726 C  CG  . LYS A 1 110 ? -7.25707  17.24178  -7.69629  1.000 53.75603 ? 88  LYS A CG  1 
ATOM   727 C  CD  . LYS A 1 110 ? -6.08148  18.12368  -7.26879  1.000 62.23827 ? 88  LYS A CD  1 
ATOM   728 C  CE  . LYS A 1 110 ? -5.17184  17.42955  -6.25319  1.000 64.55204 ? 88  LYS A CE  1 
ATOM   729 N  NZ  . LYS A 1 110 ? -4.73882  18.34839  -5.14563  1.000 65.48658 ? 88  LYS A NZ  1 
ATOM   730 N  N   . GLY A 1 111 ? -8.01068  14.32126  -11.59948 1.000 53.89932 ? 89  GLY A N   1 
ATOM   731 C  CA  . GLY A 1 111 ? -7.69823  14.15645  -13.00395 1.000 51.44952 ? 89  GLY A CA  1 
ATOM   732 C  C   . GLY A 1 111 ? -6.27122  14.48734  -13.40046 1.000 61.72862 ? 89  GLY A C   1 
ATOM   733 O  O   . GLY A 1 111 ? -5.87611  14.16509  -14.53468 1.000 61.14341 ? 89  GLY A O   1 
ATOM   734 N  N   . ASP A 1 112 ? -5.47677  15.09726  -12.50105 1.000 62.51762 ? 90  ASP A N   1 
ATOM   735 C  CA  . ASP A 1 112 ? -4.10196  15.54409  -12.73982 1.000 59.89193 ? 90  ASP A CA  1 
ATOM   736 C  C   . ASP A 1 112 ? -3.20741  14.42193  -13.25923 1.000 63.05226 ? 90  ASP A C   1 
ATOM   737 O  O   . ASP A 1 112 ? -2.55168  13.73077  -12.47338 1.000 63.74446 ? 90  ASP A O   1 
ATOM   738 C  CB  . ASP A 1 112 ? -3.51237  16.11343  -11.44249 1.000 63.53059 ? 90  ASP A CB  1 
ATOM   739 C  CG  . ASP A 1 112 ? -2.62598  17.34518  -11.67446 1.000 73.12367 ? 90  ASP A CG  1 
ATOM   740 O  OD1 . ASP A 1 112 ? -2.91282  18.41723  -11.08687 1.000 77.64450 ? 90  ASP A OD1 1 
ATOM   741 O  OD2 . ASP A 1 112 ? -1.64609  17.24605  -12.44667 1.000 73.23134 ? 90  ASP A OD2 1 
ATOM   742 N  N   . LYS A 1 113 ? -3.14408  14.24627  -14.57978 1.000 67.12139 ? 91  LYS A N   1 
ATOM   743 C  CA  . LYS A 1 113 ? -2.48917  13.06298  -15.12884 1.000 68.34744 ? 91  LYS A CA  1 
ATOM   744 C  C   . LYS A 1 113 ? -0.97433  13.16646  -15.12215 1.000 65.22859 ? 91  LYS A C   1 
ATOM   745 O  O   . LYS A 1 113 ? -0.29084  12.14373  -15.01489 1.000 67.11710 ? 91  LYS A O   1 
ATOM   746 C  CB  . LYS A 1 113 ? -2.96027  12.80155  -16.55520 1.000 68.30450 ? 91  LYS A CB  1 
ATOM   747 C  CG  . LYS A 1 113 ? -2.24830  11.64008  -17.21206 1.000 65.08247 ? 91  LYS A CG  1 
ATOM   748 C  CD  . LYS A 1 113 ? -3.17695  10.94823  -18.19817 1.000 77.64296 ? 91  LYS A CD  1 
ATOM   749 C  CE  . LYS A 1 113 ? -4.45874  10.46491  -17.51056 1.000 71.38637 ? 91  LYS A CE  1 
ATOM   750 N  NZ  . LYS A 1 113 ? -5.51336  10.15178  -18.49921 1.000 68.21281 ? 91  LYS A NZ  1 
ATOM   751 N  N   . ASP A 1 114 ? -0.42468  14.36721  -15.26084 1.000 69.23456 ? 92  ASP A N   1 
ATOM   752 C  CA  . ASP A 1 114 ? 1.02915   14.47975  -15.28888 1.000 67.79970 ? 92  ASP A CA  1 
ATOM   753 C  C   . ASP A 1 114 ? 1.62161   14.13493  -13.92975 1.000 61.51554 ? 92  ASP A C   1 
ATOM   754 O  O   . ASP A 1 114 ? 2.68285   13.50457  -13.84934 1.000 60.59988 ? 92  ASP A O   1 
ATOM   755 C  CB  . ASP A 1 114 ? 1.44271   15.88434  -15.73463 1.000 74.76657 ? 92  ASP A CB  1 
ATOM   756 C  CG  . ASP A 1 114 ? 1.14497   16.15028  -17.21456 1.000 82.79629 ? 92  ASP A CG  1 
ATOM   757 O  OD1 . ASP A 1 114 ? 0.72003   15.20838  -17.93247 1.000 76.95633 ? 92  ASP A OD1 1 
ATOM   758 O  OD2 . ASP A 1 114 ? 1.33592   17.31048  -17.65674 1.000 88.01502 ? 92  ASP A OD2 1 
ATOM   759 N  N   . SER A 1 115 ? 0.95311   14.53914  -12.85025 1.000 61.89400 ? 93  SER A N   1 
ATOM   760 C  CA  . SER A 1 115 ? 1.35205   14.05978  -11.53143 1.000 60.82023 ? 93  SER A CA  1 
ATOM   761 C  C   . SER A 1 115 ? 1.37652   12.53452  -11.49488 1.000 58.18728 ? 93  SER A C   1 
ATOM   762 O  O   . SER A 1 115 ? 2.37985   11.92350  -11.11290 1.000 52.48796 ? 93  SER A O   1 
ATOM   763 C  CB  . SER A 1 115 ? 0.40016   14.60338  -10.46723 1.000 57.68512 ? 93  SER A CB  1 
ATOM   764 O  OG  . SER A 1 115 ? 0.79384   15.87963  -10.01429 1.000 65.19513 ? 93  SER A OG  1 
ATOM   765 N  N   . LEU A 1 116 ? 0.26545   11.90831  -11.90512 1.000 55.13331 ? 94  LEU A N   1 
ATOM   766 C  CA  . LEU A 1 116 ? 0.08127   10.46843  -11.76823 1.000 54.83886 ? 94  LEU A CA  1 
ATOM   767 C  C   . LEU A 1 116 ? 1.32651   9.68793   -12.14947 1.000 52.59239 ? 94  LEU A C   1 
ATOM   768 O  O   . LEU A 1 116 ? 1.75949   8.78629   -11.42665 1.000 49.52397 ? 94  LEU A O   1 
ATOM   769 C  CB  . LEU A 1 116 ? -1.10355  10.02442  -12.62865 1.000 56.66194 ? 94  LEU A CB  1 
ATOM   770 C  CG  . LEU A 1 116 ? -2.46407  10.38841  -12.05319 1.000 54.93168 ? 94  LEU A CG  1 
ATOM   771 C  CD1 . LEU A 1 116 ? -3.56619  10.19781  -13.08754 1.000 58.05042 ? 94  LEU A CD1 1 
ATOM   772 C  CD2 . LEU A 1 116 ? -2.70748  9.52384   -10.83003 1.000 55.29123 ? 94  LEU A CD2 1 
ATOM   773 N  N   . GLU A 1 117 ? 1.92012   10.02776  -13.28502 1.000 51.66597 ? 95  GLU A N   1 
ATOM   774 C  CA  . GLU A 1 117 ? 3.06339   9.26244   -13.75674 1.000 54.84224 ? 95  GLU A CA  1 
ATOM   775 C  C   . GLU A 1 117 ? 4.28208   9.46313   -12.86376 1.000 52.40737 ? 95  GLU A C   1 
ATOM   776 O  O   . GLU A 1 117 ? 5.04292   8.52316   -12.61853 1.000 51.28140 ? 95  GLU A O   1 
ATOM   777 C  CB  . GLU A 1 117 ? 3.38330   9.65786   -15.18792 1.000 52.14524 ? 95  GLU A CB  1 
ATOM   778 C  CG  . GLU A 1 117 ? 4.41418   8.78124   -15.78205 1.000 64.02309 ? 95  GLU A CG  1 
ATOM   779 C  CD  . GLU A 1 117 ? 3.97375   8.24905   -17.11668 1.000 81.81059 ? 95  GLU A CD  1 
ATOM   780 O  OE1 . GLU A 1 117 ? 3.78647   9.07808   -18.04293 1.000 87.88540 ? 95  GLU A OE1 1 
ATOM   781 O  OE2 . GLU A 1 117 ? 3.79298   7.00893   -17.22728 1.000 78.16377 ? 95  GLU A OE2 1 
ATOM   782 N  N   . GLN A 1 118 ? 4.51087   10.68752  -12.39870 1.000 56.11018 ? 96  GLN A N   1 
ATOM   783 C  CA  . GLN A 1 118 ? 5.63085   10.93134  -11.49702 1.000 54.76407 ? 96  GLN A CA  1 
ATOM   784 C  C   . GLN A 1 118 ? 5.41905   10.20139  -10.17700 1.000 50.65757 ? 96  GLN A C   1 
ATOM   785 O  O   . GLN A 1 118 ? 6.31951   9.51644   -9.68336  1.000 46.90559 ? 96  GLN A O   1 
ATOM   786 C  CB  . GLN A 1 118 ? 5.79466   12.44022  -11.27154 1.000 64.29353 ? 96  GLN A CB  1 
ATOM   787 C  CG  . GLN A 1 118 ? 7.10584   12.87459  -10.60386 1.000 73.30263 ? 96  GLN A CG  1 
ATOM   788 C  CD  . GLN A 1 118 ? 7.18382   14.39438  -10.38992 1.000 88.41042 ? 96  GLN A CD  1 
ATOM   789 O  OE1 . GLN A 1 118 ? 6.16272   15.06172  -10.18776 1.000 85.71132 ? 96  GLN A OE1 1 
ATOM   790 N  NE2 . GLN A 1 118 ? 8.39907   14.94152  -10.44155 1.000 84.56953 ? 96  GLN A NE2 1 
ATOM   791 N  N   . ILE A 1 119 ? 4.21583   10.32478  -9.60644  1.000 49.41816 ? 97  ILE A N   1 
ATOM   792 C  CA  . ILE A 1 119 ? 3.89358   9.73931   -8.30696  1.000 48.55101 ? 97  ILE A CA  1 
ATOM   793 C  C   . ILE A 1 119 ? 3.91343   8.22043   -8.37223  1.000 46.34444 ? 97  ILE A C   1 
ATOM   794 O  O   . ILE A 1 119 ? 4.23357   7.54754   -7.38507  1.000 39.27028 ? 97  ILE A O   1 
ATOM   795 C  CB  . ILE A 1 119 ? 2.52452   10.26306  -7.83861  1.000 45.90868 ? 97  ILE A CB  1 
ATOM   796 C  CG1 . ILE A 1 119 ? 2.41585   11.75560  -8.16040  1.000 45.41109 ? 97  ILE A CG1 1 
ATOM   797 C  CG2 . ILE A 1 119 ? 2.30396   9.97290   -6.36270  1.000 42.58075 ? 97  ILE A CG2 1 
ATOM   798 C  CD1 . ILE A 1 119 ? 1.14599   12.38384  -7.70994  1.000 49.11521 ? 97  ILE A CD1 1 
ATOM   799 N  N   . LEU A 1 120 ? 3.58766   7.65620   -9.52954  1.000 45.66896 ? 98  LEU A N   1 
ATOM   800 C  CA  . LEU A 1 120 ? 3.59326   6.20434   -9.66737  1.000 44.06330 ? 98  LEU A CA  1 
ATOM   801 C  C   . LEU A 1 120 ? 5.02017   5.65466   -9.68365  1.000 44.17193 ? 98  LEU A C   1 
ATOM   802 O  O   . LEU A 1 120 ? 5.28486   4.56360   -9.15165  1.000 41.95116 ? 98  LEU A O   1 
ATOM   803 C  CB  . LEU A 1 120 ? 2.82912   5.82584   -10.93448 1.000 44.36431 ? 98  LEU A CB  1 
ATOM   804 C  CG  . LEU A 1 120 ? 2.57331   4.37092   -11.29468 1.000 47.75219 ? 98  LEU A CG  1 
ATOM   805 C  CD1 . LEU A 1 120 ? 1.95041   3.63562   -10.11717 1.000 44.94763 ? 98  LEU A CD1 1 
ATOM   806 C  CD2 . LEU A 1 120 ? 1.65734   4.37765   -12.49454 1.000 45.93436 ? 98  LEU A CD2 1 
ATOM   807 N  N   . GLU A 1 121 ? 5.95390   6.40186   -10.28061 1.000 45.05286 ? 99  GLU A N   1 
ATOM   808 C  CA  . GLU A 1 121 ? 7.35785   6.00119   -10.28809 1.000 40.43889 ? 99  GLU A CA  1 
ATOM   809 C  C   . GLU A 1 121 ? 7.94213   6.02984   -8.88405  1.000 42.57701 ? 99  GLU A C   1 
ATOM   810 O  O   . GLU A 1 121 ? 8.58006   5.06586   -8.45075  1.000 44.67541 ? 99  GLU A O   1 
ATOM   811 C  CB  . GLU A 1 121 ? 8.15240   6.92765   -11.19012 1.000 45.73910 ? 99  GLU A CB  1 
ATOM   812 C  CG  . GLU A 1 121 ? 8.24448   6.53051   -12.63413 1.000 54.30756 ? 99  GLU A CG  1 
ATOM   813 C  CD  . GLU A 1 121 ? 9.17569   7.47548   -13.37914 1.000 74.49228 ? 99  GLU A CD  1 
ATOM   814 O  OE1 . GLU A 1 121 ? 8.86622   7.84909   -14.53843 1.000 74.03816 ? 99  GLU A OE1 1 
ATOM   815 O  OE2 . GLU A 1 121 ? 10.21058  7.86768   -12.77515 1.000 77.21369 ? 99  GLU A OE2 1 
ATOM   816 N  N   . GLU A 1 122 ? 7.75352   7.14522   -8.16867  1.000 38.56065 ? 100 GLU A N   1 
ATOM   817 C  CA  . GLU A 1 122 ? 8.20736   7.23369   -6.78970  1.000 38.95407 ? 100 GLU A CA  1 
ATOM   818 C  C   . GLU A 1 122 ? 7.68000   6.06958   -5.97194  1.000 37.78652 ? 100 GLU A C   1 
ATOM   819 O  O   . GLU A 1 122 ? 8.38598   5.53269   -5.10645  1.000 35.57156 ? 100 GLU A O   1 
ATOM   820 C  CB  . GLU A 1 122 ? 7.75190   8.55972   -6.15939  1.000 39.04158 ? 100 GLU A CB  1 
ATOM   821 C  CG  . GLU A 1 122 ? 8.15868   9.85136   -6.89511  1.000 48.22051 ? 100 GLU A CG  1 
ATOM   822 C  CD  . GLU A 1 122 ? 8.13220   11.08726  -5.97630  1.000 54.13079 ? 100 GLU A CD  1 
ATOM   823 O  OE1 . GLU A 1 122 ? 8.99077   11.17531  -5.06640  1.000 51.75025 ? 100 GLU A OE1 1 
ATOM   824 O  OE2 . GLU A 1 122 ? 7.24546   11.96041  -6.14712  1.000 58.21368 ? 100 GLU A OE2 1 
ATOM   825 N  N   . LEU A 1 123 ? 6.41250   5.68897   -6.20699  1.000 37.89250 ? 101 LEU A N   1 
ATOM   826 C  CA  . LEU A 1 123 ? 5.81356   4.56419   -5.47890  1.000 35.84796 ? 101 LEU A CA  1 
ATOM   827 C  C   . LEU A 1 123 ? 6.53165   3.26062   -5.80604  1.000 33.27572 ? 101 LEU A C   1 
ATOM   828 O  O   . LEU A 1 123 ? 6.90333   2.49930   -4.90494  1.000 32.61303 ? 101 LEU A O   1 
ATOM   829 C  CB  . LEU A 1 123 ? 4.32486   4.45844   -5.79810  1.000 34.30266 ? 101 LEU A CB  1 
ATOM   830 C  CG  . LEU A 1 123 ? 3.46255   5.42302   -4.99587  1.000 30.26334 ? 101 LEU A CG  1 
ATOM   831 C  CD1 . LEU A 1 123 ? 2.14674   5.55665   -5.66369  1.000 31.17507 ? 101 LEU A CD1 1 
ATOM   832 C  CD2 . LEU A 1 123 ? 3.27170   4.90246   -3.58956  1.000 34.63256 ? 101 LEU A CD2 1 
ATOM   833 N  N   . GLU A 1 124 ? 6.77310   3.00004   -7.08274  1.000 34.61123 ? 102 GLU A N   1 
ATOM   834 C  CA  . GLU A 1 124 ? 7.51019   1.78841   -7.41423  1.000 38.66117 ? 102 GLU A CA  1 
ATOM   835 C  C   . GLU A 1 124 ? 8.90389   1.77969   -6.79282  1.000 38.55807 ? 102 GLU A C   1 
ATOM   836 O  O   . GLU A 1 124 ? 9.42668   0.70061   -6.50133  1.000 42.93907 ? 102 GLU A O   1 
ATOM   837 C  CB  . GLU A 1 124 ? 7.59079   1.61696   -8.92892  1.000 41.56283 ? 102 GLU A CB  1 
ATOM   838 C  CG  . GLU A 1 124 ? 8.78276   0.80043   -9.40914  1.000 40.59459 ? 102 GLU A CG  1 
ATOM   839 C  CD  . GLU A 1 124 ? 8.59705   -0.70883  -9.31424  1.000 56.66173 ? 102 GLU A CD  1 
ATOM   840 O  OE1 . GLU A 1 124 ? 7.70076   -1.19712  -8.56430  1.000 53.24073 ? 102 GLU A OE1 1 
ATOM   841 O  OE2 . GLU A 1 124 ? 9.38092   -1.40930  -10.00360 1.000 59.97361 ? 102 GLU A OE2 1 
ATOM   842 N  N   . GLN A 1 125 ? 9.52466   2.95456   -6.59227  1.000 35.91570 ? 103 GLN A N   1 
ATOM   843 C  CA  . GLN A 1 125 ? 10.88715  3.00778   -6.04859  1.000 37.58827 ? 103 GLN A CA  1 
ATOM   844 C  C   . GLN A 1 125 ? 10.89361  2.64284   -4.57037  1.000 35.48221 ? 103 GLN A C   1 
ATOM   845 O  O   . GLN A 1 125 ? 11.78332  1.91836   -4.08953  1.000 33.03184 ? 103 GLN A O   1 
ATOM   846 C  CB  . GLN A 1 125 ? 11.49562  4.41249   -6.25614  1.000 41.13883 ? 103 GLN A CB  1 
ATOM   847 C  CG  . GLN A 1 125 ? 12.63222  4.48965   -7.28176  1.000 47.60368 ? 103 GLN A CG  1 
ATOM   848 C  CD  . GLN A 1 125 ? 12.78488  5.87600   -7.94776  1.000 60.41252 ? 103 GLN A CD  1 
ATOM   849 O  OE1 . GLN A 1 125 ? 12.49619  6.91532   -7.34933  1.000 67.85903 ? 103 GLN A OE1 1 
ATOM   850 N  NE2 . GLN A 1 125 ? 13.24400  5.88208   -9.19640  1.000 62.94501 ? 103 GLN A NE2 1 
ATOM   851 N  N   . VAL A 1 126 ? 9.90163   3.13018   -3.83196  1.000 34.15543 ? 104 VAL A N   1 
ATOM   852 C  CA  . VAL A 1 126 ? 9.80471   2.77658   -2.42144  1.000 32.65082 ? 104 VAL A CA  1 
ATOM   853 C  C   . VAL A 1 126 ? 9.57720   1.28047   -2.27131  1.000 32.72500 ? 104 VAL A C   1 
ATOM   854 O  O   . VAL A 1 126 ? 10.23066  0.61802   -1.45676  1.000 31.36606 ? 104 VAL A O   1 
ATOM   855 C  CB  . VAL A 1 126 ? 8.69929   3.60027   -1.74364  1.000 32.68231 ? 104 VAL A CB  1 
ATOM   856 C  CG1 . VAL A 1 126 ? 8.60075   3.24622   -0.27403  1.000 33.37830 ? 104 VAL A CG1 1 
ATOM   857 C  CG2 . VAL A 1 126 ? 8.98648   5.09649   -1.93517  1.000 30.33985 ? 104 VAL A CG2 1 
ATOM   858 N  N   . ALA A 1 127 ? 8.65678   0.71855   -3.06754  1.000 35.22771 ? 105 ALA A N   1 
ATOM   859 C  CA  . ALA A 1 127 ? 8.32901   -0.70048  -2.93029  1.000 31.82629 ? 105 ALA A CA  1 
ATOM   860 C  C   . ALA A 1 127 ? 9.56861   -1.56265  -3.12158  1.000 30.81944 ? 105 ALA A C   1 
ATOM   861 O  O   . ALA A 1 127 ? 9.90684   -2.39100  -2.26939  1.000 33.26651 ? 105 ALA A O   1 
ATOM   862 C  CB  . ALA A 1 127 ? 7.23965   -1.09346  -3.92616  1.000 33.09365 ? 105 ALA A CB  1 
ATOM   863 N  N   . GLN A 1 128 ? 10.27894  -1.35004  -4.22946  1.000 31.39441 ? 106 GLN A N   1 
ATOM   864 C  CA  . GLN A 1 128 ? 11.48809  -2.11369  -4.50086  1.000 35.59903 ? 106 GLN A CA  1 
ATOM   865 C  C   . GLN A 1 128 ? 12.55346  -1.92692  -3.42057  1.000 37.50259 ? 106 GLN A C   1 
ATOM   866 O  O   . GLN A 1 128 ? 13.30265  -2.86807  -3.12650  1.000 39.11129 ? 106 GLN A O   1 
ATOM   867 C  CB  . GLN A 1 128 ? 12.01918  -1.73698  -5.88721  1.000 29.41983 ? 106 GLN A CB  1 
ATOM   868 C  CG  . GLN A 1 128 ? 10.99203  -2.03910  -6.98439  1.000 43.96046 ? 106 GLN A CG  1 
ATOM   869 C  CD  . GLN A 1 128 ? 10.23504  -3.37266  -6.75330  1.000 50.63740 ? 106 GLN A CD  1 
ATOM   870 O  OE1 . GLN A 1 128 ? 9.00406   -3.38385  -6.61205  1.000 51.24300 ? 106 GLN A OE1 1 
ATOM   871 N  NE2 . GLN A 1 128 ? 10.97673  -4.49063  -6.70602  1.000 42.70498 ? 106 GLN A NE2 1 
ATOM   872 N  N   . LYS A 1 129 ? 12.64525  -0.73441  -2.81827  1.000 33.48114 ? 107 LYS A N   1 
ATOM   873 C  CA  . LYS A 1 129 ? 13.58643  -0.55063  -1.70567  1.000 33.79035 ? 107 LYS A CA  1 
ATOM   874 C  C   . LYS A 1 129 ? 13.22714  -1.45105  -0.53182  1.000 34.52346 ? 107 LYS A C   1 
ATOM   875 O  O   . LYS A 1 129 ? 14.11096  -1.98122  0.14508   1.000 36.32764 ? 107 LYS A O   1 
ATOM   876 C  CB  . LYS A 1 129 ? 13.60798  0.91498   -1.27408  1.000 35.74922 ? 107 LYS A CB  1 
ATOM   877 C  CG  . LYS A 1 129 ? 14.37717  1.80121   -2.23834  1.000 36.47568 ? 107 LYS A CG  1 
ATOM   878 C  CD  . LYS A 1 129 ? 13.98355  3.25559   -2.10597  1.000 36.83956 ? 107 LYS A CD  1 
ATOM   879 C  CE  . LYS A 1 129 ? 14.93451  4.08722   -2.91921  1.000 34.82824 ? 107 LYS A CE  1 
ATOM   880 N  NZ  . LYS A 1 129 ? 14.94271  5.48894   -2.45783  1.000 45.30206 ? 107 LYS A NZ  1 
ATOM   881 N  N   . VAL A 1 130 ? 11.93115  -1.62872  -0.27189  1.000 35.13749 ? 108 VAL A N   1 
ATOM   882 C  CA  . VAL A 1 130 ? 11.49309  -2.44149  0.85613   1.000 37.77812 ? 108 VAL A CA  1 
ATOM   883 C  C   . VAL A 1 130 ? 11.72325  -3.92283  0.57334   1.000 38.95250 ? 108 VAL A C   1 
ATOM   884 O  O   . VAL A 1 130 ? 12.35317  -4.63461  1.36876   1.000 39.00191 ? 108 VAL A O   1 
ATOM   885 C  CB  . VAL A 1 130 ? 10.01284  -2.16653  1.16267   1.000 36.59442 ? 108 VAL A CB  1 
ATOM   886 C  CG1 . VAL A 1 130 ? 9.44070   -3.16607  2.23484   1.000 26.90837 ? 108 VAL A CG1 1 
ATOM   887 C  CG2 . VAL A 1 130 ? 9.84997   -0.71250  1.54027   1.000 32.00161 ? 108 VAL A CG2 1 
ATOM   888 N  N   . ILE A 1 131 ? 11.21168  -4.40294  -0.56617  1.000 38.06384 ? 109 ILE A N   1 
ATOM   889 C  CA  . ILE A 1 131 ? 11.15992  -5.83741  -0.86344  1.000 39.83529 ? 109 ILE A CA  1 
ATOM   890 C  C   . ILE A 1 131 ? 12.53276  -6.41699  -1.18404  1.000 43.38404 ? 109 ILE A C   1 
ATOM   891 O  O   . ILE A 1 131 ? 12.74151  -7.63078  -1.05317  1.000 41.40153 ? 109 ILE A O   1 
ATOM   892 C  CB  . ILE A 1 131 ? 10.19485  -6.08555  -2.03451  1.000 34.85960 ? 109 ILE A CB  1 
ATOM   893 C  CG1 . ILE A 1 131 ? 8.82794   -5.51978  -1.69070  1.000 42.43641 ? 109 ILE A CG1 1 
ATOM   894 C  CG2 . ILE A 1 131 ? 10.06196  -7.56560  -2.34055  1.000 40.20231 ? 109 ILE A CG2 1 
ATOM   895 C  CD1 . ILE A 1 131 ? 8.02308   -5.12309  -2.92174  1.000 45.44891 ? 109 ILE A CD1 1 
ATOM   896 N  N   . SER A 1 132 ? 13.47759  -5.59214  -1.61294  1.000 41.24632 ? 110 SER A N   1 
ATOM   897 C  CA  . SER A 1 132 ? 14.81382  -6.08006  -1.90786  1.000 43.17027 ? 110 SER A CA  1 
ATOM   898 C  C   . SER A 1 132 ? 15.84694  -5.47253  -0.97327  1.000 48.11021 ? 110 SER A C   1 
ATOM   899 O  O   . SER A 1 132 ? 16.59900  -6.19832  -0.32027  1.000 56.73426 ? 110 SER A O   1 
ATOM   900 C  CB  . SER A 1 132 ? 15.16981  -5.77424  -3.34662  1.000 45.83751 ? 110 SER A CB  1 
ATOM   901 O  OG  . SER A 1 132 ? 14.81929  -4.44082  -3.63167  1.000 50.36253 ? 110 SER A OG  1 
HETATM 902 C  C32 . WUP B 2 .   ? 3.92702   -2.20531  1.51672   1.000 39.19816 ? 201 WUP A C32 1 
HETATM 903 C  C31 . WUP B 2 .   ? 4.22647   -2.14566  0.15485   1.000 38.03783 ? 201 WUP A C31 1 
HETATM 904 C  C30 . WUP B 2 .   ? 5.23076   -1.31947  -0.27454  1.000 38.44435 ? 201 WUP A C30 1 
HETATM 905 C  C29 . WUP B 2 .   ? 5.93178   -0.55324  0.64596   1.000 34.01434 ? 201 WUP A C29 1 
HETATM 906 C  C28 . WUP B 2 .   ? 5.62092   -0.59838  2.00176   1.000 33.16780 ? 201 WUP A C28 1 
HETATM 907 C  C21 . WUP B 2 .   ? 4.60654   -1.43788  2.45535   1.000 36.87635 ? 201 WUP A C21 1 
HETATM 908 C  C18 . WUP B 2 .   ? 4.25480   -1.48640  3.93403   1.000 33.60800 ? 201 WUP A C18 1 
HETATM 909 C  C8  . WUP B 2 .   ? 4.68905   -2.60834  4.66095   1.000 33.41015 ? 201 WUP A C8  1 
HETATM 910 C  C7  . WUP B 2 .   ? 5.53880   -3.67424  4.13005   1.000 28.39049 ? 201 WUP A C7  1 
HETATM 911 C  C6  . WUP B 2 .   ? 5.72160   -4.53464  5.13721   1.000 29.62817 ? 201 WUP A C6  1 
HETATM 912 N  N2  . WUP B 2 .   ? 4.36150   -2.86646  5.96819   1.000 36.19484 ? 201 WUP A N2  1 
HETATM 913 C  C5  . WUP B 2 .   ? 4.98033   -4.03440  6.26500   1.000 30.81921 ? 201 WUP A C5  1 
HETATM 914 C  C19 . WUP B 2 .   ? 4.85459   -4.59942  7.51497   1.000 33.57713 ? 201 WUP A C19 1 
HETATM 915 C  C4  . WUP B 2 .   ? 4.59614   -3.91406  8.66651   1.000 33.25984 ? 201 WUP A C4  1 
HETATM 916 N  N1  . WUP B 2 .   ? 4.07789   -2.66077  8.67477   1.000 35.36372 ? 201 WUP A N1  1 
HETATM 917 C  C3  . WUP B 2 .   ? 4.87836   -4.42166  9.95457   1.000 32.53009 ? 201 WUP A C3  1 
HETATM 918 C  C2  . WUP B 2 .   ? 4.51798   -3.43071  10.80489  1.000 39.46425 ? 201 WUP A C2  1 
HETATM 919 C  C12 . WUP B 2 .   ? 3.48319   -0.42647  4.42919   1.000 31.36045 ? 201 WUP A C12 1 
HETATM 920 C  C11 . WUP B 2 .   ? 2.83682   0.58017   3.60863   1.000 30.02756 ? 201 WUP A C11 1 
HETATM 921 C  C10 . WUP B 2 .   ? 2.19936   1.42226   4.43460   1.000 35.75261 ? 201 WUP A C10 1 
HETATM 922 N  N3  . WUP B 2 .   ? 3.23411   -0.14552  5.73748   1.000 28.48745 ? 201 WUP A N3  1 
HETATM 923 C  C9  . WUP B 2 .   ? 2.43923   0.98556   5.79545   1.000 31.89024 ? 201 WUP A C9  1 
HETATM 924 C  C17 . WUP B 2 .   ? 1.91467   1.66399   6.92931   1.000 31.05553 ? 201 WUP A C17 1 
HETATM 925 C  C16 . WUP B 2 .   ? 2.22578   1.22041   8.23068   1.000 32.36034 ? 201 WUP A C16 1 
HETATM 926 C  C15 . WUP B 2 .   ? 1.97953   1.98358   9.42292   1.000 36.81350 ? 201 WUP A C15 1 
HETATM 927 C  C14 . WUP B 2 .   ? 2.43803   1.22696   10.45976  1.000 33.40011 ? 201 WUP A C14 1 
HETATM 928 N  N4  . WUP B 2 .   ? 2.82015   0.01649   8.54043   1.000 30.70094 ? 201 WUP A N4  1 
HETATM 929 C  C13 . WUP B 2 .   ? 2.96220   -0.01057  9.89029   1.000 35.76476 ? 201 WUP A C13 1 
HETATM 930 C  C20 . WUP B 2 .   ? 3.52964   -1.13407  10.58596  1.000 38.47504 ? 201 WUP A C20 1 
HETATM 931 C  C1  . WUP B 2 .   ? 3.99779   -2.31793  9.99400   1.000 40.09643 ? 201 WUP A C1  1 
HETATM 932 C  C22 . WUP B 2 .   ? 3.76679   -1.13968  12.04922  1.000 43.57179 ? 201 WUP A C22 1 
HETATM 933 C  C27 . WUP B 2 .   ? 3.00329   -1.94162  12.91844  1.000 40.76059 ? 201 WUP A C27 1 
HETATM 934 C  C26 . WUP B 2 .   ? 3.27868   -1.96137  14.29213  1.000 43.86119 ? 201 WUP A C26 1 
HETATM 935 C  C25 . WUP B 2 .   ? 4.30399   -1.19328  14.81056  1.000 44.52987 ? 201 WUP A C25 1 
HETATM 936 C  C24 . WUP B 2 .   ? 5.07210   -0.40157  13.98111  1.000 41.75894 ? 201 WUP A C24 1 
HETATM 937 C  C23 . WUP B 2 .   ? 4.79488   -0.39384  12.61932  1.000 44.27526 ? 201 WUP A C23 1 
HETATM 938 FE FE  . WUP B 2 .   ? 3.75944   -1.61723  7.10986   1.000 35.55374 ? 201 WUP A FE  1 
HETATM 939 H  H1  . WUP B 2 .   ? 3.25196   -2.77611  1.80544   1.000 47.11109 ? 201 WUP A H1  1 
HETATM 940 H  H2  . WUP B 2 .   ? 3.74941   -2.66124  -0.45464  1.000 45.71869 ? 201 WUP A H2  1 
HETATM 941 H  H3  . WUP B 2 .   ? 5.44219   -1.27196  -1.17894  1.000 46.20652 ? 201 WUP A H3  1 
HETATM 942 H  H4  . WUP B 2 .   ? 6.61975   -0.00145  0.35078   1.000 40.89050 ? 201 WUP A H4  1 
HETATM 943 H  H5  . WUP B 2 .   ? 6.09033   -0.06821  2.60465   1.000 39.87465 ? 201 WUP A H5  1 
HETATM 944 H  H6  . WUP B 2 .   ? 5.88164   -3.73967  3.26803   1.000 34.14188 ? 201 WUP A H6  1 
HETATM 945 H  H7  . WUP B 2 .   ? 6.23243   -5.31142  5.11349   1.000 35.62710 ? 201 WUP A H7  1 
HETATM 946 H  H8  . WUP B 2 .   ? 4.95375   -5.52185  7.57957   1.000 40.36585 ? 201 WUP A H8  1 
HETATM 947 H  H9  . WUP B 2 .   ? 5.23360   -5.25374  10.16983  1.000 39.10940 ? 201 WUP A H9  1 
HETATM 948 H  H10 . WUP B 2 .   ? 4.58663   -3.44973  11.73216  1.000 47.43040 ? 201 WUP A H10 1 
HETATM 949 H  H11 . WUP B 2 .   ? 2.86046   0.63164   2.68035   1.000 36.10636 ? 201 WUP A H11 1 
HETATM 950 H  H12 . WUP B 2 .   ? 1.69209   2.15796   4.17706   1.000 42.97642 ? 201 WUP A H12 1 
HETATM 951 H  H13 . WUP B 2 .   ? 1.36364   2.40396   6.81215   1.000 37.33992 ? 201 WUP A H13 1 
HETATM 952 H  H14 . WUP B 2 .   ? 1.58631   2.82470   9.47592   1.000 44.24949 ? 201 WUP A H14 1 
HETATM 953 H  H15 . WUP B 2 .   ? 2.41975   1.45717   11.36064  1.000 40.15342 ? 201 WUP A H15 1 
HETATM 954 H  H16 . WUP B 2 .   ? 2.31130   -2.46197  12.57891  1.000 48.98600 ? 201 WUP A H16 1 
HETATM 955 H  H17 . WUP B 2 .   ? 2.76844   -2.49451  14.85810  1.000 52.70672 ? 201 WUP A H17 1 
HETATM 956 H  H18 . WUP B 2 .   ? 4.47707   -1.21032  15.72415  1.000 53.50914 ? 201 WUP A H18 1 
HETATM 957 H  H19 . WUP B 2 .   ? 5.76211   0.11678   14.32766  1.000 50.18402 ? 201 WUP A H19 1 
HETATM 958 H  H20 . WUP B 2 .   ? 5.32094   0.13434   12.06326  1.000 53.20360 ? 201 WUP A H20 1 
HETATM 959 CL CL  . CL  C 3 .   ? 12.55866  6.56873   -2.08624  1.000 54.13253 ? 202 CL  A CL  1 
HETATM 960 CL CL  . CL  D 3 .   ? 5.70642   14.61539  -6.76257  1.000 67.73012 ? 203 CL  A CL  1 
HETATM 961 CL CL  . CL  E 3 .   ? 5.75887   -6.98685  7.42416   1.000 30.82914 ? 204 CL  A CL  1 
HETATM 962 O  O   . HOH F 4 .   ? 6.12277   -0.82150  7.32302   1.000 37.91426 ? 301 HOH A O   1 
HETATM 963 O  O   . HOH F 4 .   ? 8.63425   0.41432   12.06437  1.000 39.08957 ? 302 HOH A O   1 
HETATM 964 O  O   . HOH F 4 .   ? 5.12573   -4.00195  -6.59855  1.000 44.98323 ? 303 HOH A O   1 
HETATM 965 O  O   . HOH F 4 .   ? 18.34513  -5.77995  1.29057   1.000 41.64294 ? 304 HOH A O   1 
HETATM 966 O  O   . HOH F 4 .   ? 9.83411   9.95543   -3.10353  1.000 45.37685 ? 305 HOH A O   1 
HETATM 967 O  O   . HOH F 4 .   ? 6.13896   1.26602   9.08569   1.000 35.91082 ? 306 HOH A O   1 
HETATM 968 O  O   . HOH F 4 .   ? 10.12944  -3.43898  13.81394  1.000 44.60043 ? 307 HOH A O   1 
HETATM 969 O  O   . HOH F 4 .   ? 6.93341   11.44551  2.60068   1.000 46.01925 ? 308 HOH A O   1 
HETATM 970 O  O   . HOH F 4 .   ? 12.30339  8.02844   -10.66327 1.000 61.63018 ? 309 HOH A O   1 
HETATM 971 O  O   . HOH F 4 .   ? 5.28480   -12.32285 3.60293   1.000 33.47386 ? 310 HOH A O   1 
HETATM 972 O  O   . HOH F 4 .   ? -10.98803 4.18371   -6.29992  1.000 60.84630 ? 311 HOH A O   1 
HETATM 973 O  O   . HOH F 4 .   ? -8.98667  -8.62821  12.23011  1.000 54.17275 ? 312 HOH A O   1 
HETATM 974 O  O   . HOH F 4 .   ? 4.43691   -8.58422  10.28707  1.000 33.04768 ? 313 HOH A O   1 
HETATM 975 O  O   . HOH F 4 .   ? -5.51180  -10.94206 5.97031   1.000 45.48028 ? 314 HOH A O   1 
HETATM 976 O  O   . HOH F 4 .   ? 4.97422   3.02457   10.46247  1.000 39.23792 ? 315 HOH A O   1 
HETATM 977 O  O   . HOH F 4 .   ? 5.29136   -7.99899  12.79769  1.000 37.11163 ? 316 HOH A O   1 
HETATM 978 O  O   . HOH F 4 .   ? 11.05788  7.63024   -4.13952  1.000 46.23679 ? 317 HOH A O   1 
# 
